data_8YH4
#
_entry.id   8YH4
#
_cell.length_a   60.894
_cell.length_b   118.458
_cell.length_c   252.574
_cell.angle_alpha   90.00
_cell.angle_beta   90.00
_cell.angle_gamma   90.00
#
_symmetry.space_group_name_H-M   'P 21 21 21'
#
loop_
_entity.id
_entity.type
_entity.pdbx_description
1 polymer 'NodB homology domain-containing protein'
2 branched 2-amino-2-deoxy-beta-D-glucopyranose-(1-4)-2-amino-2-deoxy-beta-D-glucopyranose
3 non-polymer 'ZINC ION'
4 non-polymer 'SODIUM ION'
5 water water
#
_entity_poly.entity_id   1
_entity_poly.type   'polypeptide(L)'
_entity_poly.pdbx_seq_one_letter_code
;QTAPKGTIYLTFDDGPINASIDVINVLNEQGVKGTFYFNAWHLDGIGDENEDRALEALKLALDTGHVVANHSYAHMVHNC
VDEFGPTSGAECNATGDHQINAYQDPVYDASTFADNLVVFERYLPNINSYPNYFGEELARLPYTNGWRITKDFKADGLCA
TSDDLKPWEPGYVCDLDNPSNSVKASIEVQNILANKGYQTHGWDVDWSPENWGIPMPANSLTEAEAFLGYVDAALNSCAP
TTINPINSKAHGFPCGTPLHADKVVVLTHEFLYEDGKRGMGATQNLPKLAKFLRIAKEAGYVFDTIDNYTPVWQVGNAYA
AGDYVTHSGTVYKAVTAHIAQQDWAPSSTSSLWTNADPATNWTLNVSYEAGDVVTYQGLRYLVNVPHVSQADWTPNTQNT
LFTAL
;
_entity_poly.pdbx_strand_id   A,B,C,D
#
# COMPACT_ATOMS: atom_id res chain seq x y z
N THR A 2 -28.43 -20.20 -12.41
CA THR A 2 -29.60 -19.33 -12.28
C THR A 2 -30.11 -19.34 -10.85
N ALA A 3 -31.22 -18.64 -10.61
CA ALA A 3 -31.59 -18.60 -9.20
C ALA A 3 -32.50 -19.77 -8.85
N PRO A 4 -32.36 -20.32 -7.63
CA PRO A 4 -33.24 -21.40 -7.20
C PRO A 4 -34.63 -20.87 -6.90
N LYS A 5 -35.58 -21.80 -6.80
CA LYS A 5 -36.90 -21.45 -6.30
C LYS A 5 -36.81 -20.79 -4.94
N GLY A 6 -35.94 -21.29 -4.08
CA GLY A 6 -35.71 -20.70 -2.78
C GLY A 6 -34.57 -21.41 -2.09
N THR A 7 -34.25 -20.92 -0.90
CA THR A 7 -33.20 -21.50 -0.07
C THR A 7 -33.82 -22.01 1.23
N ILE A 8 -33.59 -23.29 1.53
CA ILE A 8 -34.07 -23.90 2.76
C ILE A 8 -32.91 -23.98 3.73
N TYR A 9 -33.14 -23.51 4.96
CA TYR A 9 -32.18 -23.64 6.05
C TYR A 9 -32.73 -24.69 6.99
N LEU A 10 -32.16 -25.90 6.91
CA LEU A 10 -32.55 -26.99 7.79
C LEU A 10 -31.83 -26.82 9.12
N THR A 11 -32.59 -26.57 10.19
CA THR A 11 -32.01 -26.36 11.50
C THR A 11 -32.57 -27.39 12.48
N PHE A 12 -31.66 -27.94 13.30
CA PHE A 12 -31.98 -28.99 14.26
C PHE A 12 -31.68 -28.48 15.66
N ASP A 13 -32.64 -28.63 16.56
CA ASP A 13 -32.54 -28.11 17.91
C ASP A 13 -32.40 -29.25 18.92
N ASP A 14 -31.74 -28.93 20.04
CA ASP A 14 -31.68 -29.69 21.29
C ASP A 14 -30.67 -30.84 21.29
N GLY A 15 -29.80 -30.94 20.27
CA GLY A 15 -28.69 -31.85 20.35
C GLY A 15 -27.60 -31.27 21.24
N PRO A 16 -26.43 -31.93 21.29
CA PRO A 16 -26.09 -33.18 20.59
C PRO A 16 -26.53 -34.41 21.38
N ILE A 17 -27.22 -35.32 20.71
CA ILE A 17 -27.64 -36.58 21.30
C ILE A 17 -27.25 -37.70 20.33
N ASN A 18 -27.49 -38.94 20.75
CA ASN A 18 -27.14 -40.08 19.92
C ASN A 18 -27.82 -40.00 18.56
N ALA A 19 -29.09 -39.58 18.55
CA ALA A 19 -29.85 -39.49 17.30
C ALA A 19 -29.29 -38.44 16.35
N SER A 20 -28.50 -37.48 16.85
CA SER A 20 -27.88 -36.50 15.97
C SER A 20 -27.00 -37.16 14.93
N ILE A 21 -26.37 -38.29 15.29
CA ILE A 21 -25.47 -38.97 14.36
C ILE A 21 -26.23 -39.51 13.16
N ASP A 22 -27.38 -40.15 13.41
CA ASP A 22 -28.18 -40.69 12.31
C ASP A 22 -28.71 -39.59 11.41
N VAL A 23 -29.11 -38.46 12.00
CA VAL A 23 -29.55 -37.31 11.21
C VAL A 23 -28.41 -36.78 10.36
N ILE A 24 -27.24 -36.60 10.96
CA ILE A 24 -26.08 -36.09 10.23
C ILE A 24 -25.72 -37.04 9.08
N ASN A 25 -25.77 -38.35 9.33
CA ASN A 25 -25.44 -39.31 8.28
C ASN A 25 -26.40 -39.21 7.11
N VAL A 26 -27.69 -39.00 7.38
CA VAL A 26 -28.66 -38.81 6.30
C VAL A 26 -28.33 -37.56 5.49
N LEU A 27 -28.03 -36.46 6.19
CA LEU A 27 -27.65 -35.23 5.51
C LEU A 27 -26.41 -35.43 4.66
N ASN A 28 -25.38 -36.06 5.22
CA ASN A 28 -24.13 -36.25 4.50
C ASN A 28 -24.32 -37.13 3.27
N GLU A 29 -25.20 -38.13 3.36
CA GLU A 29 -25.45 -39.01 2.23
C GLU A 29 -25.90 -38.23 0.99
N GLN A 30 -26.57 -37.11 1.17
CA GLN A 30 -27.10 -36.33 0.07
C GLN A 30 -26.42 -34.97 -0.08
N GLY A 31 -25.27 -34.79 0.58
CA GLY A 31 -24.48 -33.59 0.40
C GLY A 31 -25.10 -32.32 0.93
N VAL A 32 -25.93 -32.43 1.96
CA VAL A 32 -26.64 -31.28 2.53
C VAL A 32 -26.03 -30.94 3.88
N LYS A 33 -25.86 -29.64 4.12
CA LYS A 33 -25.36 -29.14 5.40
C LYS A 33 -26.52 -28.58 6.22
N GLY A 34 -26.51 -28.86 7.52
CA GLY A 34 -27.52 -28.37 8.43
C GLY A 34 -26.90 -27.48 9.50
N THR A 35 -27.77 -26.78 10.21
CA THR A 35 -27.39 -25.95 11.34
C THR A 35 -27.95 -26.57 12.61
N PHE A 36 -27.09 -26.75 13.62
CA PHE A 36 -27.46 -27.47 14.82
C PHE A 36 -27.35 -26.54 16.01
N TYR A 37 -28.48 -26.30 16.67
CA TYR A 37 -28.53 -25.46 17.87
C TYR A 37 -28.41 -26.37 19.09
N PHE A 38 -27.23 -26.40 19.69
CA PHE A 38 -26.86 -27.42 20.66
C PHE A 38 -26.99 -26.92 22.10
N ASN A 39 -27.37 -27.84 23.00
CA ASN A 39 -27.34 -27.63 24.43
C ASN A 39 -26.28 -28.53 25.03
N ALA A 40 -25.27 -27.95 25.68
CA ALA A 40 -24.13 -28.74 26.10
C ALA A 40 -24.40 -29.62 27.32
N TRP A 41 -25.57 -29.51 27.95
CA TRP A 41 -25.83 -30.37 29.10
C TRP A 41 -25.96 -31.84 28.69
N HIS A 42 -26.20 -32.10 27.40
CA HIS A 42 -26.13 -33.47 26.90
C HIS A 42 -24.71 -34.02 26.97
N LEU A 43 -23.71 -33.16 26.80
CA LEU A 43 -22.32 -33.60 26.97
C LEU A 43 -22.05 -34.01 28.41
N ASP A 44 -22.63 -33.29 29.37
CA ASP A 44 -22.52 -33.64 30.78
C ASP A 44 -23.40 -34.82 31.17
N GLY A 45 -24.20 -35.36 30.24
CA GLY A 45 -24.98 -36.54 30.51
C GLY A 45 -26.17 -36.36 31.42
N ILE A 46 -26.68 -35.14 31.56
CA ILE A 46 -27.79 -34.86 32.46
C ILE A 46 -29.03 -34.39 31.70
N GLY A 47 -29.04 -34.49 30.38
CA GLY A 47 -30.12 -34.00 29.55
C GLY A 47 -31.29 -34.94 29.35
N ASP A 48 -31.27 -36.11 30.00
CA ASP A 48 -32.38 -37.06 29.97
C ASP A 48 -32.71 -37.53 28.56
N GLU A 49 -31.67 -37.72 27.75
CA GLU A 49 -31.81 -38.36 26.44
C GLU A 49 -30.78 -39.48 26.34
N ASN A 50 -30.89 -40.28 25.29
CA ASN A 50 -29.80 -41.17 24.90
C ASN A 50 -28.67 -40.29 24.40
N GLU A 51 -27.67 -40.04 25.26
CA GLU A 51 -26.65 -39.05 24.92
C GLU A 51 -25.23 -39.51 25.27
N ASP A 52 -25.02 -40.81 25.46
CA ASP A 52 -23.66 -41.29 25.74
C ASP A 52 -22.71 -41.04 24.57
N ARG A 53 -23.24 -40.83 23.37
CA ARG A 53 -22.45 -40.51 22.20
C ARG A 53 -22.52 -39.04 21.82
N ALA A 54 -22.90 -38.18 22.78
CA ALA A 54 -23.09 -36.76 22.49
C ALA A 54 -21.81 -36.12 21.97
N LEU A 55 -20.67 -36.42 22.59
CA LEU A 55 -19.40 -35.85 22.12
C LEU A 55 -19.07 -36.36 20.72
N GLU A 56 -19.32 -37.63 20.46
CA GLU A 56 -19.13 -38.18 19.11
C GLU A 56 -20.03 -37.45 18.11
N ALA A 57 -21.26 -37.13 18.50
CA ALA A 57 -22.15 -36.40 17.62
C ALA A 57 -21.64 -34.99 17.35
N LEU A 58 -21.15 -34.31 18.40
CA LEU A 58 -20.63 -32.96 18.23
C LEU A 58 -19.41 -32.96 17.31
N LYS A 59 -18.51 -33.93 17.47
CA LYS A 59 -17.34 -34.00 16.60
C LYS A 59 -17.74 -34.34 15.17
N LEU A 60 -18.74 -35.21 14.99
CA LEU A 60 -19.18 -35.56 13.65
C LEU A 60 -19.78 -34.36 12.93
N ALA A 61 -20.59 -33.57 13.62
CA ALA A 61 -21.16 -32.36 13.03
C ALA A 61 -20.05 -31.43 12.54
N LEU A 62 -19.04 -31.20 13.37
CA LEU A 62 -17.95 -30.30 12.99
C LEU A 62 -17.09 -30.91 11.89
N ASP A 63 -16.77 -32.20 11.99
CA ASP A 63 -15.85 -32.82 11.04
C ASP A 63 -16.45 -32.94 9.64
N THR A 64 -17.78 -32.97 9.50
CA THR A 64 -18.40 -33.10 8.19
C THR A 64 -19.06 -31.81 7.74
N GLY A 65 -18.68 -30.68 8.32
CA GLY A 65 -18.99 -29.37 7.75
C GLY A 65 -20.31 -28.76 8.16
N HIS A 66 -20.97 -29.26 9.20
CA HIS A 66 -22.21 -28.65 9.63
C HIS A 66 -21.92 -27.52 10.61
N VAL A 67 -22.87 -26.59 10.71
CA VAL A 67 -22.71 -25.39 11.52
C VAL A 67 -23.28 -25.63 12.91
N VAL A 68 -22.46 -25.38 13.93
CA VAL A 68 -22.86 -25.55 15.32
C VAL A 68 -23.15 -24.17 15.90
N ALA A 69 -24.34 -24.01 16.48
CA ALA A 69 -24.78 -22.73 17.03
C ALA A 69 -25.26 -22.94 18.46
N ASN A 70 -25.63 -21.83 19.11
CA ASN A 70 -25.80 -21.78 20.55
C ASN A 70 -27.29 -21.80 20.92
N HIS A 71 -27.70 -22.80 21.68
CA HIS A 71 -29.09 -22.95 22.13
C HIS A 71 -29.20 -22.87 23.65
N SER A 72 -28.12 -22.46 24.34
CA SER A 72 -27.98 -22.34 25.80
C SER A 72 -27.61 -23.67 26.43
N TYR A 73 -27.04 -23.63 27.63
CA TYR A 73 -26.44 -24.82 28.23
C TYR A 73 -27.47 -25.92 28.46
N ALA A 74 -28.59 -25.58 29.10
CA ALA A 74 -29.54 -26.59 29.53
C ALA A 74 -30.98 -26.24 29.14
N HIS A 75 -31.17 -25.47 28.08
CA HIS A 75 -32.49 -25.25 27.49
C HIS A 75 -33.44 -24.58 28.49
N MET A 76 -32.90 -23.77 29.40
CA MET A 76 -33.65 -23.05 30.43
C MET A 76 -34.35 -23.98 31.41
N VAL A 77 -33.87 -25.21 31.56
CA VAL A 77 -34.52 -26.15 32.46
C VAL A 77 -34.29 -25.77 33.93
N HIS A 78 -33.27 -24.96 34.21
CA HIS A 78 -33.08 -24.46 35.57
C HIS A 78 -34.29 -23.67 36.04
N ASN A 79 -35.04 -23.06 35.11
CA ASN A 79 -36.26 -22.34 35.44
C ASN A 79 -37.48 -23.25 35.53
N CYS A 80 -37.33 -24.54 35.26
CA CYS A 80 -38.43 -25.49 35.36
C CYS A 80 -38.49 -26.20 36.71
N VAL A 81 -37.41 -26.14 37.49
CA VAL A 81 -37.32 -26.83 38.76
C VAL A 81 -36.91 -25.85 39.84
N ASP A 82 -37.03 -26.29 41.10
CA ASP A 82 -36.66 -25.43 42.22
C ASP A 82 -35.14 -25.30 42.33
N GLU A 83 -34.42 -26.42 42.22
CA GLU A 83 -32.96 -26.42 42.30
C GLU A 83 -32.41 -27.26 41.16
N PHE A 84 -31.63 -26.64 40.28
CA PHE A 84 -31.13 -27.33 39.09
C PHE A 84 -30.04 -28.31 39.47
N GLY A 85 -30.17 -29.54 38.97
CA GLY A 85 -29.19 -30.57 39.22
C GLY A 85 -29.17 -31.61 38.11
N PRO A 86 -28.46 -32.72 38.34
CA PRO A 86 -28.34 -33.74 37.29
C PRO A 86 -29.64 -34.45 36.94
N THR A 87 -30.64 -34.43 37.83
CA THR A 87 -31.93 -35.06 37.55
C THR A 87 -32.98 -34.08 37.06
N SER A 88 -32.61 -32.80 36.88
CA SER A 88 -33.60 -31.78 36.56
C SER A 88 -34.27 -32.04 35.21
N GLY A 89 -33.50 -32.50 34.22
CA GLY A 89 -34.08 -32.80 32.92
C GLY A 89 -35.13 -33.88 32.98
N ALA A 90 -34.90 -34.91 33.80
CA ALA A 90 -35.90 -35.95 33.98
C ALA A 90 -37.13 -35.41 34.70
N GLU A 91 -36.92 -34.53 35.68
CA GLU A 91 -38.04 -33.99 36.46
C GLU A 91 -38.93 -33.11 35.59
N CYS A 92 -38.33 -32.22 34.78
CA CYS A 92 -39.12 -31.38 33.91
C CYS A 92 -39.83 -32.19 32.83
N ASN A 93 -39.22 -33.29 32.38
CA ASN A 93 -39.89 -34.20 31.46
C ASN A 93 -41.08 -34.88 32.11
N ALA A 94 -41.00 -35.16 33.42
CA ALA A 94 -42.10 -35.81 34.11
C ALA A 94 -43.32 -34.89 34.23
N THR A 95 -43.10 -33.58 34.39
CA THR A 95 -44.19 -32.63 34.47
C THR A 95 -44.56 -32.03 33.12
N GLY A 96 -43.62 -31.99 32.17
CA GLY A 96 -43.87 -31.31 30.92
C GLY A 96 -44.06 -29.82 31.04
N ASP A 97 -43.53 -29.20 32.09
CA ASP A 97 -43.71 -27.78 32.35
C ASP A 97 -42.59 -26.92 31.75
N HIS A 98 -42.00 -27.35 30.64
CA HIS A 98 -40.85 -26.63 30.09
C HIS A 98 -41.19 -25.18 29.78
N GLN A 99 -42.40 -24.93 29.28
CA GLN A 99 -42.80 -23.59 28.86
C GLN A 99 -43.23 -22.69 30.01
N ILE A 100 -43.37 -23.21 31.22
CA ILE A 100 -43.94 -22.46 32.33
C ILE A 100 -42.80 -21.82 33.12
N ASN A 101 -42.82 -20.49 33.22
CA ASN A 101 -41.75 -19.72 33.85
C ASN A 101 -40.39 -20.02 33.21
N ALA A 102 -40.41 -20.28 31.90
CA ALA A 102 -39.19 -20.73 31.21
C ALA A 102 -38.10 -19.67 31.27
N TYR A 103 -38.48 -18.41 31.39
CA TYR A 103 -37.52 -17.31 31.55
C TYR A 103 -37.91 -16.53 32.79
N GLN A 104 -36.93 -16.25 33.65
CA GLN A 104 -37.19 -15.59 34.92
C GLN A 104 -36.23 -14.42 35.13
N ASP A 105 -34.96 -14.70 35.42
CA ASP A 105 -33.93 -13.68 35.53
C ASP A 105 -33.24 -13.57 34.17
N PRO A 106 -33.51 -12.54 33.37
CA PRO A 106 -32.96 -12.50 32.01
C PRO A 106 -31.44 -12.47 31.98
N VAL A 107 -30.82 -11.80 32.95
CA VAL A 107 -29.36 -11.73 32.99
C VAL A 107 -28.78 -13.13 33.20
N TYR A 108 -29.31 -13.86 34.18
CA TYR A 108 -28.81 -15.21 34.38
C TYR A 108 -29.14 -16.12 33.20
N ASP A 109 -30.36 -16.01 32.68
CA ASP A 109 -30.76 -16.88 31.57
C ASP A 109 -29.89 -16.65 30.35
N ALA A 110 -29.57 -15.38 30.06
CA ALA A 110 -28.67 -15.09 28.95
C ALA A 110 -27.27 -15.64 29.21
N SER A 111 -26.84 -15.65 30.48
CA SER A 111 -25.50 -16.15 30.79
C SER A 111 -25.38 -17.66 30.60
N THR A 112 -26.50 -18.38 30.51
CA THR A 112 -26.41 -19.80 30.19
C THR A 112 -26.02 -20.03 28.74
N PHE A 113 -26.14 -19.01 27.89
CA PHE A 113 -25.56 -19.10 26.55
C PHE A 113 -24.04 -18.99 26.63
N ALA A 114 -23.53 -18.16 27.54
CA ALA A 114 -22.08 -18.09 27.75
C ALA A 114 -21.57 -19.36 28.41
N ASP A 115 -22.34 -19.93 29.35
CA ASP A 115 -21.95 -21.21 29.96
C ASP A 115 -21.86 -22.30 28.91
N ASN A 116 -22.77 -22.29 27.95
CA ASN A 116 -22.76 -23.29 26.89
C ASN A 116 -21.41 -23.35 26.19
N LEU A 117 -20.80 -22.19 25.96
CA LEU A 117 -19.51 -22.15 25.28
C LEU A 117 -18.41 -22.72 26.16
N VAL A 118 -18.43 -22.43 27.46
CA VAL A 118 -17.42 -22.97 28.37
C VAL A 118 -17.46 -24.50 28.36
N VAL A 119 -18.65 -25.08 28.32
CA VAL A 119 -18.76 -26.53 28.35
C VAL A 119 -18.30 -27.13 27.01
N PHE A 120 -18.72 -26.53 25.90
CA PHE A 120 -18.21 -26.94 24.59
C PHE A 120 -16.69 -26.98 24.59
N GLU A 121 -16.06 -25.90 25.04
CA GLU A 121 -14.61 -25.81 25.07
C GLU A 121 -13.97 -26.76 26.07
N ARG A 122 -14.73 -27.22 27.08
CA ARG A 122 -14.17 -28.18 28.02
C ARG A 122 -14.05 -29.56 27.39
N TYR A 123 -15.11 -30.01 26.70
CA TYR A 123 -15.11 -31.32 26.08
C TYR A 123 -14.35 -31.36 24.76
N LEU A 124 -14.16 -30.21 24.12
CA LEU A 124 -13.49 -30.13 22.83
C LEU A 124 -12.62 -28.88 22.84
N PRO A 125 -11.44 -28.95 23.48
CA PRO A 125 -10.67 -27.72 23.73
C PRO A 125 -10.26 -26.96 22.47
N ASN A 126 -10.23 -27.61 21.31
CA ASN A 126 -9.83 -26.96 20.06
C ASN A 126 -11.03 -26.58 19.20
N ILE A 127 -12.23 -26.49 19.79
CA ILE A 127 -13.43 -26.28 19.00
C ILE A 127 -13.38 -24.94 18.26
N ASN A 128 -12.66 -23.96 18.82
CA ASN A 128 -12.56 -22.65 18.19
C ASN A 128 -11.68 -22.67 16.95
N SER A 129 -10.96 -23.75 16.67
CA SER A 129 -10.21 -23.87 15.44
C SER A 129 -11.05 -24.35 14.27
N TYR A 130 -12.34 -24.62 14.50
CA TYR A 130 -13.25 -25.09 13.46
C TYR A 130 -13.96 -23.90 12.84
N PRO A 131 -13.85 -23.69 11.52
CA PRO A 131 -14.54 -22.54 10.90
C PRO A 131 -16.05 -22.64 10.95
N ASN A 132 -16.62 -23.84 11.05
CA ASN A 132 -18.06 -24.02 11.11
C ASN A 132 -18.60 -24.00 12.53
N TYR A 133 -17.77 -23.64 13.52
CA TYR A 133 -18.23 -23.46 14.89
C TYR A 133 -18.67 -22.02 15.06
N PHE A 134 -19.98 -21.80 15.17
CA PHE A 134 -20.55 -20.47 15.33
C PHE A 134 -21.22 -20.29 16.68
N GLY A 135 -20.70 -20.96 17.71
CA GLY A 135 -21.32 -20.91 19.02
C GLY A 135 -21.34 -19.53 19.64
N GLU A 136 -20.38 -18.68 19.28
CA GLU A 136 -20.29 -17.34 19.84
C GLU A 136 -21.06 -16.30 19.04
N GLU A 137 -21.62 -16.67 17.89
CA GLU A 137 -22.23 -15.69 17.00
C GLU A 137 -23.64 -16.01 16.55
N LEU A 138 -24.08 -17.26 16.60
CA LEU A 138 -25.43 -17.64 16.21
C LEU A 138 -26.12 -18.31 17.39
N ALA A 139 -27.35 -17.88 17.67
CA ALA A 139 -28.10 -18.40 18.80
C ALA A 139 -29.57 -18.55 18.42
N ARG A 140 -30.29 -19.31 19.23
CA ARG A 140 -31.74 -19.43 19.12
C ARG A 140 -32.28 -19.66 20.53
N LEU A 141 -33.29 -18.89 20.90
CA LEU A 141 -33.83 -19.00 22.25
C LEU A 141 -34.70 -20.24 22.37
N PRO A 142 -34.53 -21.05 23.41
CA PRO A 142 -35.48 -22.15 23.66
C PRO A 142 -36.91 -21.66 23.65
N TYR A 143 -37.78 -22.43 22.99
CA TYR A 143 -39.23 -22.28 22.94
C TYR A 143 -39.71 -21.06 22.17
N THR A 144 -38.81 -20.23 21.65
CA THR A 144 -39.16 -18.86 21.28
C THR A 144 -38.79 -18.59 19.83
N ASN A 145 -39.80 -18.27 19.01
CA ASN A 145 -39.61 -17.85 17.62
C ASN A 145 -39.24 -16.36 17.61
N GLY A 146 -38.02 -16.08 18.06
CA GLY A 146 -37.53 -14.70 18.18
C GLY A 146 -36.35 -14.47 17.26
N TRP A 147 -36.27 -13.26 16.71
CA TRP A 147 -35.28 -12.92 15.70
C TRP A 147 -34.52 -11.66 16.10
N ARG A 148 -33.20 -11.70 15.96
CA ARG A 148 -32.33 -10.52 16.02
C ARG A 148 -31.38 -10.63 14.85
N ILE A 149 -31.72 -10.00 13.73
CA ILE A 149 -30.96 -10.13 12.48
C ILE A 149 -30.24 -8.81 12.14
N THR A 150 -30.99 -7.73 11.98
CA THR A 150 -30.41 -6.41 11.74
C THR A 150 -31.09 -5.39 12.63
N LYS A 151 -30.55 -4.17 12.58
CA LYS A 151 -31.14 -3.04 13.28
C LYS A 151 -32.62 -2.87 12.96
N ASP A 152 -33.06 -3.32 11.78
CA ASP A 152 -34.43 -3.15 11.33
C ASP A 152 -35.11 -4.48 11.02
N PHE A 153 -34.58 -5.58 11.53
CA PHE A 153 -35.12 -6.93 11.33
C PHE A 153 -35.08 -7.61 12.70
N LYS A 154 -36.16 -7.46 13.46
CA LYS A 154 -36.30 -8.07 14.77
C LYS A 154 -37.70 -8.62 14.94
N ALA A 155 -37.84 -9.57 15.85
CA ALA A 155 -39.15 -10.14 16.18
C ALA A 155 -39.05 -10.86 17.52
N ASP A 156 -40.20 -11.00 18.18
CA ASP A 156 -40.29 -11.66 19.46
C ASP A 156 -41.52 -12.56 19.49
N GLY A 157 -41.36 -13.76 20.03
CA GLY A 157 -42.50 -14.62 20.27
C GLY A 157 -43.25 -14.21 21.52
N LEU A 158 -44.31 -13.43 21.34
CA LEU A 158 -45.01 -12.82 22.47
C LEU A 158 -45.91 -13.81 23.21
N CYS A 159 -46.11 -15.01 22.68
CA CYS A 159 -46.87 -16.05 23.37
C CYS A 159 -46.04 -17.32 23.58
N ALA A 160 -44.71 -17.21 23.44
CA ALA A 160 -43.88 -18.41 23.38
C ALA A 160 -43.88 -19.17 24.70
N THR A 161 -43.77 -18.47 25.83
CA THR A 161 -43.75 -19.09 27.14
C THR A 161 -44.78 -18.43 28.04
N SER A 162 -45.04 -19.05 29.18
CA SER A 162 -46.18 -18.68 30.00
C SER A 162 -45.78 -18.60 31.47
N ASP A 163 -46.64 -17.92 32.25
CA ASP A 163 -46.48 -17.82 33.69
C ASP A 163 -47.32 -18.84 34.45
N ASP A 164 -48.19 -19.58 33.77
CA ASP A 164 -49.06 -20.52 34.48
C ASP A 164 -49.55 -21.66 33.59
N LEU A 165 -50.35 -21.35 32.57
CA LEU A 165 -51.00 -22.37 31.76
C LEU A 165 -50.22 -22.62 30.47
N LYS A 166 -50.19 -23.89 30.05
CA LYS A 166 -49.54 -24.23 28.80
C LYS A 166 -50.39 -23.75 27.62
N PRO A 167 -49.74 -23.40 26.50
CA PRO A 167 -50.49 -22.77 25.39
C PRO A 167 -51.57 -23.66 24.80
N TRP A 168 -51.52 -24.96 25.01
CA TRP A 168 -52.56 -25.84 24.50
C TRP A 168 -53.66 -26.13 25.52
N GLU A 169 -53.50 -25.68 26.76
CA GLU A 169 -54.48 -25.99 27.80
C GLU A 169 -55.66 -25.03 27.74
N PRO A 170 -56.85 -25.49 28.15
CA PRO A 170 -57.99 -24.59 28.24
C PRO A 170 -57.74 -23.50 29.27
N GLY A 171 -58.29 -22.31 28.99
CA GLY A 171 -58.05 -21.16 29.82
C GLY A 171 -56.83 -20.35 29.45
N TYR A 172 -55.94 -20.90 28.62
CA TYR A 172 -54.77 -20.15 28.18
C TYR A 172 -55.20 -18.97 27.33
N VAL A 173 -54.75 -17.78 27.73
CA VAL A 173 -55.01 -16.54 27.01
C VAL A 173 -53.68 -15.82 26.82
N CYS A 174 -53.39 -15.41 25.59
CA CYS A 174 -52.22 -14.60 25.31
C CYS A 174 -52.67 -13.18 24.99
N ASP A 175 -52.16 -12.21 25.74
CA ASP A 175 -52.44 -10.80 25.52
C ASP A 175 -51.20 -10.17 24.89
N LEU A 176 -51.30 -9.83 23.60
CA LEU A 176 -50.15 -9.26 22.91
C LEU A 176 -49.73 -7.93 23.50
N ASP A 177 -50.66 -7.21 24.13
CA ASP A 177 -50.34 -5.94 24.79
C ASP A 177 -49.84 -6.12 26.22
N ASN A 178 -50.07 -7.29 26.82
CA ASN A 178 -49.61 -7.57 28.18
C ASN A 178 -49.04 -8.99 28.21
N PRO A 179 -47.86 -9.19 27.62
CA PRO A 179 -47.28 -10.53 27.57
C PRO A 179 -46.90 -11.03 28.96
N SER A 180 -46.68 -12.34 29.04
CA SER A 180 -46.33 -12.95 30.32
C SER A 180 -44.99 -12.43 30.82
N ASN A 181 -44.75 -12.60 32.12
CA ASN A 181 -43.45 -12.26 32.69
C ASN A 181 -42.35 -13.08 32.03
N SER A 182 -42.63 -14.35 31.74
CA SER A 182 -41.63 -15.21 31.10
C SER A 182 -41.28 -14.70 29.71
N VAL A 183 -42.29 -14.25 28.95
CA VAL A 183 -42.03 -13.69 27.62
C VAL A 183 -41.21 -12.41 27.73
N LYS A 184 -41.57 -11.53 28.67
CA LYS A 184 -40.83 -10.27 28.82
C LYS A 184 -39.37 -10.52 29.19
N ALA A 185 -39.12 -11.55 29.99
CA ALA A 185 -37.73 -11.91 30.28
C ALA A 185 -37.02 -12.41 29.03
N SER A 186 -37.70 -13.21 28.21
CA SER A 186 -37.08 -13.74 27.00
C SER A 186 -36.73 -12.63 26.01
N ILE A 187 -37.54 -11.56 25.97
CA ILE A 187 -37.21 -10.42 25.11
C ILE A 187 -35.91 -9.79 25.56
N GLU A 188 -35.71 -9.64 26.87
CA GLU A 188 -34.48 -9.05 27.37
C GLU A 188 -33.29 -9.97 27.08
N VAL A 189 -33.50 -11.28 27.15
CA VAL A 189 -32.43 -12.23 26.78
C VAL A 189 -32.02 -12.01 25.33
N GLN A 190 -33.00 -11.84 24.44
CA GLN A 190 -32.70 -11.52 23.05
C GLN A 190 -31.82 -10.27 22.94
N ASN A 191 -32.17 -9.24 23.70
CA ASN A 191 -31.41 -7.98 23.62
C ASN A 191 -30.02 -8.14 24.21
N ILE A 192 -29.88 -8.94 25.27
CA ILE A 192 -28.56 -9.16 25.85
C ILE A 192 -27.64 -9.87 24.87
N LEU A 193 -28.16 -10.90 24.18
CA LEU A 193 -27.34 -11.62 23.21
C LEU A 193 -26.99 -10.73 22.02
N ALA A 194 -27.92 -9.91 21.56
CA ALA A 194 -27.65 -9.01 20.44
C ALA A 194 -26.54 -8.03 20.80
N ASN A 195 -26.53 -7.53 22.04
CA ASN A 195 -25.47 -6.63 22.47
C ASN A 195 -24.13 -7.33 22.61
N LYS A 196 -24.12 -8.66 22.67
CA LYS A 196 -22.89 -9.45 22.65
C LYS A 196 -22.49 -9.86 21.25
N GLY A 197 -23.18 -9.36 20.23
CA GLY A 197 -22.85 -9.67 18.86
C GLY A 197 -23.52 -10.90 18.28
N TYR A 198 -24.44 -11.52 19.01
CA TYR A 198 -25.18 -12.63 18.44
C TYR A 198 -26.22 -12.16 17.44
N GLN A 199 -26.49 -12.99 16.45
CA GLN A 199 -27.78 -13.00 15.77
C GLN A 199 -28.59 -14.17 16.29
N THR A 200 -29.90 -13.99 16.36
CA THR A 200 -30.82 -15.05 16.73
C THR A 200 -31.81 -15.26 15.58
N HIS A 201 -32.02 -16.51 15.21
CA HIS A 201 -32.92 -16.87 14.13
C HIS A 201 -34.05 -17.72 14.67
N GLY A 202 -35.28 -17.39 14.28
CA GLY A 202 -36.43 -18.23 14.55
C GLY A 202 -36.67 -19.20 13.42
N TRP A 203 -37.93 -19.42 13.05
CA TRP A 203 -38.23 -20.40 12.01
C TRP A 203 -39.51 -20.02 11.28
N ASP A 204 -39.62 -20.51 10.05
CA ASP A 204 -40.80 -20.37 9.20
C ASP A 204 -41.77 -21.52 9.38
N VAL A 205 -41.25 -22.74 9.45
CA VAL A 205 -42.05 -23.95 9.55
C VAL A 205 -41.35 -24.92 10.49
N ASP A 206 -42.15 -25.71 11.19
CA ASP A 206 -41.70 -26.62 12.24
C ASP A 206 -42.12 -28.04 11.86
N TRP A 207 -41.14 -28.89 11.55
CA TRP A 207 -41.40 -30.30 11.27
C TRP A 207 -41.48 -31.01 12.62
N SER A 208 -42.70 -31.15 13.14
CA SER A 208 -42.89 -31.49 14.54
C SER A 208 -44.31 -32.02 14.72
N PRO A 209 -44.64 -32.51 15.91
CA PRO A 209 -46.06 -32.70 16.24
C PRO A 209 -46.83 -31.39 16.11
N GLU A 210 -48.12 -31.51 15.79
CA GLU A 210 -48.96 -30.32 15.59
C GLU A 210 -48.87 -29.38 16.79
N ASN A 211 -48.82 -29.95 17.99
CA ASN A 211 -48.52 -29.20 19.20
C ASN A 211 -47.76 -30.13 20.13
N TRP A 212 -46.96 -29.54 21.01
CA TRP A 212 -46.40 -30.34 22.08
C TRP A 212 -47.49 -30.64 23.11
N GLY A 213 -47.49 -31.88 23.60
CA GLY A 213 -48.60 -32.41 24.36
C GLY A 213 -49.20 -33.65 23.75
N ILE A 214 -49.08 -33.82 22.43
CA ILE A 214 -49.50 -35.11 21.87
C ILE A 214 -48.55 -36.18 22.39
N PRO A 215 -49.05 -37.37 22.73
CA PRO A 215 -48.25 -38.28 23.58
C PRO A 215 -47.02 -38.86 22.90
N MET A 216 -47.12 -39.33 21.65
CA MET A 216 -45.99 -39.91 20.93
C MET A 216 -45.60 -38.97 19.80
N PRO A 217 -44.71 -38.00 20.05
CA PRO A 217 -44.50 -36.91 19.08
C PRO A 217 -43.79 -37.31 17.80
N ALA A 218 -43.26 -38.52 17.68
CA ALA A 218 -42.39 -38.86 16.57
C ALA A 218 -43.10 -39.59 15.42
N ASN A 219 -44.04 -40.49 15.72
CA ASN A 219 -44.60 -41.33 14.67
C ASN A 219 -45.52 -40.55 13.72
N SER A 220 -46.02 -39.39 14.14
CA SER A 220 -46.99 -38.64 13.35
C SER A 220 -46.36 -37.55 12.50
N LEU A 221 -45.03 -37.54 12.35
CA LEU A 221 -44.38 -36.46 11.63
C LEU A 221 -44.88 -36.38 10.20
N THR A 222 -45.09 -35.15 9.73
CA THR A 222 -45.62 -34.91 8.39
C THR A 222 -44.79 -35.65 7.34
N GLU A 223 -45.49 -36.28 6.40
CA GLU A 223 -44.79 -36.95 5.31
C GLU A 223 -44.01 -35.95 4.47
N ALA A 224 -42.98 -36.45 3.80
CA ALA A 224 -42.04 -35.57 3.09
C ALA A 224 -42.75 -34.73 2.05
N GLU A 225 -43.61 -35.35 1.24
CA GLU A 225 -44.29 -34.61 0.18
C GLU A 225 -45.22 -33.55 0.75
N ALA A 226 -45.99 -33.91 1.79
CA ALA A 226 -46.85 -32.92 2.43
C ALA A 226 -46.05 -31.82 3.10
N PHE A 227 -44.89 -32.18 3.67
CA PHE A 227 -44.07 -31.15 4.31
C PHE A 227 -43.42 -30.23 3.29
N LEU A 228 -43.07 -30.75 2.11
CA LEU A 228 -42.62 -29.86 1.04
C LEU A 228 -43.70 -28.87 0.67
N GLY A 229 -44.97 -29.28 0.77
CA GLY A 229 -46.06 -28.35 0.55
C GLY A 229 -46.06 -27.21 1.56
N TYR A 230 -45.76 -27.52 2.82
CA TYR A 230 -45.67 -26.47 3.83
C TYR A 230 -44.55 -25.49 3.51
N VAL A 231 -43.42 -26.00 3.03
CA VAL A 231 -42.32 -25.12 2.63
C VAL A 231 -42.75 -24.24 1.46
N ASP A 232 -43.44 -24.83 0.48
CA ASP A 232 -43.97 -24.04 -0.63
C ASP A 232 -44.86 -22.92 -0.13
N ALA A 233 -45.73 -23.21 0.84
CA ALA A 233 -46.63 -22.18 1.36
C ALA A 233 -45.89 -21.12 2.17
N ALA A 234 -44.75 -21.48 2.76
CA ALA A 234 -44.00 -20.54 3.59
C ALA A 234 -43.20 -19.57 2.75
N LEU A 235 -42.83 -19.95 1.53
CA LEU A 235 -41.96 -19.13 0.69
C LEU A 235 -42.59 -17.77 0.42
N ASN A 236 -41.96 -16.72 0.94
CA ASN A 236 -42.34 -15.33 0.69
C ASN A 236 -43.76 -15.01 1.17
N SER A 237 -44.23 -15.70 2.22
CA SER A 237 -45.58 -15.50 2.72
C SER A 237 -45.60 -15.05 4.18
N CYS A 238 -44.46 -14.57 4.69
CA CYS A 238 -44.34 -14.12 6.09
C CYS A 238 -44.84 -15.21 7.05
N ALA A 239 -44.36 -16.43 6.82
CA ALA A 239 -44.76 -17.58 7.63
C ALA A 239 -44.56 -17.39 9.14
N PRO A 240 -43.49 -16.75 9.64
CA PRO A 240 -43.34 -16.63 11.09
C PRO A 240 -44.49 -15.91 11.78
N THR A 241 -45.24 -15.07 11.08
CA THR A 241 -46.40 -14.40 11.68
C THR A 241 -47.69 -15.20 11.56
N THR A 242 -47.78 -16.11 10.59
CA THR A 242 -48.99 -16.89 10.35
C THR A 242 -48.91 -18.30 10.90
N ILE A 243 -47.73 -18.75 11.35
CA ILE A 243 -47.56 -20.11 11.80
C ILE A 243 -48.44 -20.38 13.02
N ASN A 244 -48.87 -21.64 13.14
CA ASN A 244 -49.60 -22.14 14.30
C ASN A 244 -48.77 -23.21 14.97
N PRO A 245 -48.95 -23.44 16.29
CA PRO A 245 -49.88 -22.76 17.20
C PRO A 245 -49.39 -21.37 17.62
N ILE A 246 -50.12 -20.74 18.54
CA ILE A 246 -49.89 -19.33 18.85
C ILE A 246 -48.54 -19.12 19.51
N ASN A 247 -48.06 -20.11 20.28
CA ASN A 247 -46.76 -19.97 20.93
C ASN A 247 -45.59 -20.10 19.97
N SER A 248 -45.84 -20.38 18.70
CA SER A 248 -44.80 -20.49 17.69
C SER A 248 -44.68 -19.23 16.83
N LYS A 249 -45.56 -18.25 17.02
CA LYS A 249 -45.54 -17.06 16.18
C LYS A 249 -44.39 -16.13 16.56
N ALA A 250 -43.86 -15.45 15.54
CA ALA A 250 -42.83 -14.42 15.72
C ALA A 250 -43.52 -13.08 15.49
N HIS A 251 -44.07 -12.51 16.56
CA HIS A 251 -44.78 -11.24 16.45
C HIS A 251 -43.80 -10.11 16.14
N GLY A 252 -44.26 -9.16 15.32
CA GLY A 252 -43.43 -8.05 14.92
C GLY A 252 -42.45 -8.37 13.81
N PHE A 253 -42.46 -9.58 13.27
CA PHE A 253 -41.62 -9.95 12.15
C PHE A 253 -41.92 -9.05 10.96
N PRO A 254 -40.93 -8.33 10.41
CA PRO A 254 -41.22 -7.39 9.33
C PRO A 254 -41.49 -8.08 8.00
N CYS A 255 -42.77 -8.25 7.66
CA CYS A 255 -43.13 -8.94 6.42
C CYS A 255 -42.54 -8.19 5.23
N GLY A 256 -41.90 -8.94 4.34
CA GLY A 256 -41.26 -8.36 3.18
C GLY A 256 -39.85 -7.87 3.37
N THR A 257 -39.27 -8.06 4.56
CA THR A 257 -37.92 -7.60 4.81
C THR A 257 -36.95 -8.26 3.82
N PRO A 258 -35.99 -7.52 3.29
CA PRO A 258 -35.22 -8.04 2.14
C PRO A 258 -34.40 -9.29 2.45
N LEU A 259 -33.92 -9.45 3.67
CA LEU A 259 -33.08 -10.59 3.98
C LEU A 259 -33.86 -11.90 4.03
N HIS A 260 -35.18 -11.85 4.19
CA HIS A 260 -35.98 -13.07 4.25
C HIS A 260 -36.57 -13.47 2.91
N ALA A 261 -36.37 -12.67 1.87
CA ALA A 261 -36.92 -12.99 0.56
C ALA A 261 -36.36 -14.31 0.05
N ASP A 262 -37.26 -15.19 -0.40
CA ASP A 262 -36.91 -16.44 -1.06
C ASP A 262 -36.20 -17.41 -0.12
N LYS A 263 -36.50 -17.35 1.17
CA LYS A 263 -35.89 -18.22 2.16
C LYS A 263 -36.96 -18.82 3.06
N VAL A 264 -36.71 -20.06 3.50
CA VAL A 264 -37.56 -20.75 4.45
C VAL A 264 -36.66 -21.42 5.48
N VAL A 265 -36.84 -21.07 6.75
CA VAL A 265 -36.08 -21.66 7.84
C VAL A 265 -36.93 -22.76 8.48
N VAL A 266 -36.43 -24.00 8.39
CA VAL A 266 -37.13 -25.17 8.93
C VAL A 266 -36.56 -25.48 10.30
N LEU A 267 -37.44 -25.66 11.27
CA LEU A 267 -37.07 -26.15 12.60
C LEU A 267 -37.51 -27.60 12.74
N THR A 268 -36.63 -28.43 13.30
CA THR A 268 -36.98 -29.77 13.74
C THR A 268 -35.99 -30.17 14.82
N HIS A 269 -36.21 -31.35 15.41
CA HIS A 269 -35.42 -31.83 16.53
C HIS A 269 -34.93 -33.24 16.22
N GLU A 270 -33.65 -33.51 16.51
CA GLU A 270 -33.10 -34.84 16.25
C GLU A 270 -33.80 -35.91 17.08
N PHE A 271 -34.31 -35.56 18.26
CA PHE A 271 -34.94 -36.60 19.08
C PHE A 271 -36.22 -37.13 18.45
N LEU A 272 -36.73 -36.49 17.41
CA LEU A 272 -37.84 -37.01 16.63
C LEU A 272 -37.41 -38.04 15.60
N TYR A 273 -36.11 -38.28 15.45
CA TYR A 273 -35.59 -39.22 14.47
C TYR A 273 -34.91 -40.41 15.15
N GLU A 274 -35.41 -40.78 16.32
CA GLU A 274 -34.87 -41.89 17.10
C GLU A 274 -36.00 -42.87 17.43
N ASP A 275 -35.71 -44.16 17.26
CA ASP A 275 -36.59 -45.21 17.77
C ASP A 275 -36.48 -45.26 19.29
N GLY A 276 -37.50 -44.75 19.98
CA GLY A 276 -37.43 -44.72 21.43
C GLY A 276 -38.71 -44.32 22.14
N LYS A 277 -38.57 -43.52 23.20
CA LYS A 277 -39.71 -43.21 24.07
C LYS A 277 -40.76 -42.34 23.38
N ARG A 278 -40.40 -41.67 22.28
CA ARG A 278 -41.34 -40.82 21.57
C ARG A 278 -41.95 -41.50 20.35
N GLY A 279 -41.62 -42.77 20.11
CA GLY A 279 -42.09 -43.49 18.95
C GLY A 279 -40.93 -43.97 18.10
N MET A 280 -41.26 -44.52 16.95
CA MET A 280 -40.25 -45.05 16.02
C MET A 280 -39.80 -43.95 15.07
N GLY A 281 -39.06 -42.99 15.64
CA GLY A 281 -38.61 -41.85 14.85
C GLY A 281 -37.56 -42.21 13.82
N ALA A 282 -36.66 -43.14 14.16
CA ALA A 282 -35.60 -43.52 13.23
C ALA A 282 -36.18 -44.33 12.06
N THR A 283 -37.01 -45.33 12.37
CA THR A 283 -37.56 -46.19 11.33
C THR A 283 -38.46 -45.43 10.37
N GLN A 284 -39.22 -44.45 10.88
CA GLN A 284 -40.24 -43.80 10.08
C GLN A 284 -39.86 -42.40 9.61
N ASN A 285 -39.10 -41.64 10.39
CA ASN A 285 -38.84 -40.24 10.04
C ASN A 285 -37.50 -40.03 9.34
N LEU A 286 -36.50 -40.89 9.57
CA LEU A 286 -35.27 -40.78 8.80
C LEU A 286 -35.50 -40.98 7.31
N PRO A 287 -36.32 -41.92 6.84
CA PRO A 287 -36.66 -41.95 5.42
C PRO A 287 -37.44 -40.73 4.96
N LYS A 288 -38.24 -40.13 5.83
CA LYS A 288 -38.94 -38.90 5.47
C LYS A 288 -37.95 -37.77 5.23
N LEU A 289 -36.97 -37.62 6.12
CA LEU A 289 -35.94 -36.61 5.94
C LEU A 289 -35.15 -36.85 4.66
N ALA A 290 -34.79 -38.11 4.40
CA ALA A 290 -34.02 -38.43 3.21
C ALA A 290 -34.81 -38.15 1.93
N LYS A 291 -36.09 -38.51 1.92
CA LYS A 291 -36.92 -38.20 0.76
C LYS A 291 -37.13 -36.70 0.61
N PHE A 292 -37.33 -36.00 1.72
CA PHE A 292 -37.55 -34.55 1.66
C PHE A 292 -36.36 -33.85 1.00
N LEU A 293 -35.14 -34.25 1.34
CA LEU A 293 -33.96 -33.65 0.72
C LEU A 293 -33.99 -33.83 -0.80
N ARG A 294 -34.41 -35.00 -1.26
CA ARG A 294 -34.41 -35.28 -2.69
C ARG A 294 -35.49 -34.47 -3.41
N ILE A 295 -36.74 -34.54 -2.92
CA ILE A 295 -37.82 -33.88 -3.65
C ILE A 295 -37.72 -32.36 -3.54
N ALA A 296 -37.13 -31.85 -2.45
CA ALA A 296 -36.96 -30.41 -2.34
C ALA A 296 -35.97 -29.90 -3.38
N LYS A 297 -34.90 -30.65 -3.62
CA LYS A 297 -33.96 -30.26 -4.67
C LYS A 297 -34.58 -30.44 -6.06
N GLU A 298 -35.37 -31.50 -6.25
CA GLU A 298 -36.08 -31.67 -7.51
C GLU A 298 -37.06 -30.53 -7.75
N ALA A 299 -37.63 -29.97 -6.69
CA ALA A 299 -38.53 -28.83 -6.80
C ALA A 299 -37.79 -27.51 -7.04
N GLY A 300 -36.46 -27.51 -7.00
CA GLY A 300 -35.68 -26.33 -7.28
C GLY A 300 -35.14 -25.60 -6.06
N TYR A 301 -35.24 -26.18 -4.88
CA TYR A 301 -34.69 -25.57 -3.68
C TYR A 301 -33.22 -25.95 -3.51
N VAL A 302 -32.47 -25.05 -2.89
CA VAL A 302 -31.12 -25.32 -2.45
C VAL A 302 -31.10 -25.25 -0.93
N PHE A 303 -30.17 -26.00 -0.33
CA PHE A 303 -30.01 -26.03 1.11
C PHE A 303 -28.76 -25.25 1.51
N ASP A 304 -28.89 -24.46 2.57
CA ASP A 304 -27.77 -23.68 3.08
C ASP A 304 -27.85 -23.65 4.61
N THR A 305 -26.81 -23.08 5.22
CA THR A 305 -26.71 -23.00 6.66
C THR A 305 -26.88 -21.56 7.13
N ILE A 306 -27.25 -21.41 8.40
CA ILE A 306 -27.66 -20.10 8.93
C ILE A 306 -26.52 -19.10 8.88
N ASP A 307 -25.27 -19.56 8.93
CA ASP A 307 -24.14 -18.63 8.84
C ASP A 307 -24.12 -17.90 7.49
N ASN A 308 -24.84 -18.40 6.50
CA ASN A 308 -24.98 -17.73 5.21
C ASN A 308 -26.33 -17.06 5.02
N TYR A 309 -27.21 -17.11 6.03
CA TYR A 309 -28.51 -16.45 5.92
C TYR A 309 -28.35 -14.98 5.61
N THR A 310 -27.51 -14.28 6.37
CA THR A 310 -27.02 -12.98 5.97
C THR A 310 -25.73 -13.22 5.20
N PRO A 311 -25.68 -12.96 3.90
CA PRO A 311 -24.54 -13.40 3.09
C PRO A 311 -23.23 -12.79 3.58
N VAL A 312 -22.17 -13.59 3.53
CA VAL A 312 -20.85 -13.14 3.93
C VAL A 312 -20.28 -12.22 2.85
N TRP A 313 -19.69 -11.11 3.29
CA TRP A 313 -19.04 -10.19 2.36
C TRP A 313 -17.93 -10.91 1.61
N GLN A 314 -17.88 -10.68 0.29
CA GLN A 314 -16.91 -11.36 -0.55
C GLN A 314 -16.33 -10.42 -1.58
N VAL A 315 -15.00 -10.43 -1.71
CA VAL A 315 -14.32 -9.66 -2.74
C VAL A 315 -14.87 -10.03 -4.11
N GLY A 316 -15.09 -9.02 -4.95
CA GLY A 316 -15.59 -9.22 -6.29
C GLY A 316 -17.09 -9.25 -6.41
N ASN A 317 -17.82 -9.43 -5.32
CA ASN A 317 -19.27 -9.42 -5.36
C ASN A 317 -19.78 -8.01 -5.61
N ALA A 318 -20.88 -7.92 -6.37
CA ALA A 318 -21.55 -6.65 -6.61
C ALA A 318 -22.62 -6.44 -5.56
N TYR A 319 -22.68 -5.24 -5.01
CA TYR A 319 -23.63 -4.91 -3.96
C TYR A 319 -24.42 -3.67 -4.36
N ALA A 320 -25.74 -3.75 -4.23
CA ALA A 320 -26.57 -2.57 -4.38
C ALA A 320 -26.66 -1.84 -3.06
N ALA A 321 -26.97 -0.55 -3.15
CA ALA A 321 -27.24 0.22 -1.94
C ALA A 321 -28.37 -0.46 -1.15
N GLY A 322 -28.15 -0.61 0.15
CA GLY A 322 -29.11 -1.28 1.01
C GLY A 322 -28.89 -2.76 1.19
N ASP A 323 -27.97 -3.36 0.44
CA ASP A 323 -27.66 -4.78 0.63
C ASP A 323 -27.06 -5.03 2.01
N TYR A 324 -27.44 -6.14 2.61
CA TYR A 324 -26.91 -6.55 3.90
C TYR A 324 -25.88 -7.66 3.73
N VAL A 325 -24.79 -7.56 4.48
CA VAL A 325 -23.79 -8.62 4.56
C VAL A 325 -23.35 -8.74 6.02
N THR A 326 -22.64 -9.83 6.32
CA THR A 326 -21.84 -9.94 7.52
C THR A 326 -20.36 -9.93 7.15
N HIS A 327 -19.56 -9.27 7.95
CA HIS A 327 -18.11 -9.26 7.78
C HIS A 327 -17.48 -9.42 9.16
N SER A 328 -16.72 -10.50 9.34
CA SER A 328 -16.15 -10.85 10.64
C SER A 328 -17.21 -10.85 11.73
N GLY A 329 -18.39 -11.38 11.39
CA GLY A 329 -19.47 -11.53 12.33
C GLY A 329 -20.37 -10.34 12.52
N THR A 330 -20.05 -9.19 11.92
CA THR A 330 -20.84 -7.98 12.11
C THR A 330 -21.70 -7.70 10.88
N VAL A 331 -22.95 -7.30 11.11
CA VAL A 331 -23.88 -7.02 10.03
C VAL A 331 -23.63 -5.60 9.51
N TYR A 332 -23.59 -5.45 8.19
CA TYR A 332 -23.40 -4.15 7.55
C TYR A 332 -24.44 -3.96 6.44
N LYS A 333 -24.75 -2.70 6.17
CA LYS A 333 -25.66 -2.31 5.10
C LYS A 333 -24.92 -1.41 4.12
N ALA A 334 -25.03 -1.71 2.83
CA ALA A 334 -24.28 -0.98 1.82
C ALA A 334 -24.80 0.45 1.67
N VAL A 335 -23.88 1.41 1.70
CA VAL A 335 -24.25 2.81 1.54
C VAL A 335 -24.52 3.12 0.07
N THR A 336 -23.64 2.66 -0.83
CA THR A 336 -23.75 2.93 -2.25
C THR A 336 -23.43 1.66 -3.03
N ALA A 337 -24.03 1.56 -4.22
CA ALA A 337 -23.75 0.44 -5.11
C ALA A 337 -22.28 0.43 -5.50
N HIS A 338 -21.68 -0.77 -5.51
CA HIS A 338 -20.26 -0.92 -5.81
C HIS A 338 -19.93 -2.39 -5.91
N ILE A 339 -18.72 -2.68 -6.38
CA ILE A 339 -18.15 -4.01 -6.41
C ILE A 339 -17.09 -4.09 -5.31
N ALA A 340 -17.18 -5.10 -4.46
CA ALA A 340 -16.30 -5.19 -3.31
C ALA A 340 -14.86 -5.46 -3.72
N GLN A 341 -13.93 -4.75 -3.09
CA GLN A 341 -12.50 -4.93 -3.27
C GLN A 341 -11.85 -5.34 -1.95
N GLN A 342 -10.69 -5.98 -2.05
CA GLN A 342 -10.06 -6.57 -0.87
C GLN A 342 -9.68 -5.51 0.16
N ASP A 343 -9.30 -4.31 -0.29
CA ASP A 343 -8.89 -3.25 0.62
C ASP A 343 -10.05 -2.35 1.05
N TRP A 344 -11.27 -2.69 0.68
CA TRP A 344 -12.44 -1.86 0.92
C TRP A 344 -13.52 -2.62 1.67
N ALA A 345 -13.10 -3.39 2.67
CA ALA A 345 -14.01 -4.20 3.45
C ALA A 345 -14.86 -3.34 4.37
N PRO A 346 -16.02 -3.85 4.80
CA PRO A 346 -16.80 -3.12 5.80
C PRO A 346 -16.02 -2.98 7.10
N SER A 347 -16.25 -1.88 7.80
CA SER A 347 -15.54 -1.60 9.05
C SER A 347 -16.29 -0.53 9.81
N SER A 348 -15.76 -0.19 10.99
CA SER A 348 -16.34 0.87 11.82
C SER A 348 -16.06 2.27 11.28
N THR A 349 -15.26 2.39 10.21
CA THR A 349 -15.02 3.67 9.58
C THR A 349 -15.27 3.65 8.08
N SER A 350 -15.75 2.54 7.53
CA SER A 350 -15.95 2.43 6.09
C SER A 350 -17.00 3.42 5.61
N SER A 351 -16.71 4.05 4.45
CA SER A 351 -17.66 4.94 3.81
C SER A 351 -18.64 4.19 2.90
N LEU A 352 -18.36 2.92 2.60
CA LEU A 352 -19.23 2.12 1.75
C LEU A 352 -20.25 1.31 2.54
N TRP A 353 -20.13 1.25 3.86
CA TRP A 353 -20.99 0.42 4.69
C TRP A 353 -21.24 1.12 6.02
N THR A 354 -22.42 0.90 6.57
CA THR A 354 -22.71 1.25 7.96
C THR A 354 -23.00 -0.02 8.75
N ASN A 355 -22.66 0.01 10.02
CA ASN A 355 -22.95 -1.09 10.93
C ASN A 355 -24.47 -1.20 11.11
N ALA A 356 -25.00 -2.41 10.94
CA ALA A 356 -26.44 -2.65 11.07
C ALA A 356 -26.73 -3.82 12.00
N ASP A 357 -25.88 -4.04 12.99
CA ASP A 357 -26.12 -5.08 13.98
C ASP A 357 -27.44 -4.82 14.72
N PRO A 358 -28.12 -5.87 15.19
CA PRO A 358 -29.36 -5.66 15.96
C PRO A 358 -29.11 -5.23 17.40
N ALA A 359 -27.90 -4.77 17.70
CA ALA A 359 -27.56 -4.36 19.04
C ALA A 359 -28.18 -2.99 19.37
N THR A 360 -28.30 -2.72 20.67
CA THR A 360 -28.85 -1.44 21.13
C THR A 360 -27.87 -0.59 21.91
N ASN A 361 -26.72 -1.13 22.31
CA ASN A 361 -25.64 -0.27 22.79
C ASN A 361 -25.22 0.70 21.68
N TRP A 362 -24.78 1.88 22.08
CA TRP A 362 -24.25 2.82 21.10
C TRP A 362 -23.04 2.23 20.42
N THR A 363 -23.01 2.32 19.09
CA THR A 363 -22.02 1.61 18.28
C THR A 363 -21.54 2.53 17.16
N LEU A 364 -20.29 2.33 16.76
CA LEU A 364 -19.68 3.16 15.73
C LEU A 364 -20.24 2.84 14.35
N ASN A 365 -20.35 3.88 13.53
CA ASN A 365 -20.71 3.75 12.11
C ASN A 365 -22.11 3.17 11.92
N VAL A 366 -23.02 3.48 12.84
CA VAL A 366 -24.43 3.07 12.73
C VAL A 366 -25.22 4.25 12.19
N SER A 367 -26.10 3.99 11.23
CA SER A 367 -27.02 5.00 10.71
C SER A 367 -28.20 5.10 11.67
N TYR A 368 -28.12 6.04 12.60
CA TYR A 368 -29.19 6.18 13.58
C TYR A 368 -30.31 7.05 13.03
N GLU A 369 -31.53 6.76 13.47
CA GLU A 369 -32.70 7.54 13.12
C GLU A 369 -33.21 8.26 14.35
N ALA A 370 -33.85 9.42 14.12
CA ALA A 370 -34.47 10.15 15.21
C ALA A 370 -35.51 9.27 15.90
N GLY A 371 -35.37 9.09 17.21
CA GLY A 371 -36.22 8.23 17.98
C GLY A 371 -35.57 6.94 18.44
N ASP A 372 -34.45 6.57 17.82
CA ASP A 372 -33.68 5.43 18.30
C ASP A 372 -33.22 5.68 19.74
N VAL A 373 -33.02 4.59 20.47
CA VAL A 373 -32.51 4.64 21.84
C VAL A 373 -31.26 3.80 21.93
N VAL A 374 -30.17 4.40 22.41
CA VAL A 374 -28.90 3.72 22.58
C VAL A 374 -28.54 3.71 24.06
N THR A 375 -27.72 2.74 24.44
CA THR A 375 -27.16 2.67 25.79
C THR A 375 -25.66 2.94 25.70
N TYR A 376 -25.18 3.79 26.61
CA TYR A 376 -23.78 4.19 26.61
C TYR A 376 -23.38 4.55 28.03
N GLN A 377 -22.31 3.92 28.52
CA GLN A 377 -21.81 4.14 29.89
C GLN A 377 -22.94 3.99 30.91
N GLY A 378 -23.76 2.94 30.71
CA GLY A 378 -24.86 2.64 31.60
C GLY A 378 -26.05 3.57 31.52
N LEU A 379 -26.06 4.52 30.58
CA LEU A 379 -27.16 5.45 30.42
C LEU A 379 -27.83 5.24 29.07
N ARG A 380 -29.14 5.47 29.03
CA ARG A 380 -29.91 5.39 27.80
C ARG A 380 -30.10 6.78 27.22
N TYR A 381 -29.95 6.89 25.91
CA TYR A 381 -30.03 8.16 25.20
C TYR A 381 -31.00 8.05 24.03
N LEU A 382 -31.80 9.09 23.84
CA LEU A 382 -32.65 9.21 22.67
C LEU A 382 -31.88 9.91 21.55
N VAL A 383 -32.00 9.37 20.33
CA VAL A 383 -31.43 10.02 19.16
C VAL A 383 -32.37 11.13 18.71
N ASN A 384 -31.89 12.37 18.69
CA ASN A 384 -32.69 13.51 18.26
C ASN A 384 -32.62 13.73 16.75
N VAL A 385 -31.45 13.51 16.16
CA VAL A 385 -31.21 13.85 14.76
C VAL A 385 -30.60 12.65 14.06
N PRO A 386 -31.10 12.27 12.87
CA PRO A 386 -30.47 11.19 12.12
C PRO A 386 -29.04 11.54 11.74
N HIS A 387 -28.16 10.56 11.90
CA HIS A 387 -26.73 10.73 11.64
C HIS A 387 -26.07 9.37 11.67
N VAL A 388 -24.86 9.32 11.13
CA VAL A 388 -24.01 8.12 11.21
C VAL A 388 -23.03 8.35 12.35
N SER A 389 -23.06 7.45 13.34
CA SER A 389 -22.23 7.61 14.52
C SER A 389 -20.75 7.53 14.16
N GLN A 390 -19.93 8.24 14.94
CA GLN A 390 -18.49 8.19 14.81
C GLN A 390 -17.87 8.39 16.18
N ALA A 391 -16.56 8.14 16.26
CA ALA A 391 -15.89 8.08 17.56
C ALA A 391 -16.00 9.38 18.34
N ASP A 392 -15.99 10.52 17.63
CA ASP A 392 -16.05 11.82 18.28
C ASP A 392 -17.45 12.21 18.73
N TRP A 393 -18.48 11.50 18.25
CA TRP A 393 -19.88 11.87 18.52
C TRP A 393 -20.52 10.98 19.57
N THR A 394 -19.83 10.70 20.67
CA THR A 394 -20.38 9.85 21.71
C THR A 394 -21.60 10.53 22.34
N PRO A 395 -22.57 9.74 22.84
CA PRO A 395 -23.80 10.34 23.36
C PRO A 395 -23.59 11.32 24.51
N ASN A 396 -22.60 11.07 25.38
CA ASN A 396 -22.43 11.93 26.54
C ASN A 396 -21.78 13.28 26.19
N THR A 397 -21.35 13.47 24.95
CA THR A 397 -20.74 14.72 24.53
C THR A 397 -21.52 15.45 23.45
N GLN A 398 -22.60 14.87 22.94
CA GLN A 398 -23.38 15.45 21.83
C GLN A 398 -24.82 15.64 22.30
N ASN A 399 -25.06 16.75 23.01
CA ASN A 399 -26.40 17.05 23.50
C ASN A 399 -27.36 17.49 22.40
N THR A 400 -26.85 17.78 21.20
CA THR A 400 -27.75 18.04 20.07
C THR A 400 -28.19 16.74 19.42
N LEU A 401 -27.24 15.82 19.18
CA LEU A 401 -27.58 14.56 18.55
C LEU A 401 -28.33 13.63 19.50
N PHE A 402 -28.01 13.69 20.80
CA PHE A 402 -28.58 12.78 21.78
C PHE A 402 -29.15 13.55 22.95
N THR A 403 -30.14 12.96 23.61
CA THR A 403 -30.68 13.46 24.86
C THR A 403 -30.79 12.28 25.83
N ALA A 404 -30.14 12.40 26.99
CA ALA A 404 -30.24 11.36 28.00
C ALA A 404 -31.68 11.24 28.49
N LEU A 405 -32.14 10.01 28.67
CA LEU A 405 -33.49 9.77 29.16
C LEU A 405 -33.54 9.96 30.67
N THR B 2 6.06 17.99 21.58
CA THR B 2 7.23 17.15 21.83
C THR B 2 6.82 15.81 22.42
N ALA B 3 7.82 14.99 22.74
CA ALA B 3 7.58 13.66 23.26
C ALA B 3 7.72 13.65 24.78
N PRO B 4 6.89 12.86 25.48
CA PRO B 4 7.12 12.66 26.91
C PRO B 4 8.40 11.88 27.17
N LYS B 5 8.89 11.98 28.40
CA LYS B 5 10.03 11.17 28.79
C LYS B 5 9.71 9.69 28.63
N GLY B 6 8.46 9.32 28.90
CA GLY B 6 8.01 7.95 28.71
C GLY B 6 6.55 7.87 29.08
N THR B 7 5.99 6.68 28.88
CA THR B 7 4.60 6.42 29.24
C THR B 7 4.56 5.38 30.34
N ILE B 8 3.90 5.73 31.45
CA ILE B 8 3.72 4.81 32.57
C ILE B 8 2.32 4.22 32.48
N TYR B 9 2.24 2.90 32.58
CA TYR B 9 0.96 2.20 32.64
C TYR B 9 0.79 1.71 34.08
N LEU B 10 0.04 2.47 34.87
CA LEU B 10 -0.20 2.12 36.26
C LEU B 10 -1.33 1.08 36.32
N THR B 11 -1.00 -0.12 36.79
CA THR B 11 -1.96 -1.22 36.84
C THR B 11 -2.13 -1.70 38.26
N PHE B 12 -3.37 -2.03 38.62
CA PHE B 12 -3.73 -2.48 39.96
C PHE B 12 -4.38 -3.84 39.87
N ASP B 13 -3.93 -4.79 40.70
CA ASP B 13 -4.42 -6.15 40.68
C ASP B 13 -5.21 -6.47 41.94
N ASP B 14 -6.15 -7.42 41.79
CA ASP B 14 -6.82 -8.15 42.86
C ASP B 14 -8.01 -7.42 43.47
N GLY B 15 -8.41 -6.30 42.88
CA GLY B 15 -9.68 -5.69 43.23
C GLY B 15 -10.83 -6.44 42.57
N PRO B 16 -12.06 -5.92 42.67
CA PRO B 16 -12.46 -4.69 43.38
C PRO B 16 -12.74 -4.93 44.86
N ILE B 17 -12.14 -4.11 45.71
CA ILE B 17 -12.32 -4.16 47.16
C ILE B 17 -12.54 -2.74 47.66
N ASN B 18 -12.81 -2.62 48.96
CA ASN B 18 -13.07 -1.31 49.55
C ASN B 18 -11.90 -0.35 49.30
N ALA B 19 -10.67 -0.85 49.42
CA ALA B 19 -9.50 -0.01 49.24
C ALA B 19 -9.36 0.50 47.80
N SER B 20 -10.03 -0.15 46.84
CA SER B 20 -9.99 0.33 45.46
C SER B 20 -10.55 1.74 45.37
N ILE B 21 -11.58 2.05 46.17
CA ILE B 21 -12.20 3.38 46.12
C ILE B 21 -11.20 4.47 46.51
N ASP B 22 -10.42 4.22 47.56
CA ASP B 22 -9.44 5.21 47.99
C ASP B 22 -8.35 5.40 46.95
N VAL B 23 -7.88 4.30 46.34
CA VAL B 23 -6.89 4.40 45.28
C VAL B 23 -7.46 5.18 44.10
N ILE B 24 -8.69 4.87 43.71
CA ILE B 24 -9.31 5.55 42.57
C ILE B 24 -9.46 7.03 42.85
N ASN B 25 -9.86 7.38 44.09
CA ASN B 25 -10.00 8.79 44.44
C ASN B 25 -8.65 9.51 44.36
N VAL B 26 -7.57 8.83 44.72
CA VAL B 26 -6.24 9.43 44.57
C VAL B 26 -5.92 9.63 43.10
N LEU B 27 -6.22 8.64 42.25
CA LEU B 27 -5.98 8.81 40.83
C LEU B 27 -6.80 9.96 40.26
N ASN B 28 -8.08 10.06 40.66
CA ASN B 28 -8.96 11.04 40.07
C ASN B 28 -8.58 12.47 40.45
N GLU B 29 -7.91 12.65 41.60
CA GLU B 29 -7.47 13.98 42.01
C GLU B 29 -6.59 14.62 40.95
N GLN B 30 -5.79 13.80 40.24
CA GLN B 30 -4.82 14.28 39.28
C GLN B 30 -5.14 13.83 37.85
N GLY B 31 -6.35 13.32 37.64
CA GLY B 31 -6.80 12.97 36.30
C GLY B 31 -6.08 11.80 35.68
N VAL B 32 -5.45 10.95 36.49
CA VAL B 32 -4.70 9.80 35.99
C VAL B 32 -5.63 8.61 35.87
N LYS B 33 -5.53 7.89 34.77
CA LYS B 33 -6.32 6.69 34.54
C LYS B 33 -5.47 5.46 34.77
N GLY B 34 -6.02 4.48 35.49
CA GLY B 34 -5.35 3.23 35.75
C GLY B 34 -6.04 2.06 35.06
N THR B 35 -5.34 0.94 35.04
CA THR B 35 -5.86 -0.32 34.53
C THR B 35 -6.03 -1.26 35.71
N PHE B 36 -7.24 -1.79 35.89
CA PHE B 36 -7.58 -2.57 37.07
C PHE B 36 -7.88 -4.01 36.64
N TYR B 37 -7.01 -4.94 37.06
CA TYR B 37 -7.18 -6.36 36.79
C TYR B 37 -7.99 -6.95 37.94
N PHE B 38 -9.28 -7.14 37.71
CA PHE B 38 -10.26 -7.45 38.74
C PHE B 38 -10.52 -8.95 38.85
N ASN B 39 -10.79 -9.39 40.08
CA ASN B 39 -11.28 -10.73 40.38
C ASN B 39 -12.70 -10.58 40.92
N ALA B 40 -13.69 -11.13 40.21
CA ALA B 40 -15.07 -10.86 40.57
C ALA B 40 -15.53 -11.61 41.81
N TRP B 41 -14.73 -12.51 42.38
CA TRP B 41 -15.17 -13.19 43.59
C TRP B 41 -15.33 -12.22 44.76
N HIS B 42 -14.67 -11.05 44.69
CA HIS B 42 -14.91 -10.02 45.69
C HIS B 42 -16.31 -9.46 45.60
N LEU B 43 -16.90 -9.43 44.39
CA LEU B 43 -18.30 -9.04 44.26
C LEU B 43 -19.22 -10.03 44.96
N ASP B 44 -18.85 -11.31 44.98
CA ASP B 44 -19.61 -12.33 45.68
C ASP B 44 -19.35 -12.35 47.18
N GLY B 45 -18.38 -11.58 47.65
CA GLY B 45 -18.13 -11.50 49.08
C GLY B 45 -17.37 -12.66 49.67
N ILE B 46 -16.63 -13.41 48.86
CA ILE B 46 -15.92 -14.60 49.33
C ILE B 46 -14.41 -14.46 49.18
N GLY B 47 -13.92 -13.27 48.87
CA GLY B 47 -12.51 -13.03 48.62
C GLY B 47 -11.66 -12.73 49.83
N ASP B 48 -12.23 -12.76 51.04
CA ASP B 48 -11.51 -12.56 52.29
C ASP B 48 -10.83 -11.19 52.36
N GLU B 49 -11.46 -10.17 51.79
CA GLU B 49 -11.01 -8.80 51.97
C GLU B 49 -12.20 -7.97 52.46
N ASN B 50 -11.91 -6.75 52.90
CA ASN B 50 -12.97 -5.77 53.13
C ASN B 50 -13.54 -5.40 51.78
N GLU B 51 -14.71 -6.00 51.44
CA GLU B 51 -15.20 -5.91 50.07
C GLU B 51 -16.70 -5.68 49.98
N ASP B 52 -17.34 -5.19 51.05
CA ASP B 52 -18.76 -4.89 50.98
C ASP B 52 -19.07 -3.76 50.02
N ARG B 53 -18.08 -2.93 49.70
CA ARG B 53 -18.23 -1.85 48.73
C ARG B 53 -17.61 -2.19 47.38
N ALA B 54 -17.48 -3.49 47.07
CA ALA B 54 -16.78 -3.90 45.86
C ALA B 54 -17.53 -3.45 44.61
N LEU B 55 -18.86 -3.57 44.60
CA LEU B 55 -19.64 -3.13 43.45
C LEU B 55 -19.54 -1.62 43.26
N GLU B 56 -19.60 -0.87 44.37
CA GLU B 56 -19.37 0.57 44.29
C GLU B 56 -18.01 0.88 43.69
N ALA B 57 -16.99 0.11 44.06
CA ALA B 57 -15.65 0.33 43.51
C ALA B 57 -15.61 0.05 42.01
N LEU B 58 -16.26 -1.04 41.57
CA LEU B 58 -16.31 -1.35 40.15
C LEU B 58 -17.00 -0.25 39.37
N LYS B 59 -18.15 0.21 39.85
CA LYS B 59 -18.86 1.29 39.17
C LYS B 59 -18.05 2.57 39.15
N LEU B 60 -17.39 2.89 40.28
CA LEU B 60 -16.57 4.09 40.33
C LEU B 60 -15.44 4.04 39.30
N ALA B 61 -14.77 2.89 39.18
CA ALA B 61 -13.70 2.74 38.20
C ALA B 61 -14.21 2.99 36.79
N LEU B 62 -15.34 2.37 36.43
CA LEU B 62 -15.89 2.55 35.09
C LEU B 62 -16.42 3.97 34.89
N ASP B 63 -17.07 4.53 35.91
CA ASP B 63 -17.69 5.84 35.75
C ASP B 63 -16.69 6.98 35.64
N THR B 64 -15.45 6.80 36.13
CA THR B 64 -14.45 7.86 36.07
C THR B 64 -13.30 7.52 35.13
N GLY B 65 -13.50 6.59 34.20
CA GLY B 65 -12.63 6.47 33.05
C GLY B 65 -11.50 5.47 33.15
N HIS B 66 -11.48 4.63 34.18
CA HIS B 66 -10.41 3.65 34.32
C HIS B 66 -10.77 2.37 33.56
N VAL B 67 -9.74 1.65 33.14
CA VAL B 67 -9.91 0.46 32.32
C VAL B 67 -10.01 -0.75 33.21
N VAL B 68 -11.06 -1.55 33.01
CA VAL B 68 -11.28 -2.78 33.76
C VAL B 68 -10.85 -3.95 32.89
N ALA B 69 -9.95 -4.78 33.42
CA ALA B 69 -9.42 -5.94 32.71
C ALA B 69 -9.65 -7.20 33.54
N ASN B 70 -9.30 -8.34 32.95
CA ASN B 70 -9.70 -9.65 33.46
C ASN B 70 -8.52 -10.32 34.18
N HIS B 71 -8.72 -10.64 35.46
CA HIS B 71 -7.69 -11.27 36.28
C HIS B 71 -8.11 -12.66 36.77
N SER B 72 -9.19 -13.22 36.22
CA SER B 72 -9.82 -14.50 36.58
C SER B 72 -10.76 -14.32 37.77
N TYR B 73 -11.71 -15.24 37.91
CA TYR B 73 -12.79 -15.06 38.88
C TYR B 73 -12.25 -15.02 40.31
N ALA B 74 -11.45 -16.00 40.69
CA ALA B 74 -11.05 -16.17 42.08
C ALA B 74 -9.54 -16.33 42.22
N HIS B 75 -8.77 -15.79 41.27
CA HIS B 75 -7.31 -15.70 41.39
C HIS B 75 -6.66 -17.09 41.51
N MET B 76 -7.29 -18.10 40.91
CA MET B 76 -6.82 -19.49 40.92
C MET B 76 -6.82 -20.10 42.32
N VAL B 77 -7.59 -19.53 43.24
CA VAL B 77 -7.59 -20.03 44.62
C VAL B 77 -8.28 -21.38 44.73
N HIS B 78 -9.10 -21.74 43.73
CA HIS B 78 -9.65 -23.09 43.69
C HIS B 78 -8.54 -24.13 43.64
N ASN B 79 -7.40 -23.80 43.04
CA ASN B 79 -6.24 -24.68 43.00
C ASN B 79 -5.44 -24.66 44.30
N CYS B 80 -5.82 -23.82 45.27
CA CYS B 80 -5.14 -23.75 46.56
C CYS B 80 -5.75 -24.65 47.63
N VAL B 81 -7.00 -25.07 47.44
CA VAL B 81 -7.73 -25.84 48.43
C VAL B 81 -8.24 -27.13 47.80
N ASP B 82 -8.69 -28.06 48.65
CA ASP B 82 -9.23 -29.32 48.16
C ASP B 82 -10.58 -29.12 47.50
N GLU B 83 -11.43 -28.26 48.06
CA GLU B 83 -12.77 -28.00 47.54
C GLU B 83 -13.03 -26.51 47.62
N PHE B 84 -13.27 -25.88 46.46
CA PHE B 84 -13.46 -24.44 46.43
C PHE B 84 -14.85 -24.06 46.94
N GLY B 85 -14.88 -23.10 47.86
CA GLY B 85 -16.12 -22.63 48.42
C GLY B 85 -15.99 -21.23 48.98
N PRO B 86 -16.99 -20.79 49.76
CA PRO B 86 -16.98 -19.41 50.28
C PRO B 86 -15.87 -19.14 51.27
N THR B 87 -15.29 -20.16 51.90
CA THR B 87 -14.22 -19.96 52.87
C THR B 87 -12.83 -20.22 52.29
N SER B 88 -12.73 -20.48 50.98
CA SER B 88 -11.47 -20.88 50.39
C SER B 88 -10.43 -19.75 50.45
N GLY B 89 -10.86 -18.51 50.22
CA GLY B 89 -9.94 -17.39 50.31
C GLY B 89 -9.32 -17.25 51.69
N ALA B 90 -10.13 -17.41 52.74
CA ALA B 90 -9.61 -17.32 54.10
C ALA B 90 -8.63 -18.46 54.40
N GLU B 91 -8.94 -19.66 53.91
CA GLU B 91 -8.09 -20.81 54.21
C GLU B 91 -6.78 -20.74 53.46
N CYS B 92 -6.80 -20.28 52.21
CA CYS B 92 -5.56 -20.10 51.47
C CYS B 92 -4.71 -18.98 52.08
N ASN B 93 -5.36 -17.93 52.62
CA ASN B 93 -4.62 -16.89 53.32
C ASN B 93 -3.99 -17.41 54.61
N ALA B 94 -4.65 -18.37 55.27
CA ALA B 94 -4.09 -18.93 56.49
C ALA B 94 -2.87 -19.80 56.20
N THR B 95 -2.84 -20.49 55.07
CA THR B 95 -1.69 -21.28 54.68
C THR B 95 -0.66 -20.47 53.89
N GLY B 96 -1.10 -19.44 53.18
CA GLY B 96 -0.20 -18.70 52.31
C GLY B 96 0.34 -19.49 51.15
N ASP B 97 -0.38 -20.54 50.73
CA ASP B 97 0.07 -21.44 49.68
C ASP B 97 -0.44 -21.03 48.30
N HIS B 98 -0.67 -19.72 48.08
CA HIS B 98 -1.26 -19.27 46.83
C HIS B 98 -0.45 -19.71 45.62
N GLN B 99 0.89 -19.64 45.72
CA GLN B 99 1.76 -19.95 44.59
C GLN B 99 1.95 -21.43 44.35
N ILE B 100 1.49 -22.29 45.24
CA ILE B 100 1.77 -23.72 45.19
C ILE B 100 0.61 -24.42 44.47
N ASN B 101 0.93 -25.10 43.37
CA ASN B 101 -0.07 -25.76 42.53
C ASN B 101 -1.11 -24.76 42.03
N ALA B 102 -0.67 -23.54 41.73
CA ALA B 102 -1.59 -22.46 41.38
C ALA B 102 -2.31 -22.74 40.07
N TYR B 103 -1.68 -23.50 39.17
CA TYR B 103 -2.29 -23.89 37.92
C TYR B 103 -2.21 -25.40 37.80
N GLN B 104 -3.34 -26.04 37.47
CA GLN B 104 -3.38 -27.49 37.41
C GLN B 104 -4.03 -27.96 36.10
N ASP B 105 -5.35 -27.82 35.99
CA ASP B 105 -6.05 -28.10 34.75
C ASP B 105 -6.13 -26.80 33.94
N PRO B 106 -5.35 -26.66 32.87
CA PRO B 106 -5.33 -25.38 32.15
C PRO B 106 -6.65 -25.02 31.50
N VAL B 107 -7.39 -26.02 31.01
CA VAL B 107 -8.68 -25.73 30.39
C VAL B 107 -9.64 -25.16 31.42
N TYR B 108 -9.73 -25.79 32.59
CA TYR B 108 -10.60 -25.26 33.62
C TYR B 108 -10.09 -23.93 34.15
N ASP B 109 -8.77 -23.82 34.34
CA ASP B 109 -8.21 -22.57 34.85
C ASP B 109 -8.50 -21.41 33.90
N ALA B 110 -8.33 -21.66 32.60
CA ALA B 110 -8.63 -20.62 31.61
C ALA B 110 -10.11 -20.23 31.65
N SER B 111 -10.98 -21.20 31.92
CA SER B 111 -12.42 -20.92 31.94
C SER B 111 -12.82 -20.02 33.10
N THR B 112 -12.00 -19.91 34.14
CA THR B 112 -12.33 -18.96 35.21
C THR B 112 -12.16 -17.51 34.77
N PHE B 113 -11.47 -17.27 33.65
CA PHE B 113 -11.50 -15.93 33.06
C PHE B 113 -12.85 -15.66 32.41
N ALA B 114 -13.44 -16.68 31.77
CA ALA B 114 -14.78 -16.54 31.22
C ALA B 114 -15.82 -16.42 32.33
N ASP B 115 -15.67 -17.20 33.40
CA ASP B 115 -16.56 -17.07 34.56
C ASP B 115 -16.52 -15.65 35.12
N ASN B 116 -15.34 -15.05 35.13
CA ASN B 116 -15.17 -13.69 35.65
C ASN B 116 -16.11 -12.71 34.95
N LEU B 117 -16.25 -12.85 33.63
CA LEU B 117 -17.07 -11.93 32.86
C LEU B 117 -18.56 -12.13 33.14
N VAL B 118 -18.96 -13.39 33.35
CA VAL B 118 -20.36 -13.67 33.70
C VAL B 118 -20.73 -12.98 35.00
N VAL B 119 -19.83 -13.01 35.99
CA VAL B 119 -20.14 -12.43 37.29
C VAL B 119 -20.10 -10.90 37.21
N PHE B 120 -19.17 -10.35 36.43
CA PHE B 120 -19.17 -8.92 36.17
C PHE B 120 -20.52 -8.46 35.64
N GLU B 121 -21.02 -9.15 34.60
CA GLU B 121 -22.30 -8.78 33.99
C GLU B 121 -23.48 -9.00 34.94
N ARG B 122 -23.37 -9.98 35.84
CA ARG B 122 -24.47 -10.22 36.78
C ARG B 122 -24.65 -9.06 37.74
N TYR B 123 -23.54 -8.51 38.25
CA TYR B 123 -23.63 -7.42 39.21
C TYR B 123 -23.82 -6.07 38.53
N LEU B 124 -23.36 -5.92 37.29
CA LEU B 124 -23.51 -4.68 36.52
C LEU B 124 -23.99 -5.04 35.12
N PRO B 125 -25.30 -5.17 34.93
CA PRO B 125 -25.82 -5.70 33.65
C PRO B 125 -25.47 -4.88 32.42
N ASN B 126 -25.21 -3.58 32.57
CA ASN B 126 -24.91 -2.73 31.43
C ASN B 126 -23.42 -2.51 31.23
N ILE B 127 -22.58 -3.39 31.77
CA ILE B 127 -21.14 -3.11 31.81
C ILE B 127 -20.55 -3.07 30.41
N ASN B 128 -21.10 -3.81 29.46
CA ASN B 128 -20.50 -3.78 28.13
C ASN B 128 -20.92 -2.57 27.30
N SER B 129 -21.69 -1.65 27.89
CA SER B 129 -21.94 -0.36 27.26
C SER B 129 -20.87 0.67 27.61
N TYR B 130 -19.91 0.31 28.47
CA TYR B 130 -18.80 1.18 28.82
C TYR B 130 -17.63 0.96 27.86
N PRO B 131 -17.11 2.01 27.21
CA PRO B 131 -15.96 1.82 26.32
C PRO B 131 -14.69 1.41 27.04
N ASN B 132 -14.58 1.64 28.34
CA ASN B 132 -13.39 1.29 29.10
C ASN B 132 -13.49 -0.06 29.78
N TYR B 133 -14.52 -0.85 29.46
CA TYR B 133 -14.62 -2.22 29.94
C TYR B 133 -13.93 -3.13 28.93
N PHE B 134 -12.75 -3.63 29.29
CA PHE B 134 -11.97 -4.51 28.42
C PHE B 134 -11.85 -5.91 28.99
N GLY B 135 -12.85 -6.34 29.77
CA GLY B 135 -12.79 -7.63 30.42
C GLY B 135 -12.63 -8.79 29.46
N GLU B 136 -13.11 -8.62 28.22
CA GLU B 136 -13.06 -9.70 27.24
C GLU B 136 -11.80 -9.67 26.39
N GLU B 137 -10.97 -8.63 26.48
CA GLU B 137 -9.84 -8.48 25.58
C GLU B 137 -8.50 -8.29 26.28
N LEU B 138 -8.46 -7.90 27.55
CA LEU B 138 -7.22 -7.72 28.28
C LEU B 138 -7.24 -8.60 29.52
N ALA B 139 -6.15 -9.32 29.76
CA ALA B 139 -6.05 -10.19 30.90
C ALA B 139 -4.65 -10.13 31.49
N ARG B 140 -4.51 -10.68 32.70
CA ARG B 140 -3.22 -10.90 33.33
C ARG B 140 -3.35 -12.12 34.20
N LEU B 141 -2.42 -13.06 34.08
CA LEU B 141 -2.51 -14.29 34.83
C LEU B 141 -2.08 -14.06 36.27
N PRO B 142 -2.84 -14.53 37.25
CA PRO B 142 -2.40 -14.44 38.65
C PRO B 142 -0.99 -15.00 38.83
N TYR B 143 -0.17 -14.27 39.58
CA TYR B 143 1.17 -14.64 40.03
C TYR B 143 2.24 -14.60 38.94
N THR B 144 1.86 -14.33 37.68
CA THR B 144 2.71 -14.68 36.54
C THR B 144 2.99 -13.46 35.67
N ASN B 145 4.27 -13.10 35.55
CA ASN B 145 4.71 -12.05 34.63
C ASN B 145 4.79 -12.63 33.22
N GLY B 146 3.62 -12.90 32.66
CA GLY B 146 3.49 -13.51 31.35
C GLY B 146 2.86 -12.54 30.36
N TRP B 147 3.32 -12.60 29.10
CA TRP B 147 2.94 -11.63 28.08
C TRP B 147 2.45 -12.35 26.84
N ARG B 148 1.32 -11.91 26.30
CA ARG B 148 0.85 -12.30 24.96
C ARG B 148 0.38 -11.02 24.28
N ILE B 149 1.25 -10.43 23.48
CA ILE B 149 1.01 -9.12 22.89
C ILE B 149 0.82 -9.20 21.37
N THR B 150 1.80 -9.77 20.67
CA THR B 150 1.70 -10.02 19.24
C THR B 150 2.23 -11.40 18.94
N LYS B 151 2.14 -11.77 17.66
CA LYS B 151 2.71 -13.03 17.18
C LYS B 151 4.18 -13.17 17.54
N ASP B 152 4.91 -12.05 17.62
CA ASP B 152 6.34 -12.05 17.87
C ASP B 152 6.71 -11.33 19.16
N PHE B 153 5.77 -11.21 20.10
CA PHE B 153 5.97 -10.53 21.38
C PHE B 153 5.25 -11.38 22.43
N LYS B 154 5.97 -12.34 22.99
CA LYS B 154 5.44 -13.22 24.02
C LYS B 154 6.50 -13.48 25.08
N ALA B 155 6.05 -13.79 26.29
CA ALA B 155 6.94 -14.13 27.38
C ALA B 155 6.16 -14.94 28.40
N ASP B 156 6.89 -15.73 29.18
CA ASP B 156 6.29 -16.56 30.22
C ASP B 156 7.13 -16.49 31.48
N GLY B 157 6.47 -16.42 32.64
CA GLY B 157 7.15 -16.50 33.90
C GLY B 157 7.44 -17.94 34.28
N LEU B 158 8.66 -18.41 33.99
CA LEU B 158 9.00 -19.81 34.17
C LEU B 158 9.25 -20.20 35.62
N CYS B 159 9.33 -19.22 36.53
CA CYS B 159 9.46 -19.51 37.95
C CYS B 159 8.29 -18.91 38.75
N ALA B 160 7.20 -18.55 38.07
CA ALA B 160 6.13 -17.79 38.70
C ALA B 160 5.46 -18.58 39.82
N THR B 161 5.15 -19.85 39.57
CA THR B 161 4.47 -20.68 40.56
C THR B 161 5.24 -21.99 40.71
N SER B 162 4.85 -22.77 41.72
CA SER B 162 5.66 -23.89 42.15
C SER B 162 4.79 -25.12 42.39
N ASP B 163 5.46 -26.27 42.44
CA ASP B 163 4.82 -27.54 42.78
C ASP B 163 5.01 -27.93 44.24
N ASP B 164 5.85 -27.22 44.98
CA ASP B 164 6.15 -27.62 46.35
C ASP B 164 6.56 -26.44 47.23
N LEU B 165 7.75 -25.89 47.01
CA LEU B 165 8.30 -24.86 47.87
C LEU B 165 8.00 -23.47 47.31
N LYS B 166 7.78 -22.52 48.22
CA LYS B 166 7.56 -21.14 47.83
C LYS B 166 8.88 -20.50 47.40
N PRO B 167 8.84 -19.55 46.47
CA PRO B 167 10.09 -18.96 45.96
C PRO B 167 10.91 -18.25 47.03
N TRP B 168 10.31 -17.85 48.14
CA TRP B 168 11.04 -17.20 49.21
C TRP B 168 11.47 -18.16 50.30
N GLU B 169 11.14 -19.47 50.18
CA GLU B 169 11.48 -20.46 51.20
C GLU B 169 12.88 -21.03 50.95
N PRO B 170 13.55 -21.46 52.02
CA PRO B 170 14.84 -22.15 51.84
C PRO B 170 14.65 -23.47 51.11
N GLY B 171 15.57 -23.74 50.19
CA GLY B 171 15.51 -24.95 49.39
C GLY B 171 14.82 -24.81 48.06
N TYR B 172 14.16 -23.68 47.80
CA TYR B 172 13.51 -23.48 46.51
C TYR B 172 14.53 -23.41 45.39
N VAL B 173 14.28 -24.15 44.32
CA VAL B 173 15.12 -24.16 43.13
C VAL B 173 14.21 -24.07 41.91
N CYS B 174 14.51 -23.14 41.01
CA CYS B 174 13.81 -23.04 39.73
C CYS B 174 14.73 -23.55 38.63
N ASP B 175 14.22 -24.47 37.83
CA ASP B 175 14.94 -25.05 36.70
C ASP B 175 14.28 -24.57 35.41
N LEU B 176 14.96 -23.67 34.70
CA LEU B 176 14.41 -23.14 33.45
C LEU B 176 14.24 -24.22 32.40
N ASP B 177 15.04 -25.28 32.47
CA ASP B 177 14.95 -26.36 31.49
C ASP B 177 13.80 -27.33 31.79
N ASN B 178 13.33 -27.38 33.03
CA ASN B 178 12.24 -28.27 33.43
C ASN B 178 11.37 -27.54 34.43
N PRO B 179 10.53 -26.61 33.96
CA PRO B 179 9.73 -25.81 34.90
C PRO B 179 8.72 -26.66 35.64
N SER B 180 8.19 -26.08 36.71
CA SER B 180 7.19 -26.77 37.52
C SER B 180 5.96 -27.09 36.69
N ASN B 181 5.22 -28.12 37.13
CA ASN B 181 3.96 -28.45 36.48
C ASN B 181 3.01 -27.25 36.49
N SER B 182 3.01 -26.48 37.58
CA SER B 182 2.13 -25.31 37.66
C SER B 182 2.50 -24.27 36.61
N VAL B 183 3.80 -24.07 36.38
CA VAL B 183 4.23 -23.12 35.35
C VAL B 183 3.82 -23.60 33.97
N LYS B 184 4.02 -24.89 33.70
CA LYS B 184 3.65 -25.42 32.38
C LYS B 184 2.15 -25.31 32.14
N ALA B 185 1.34 -25.49 33.19
CA ALA B 185 -0.10 -25.31 33.04
C ALA B 185 -0.45 -23.84 32.81
N SER B 186 0.28 -22.93 33.46
CA SER B 186 0.02 -21.51 33.28
C SER B 186 0.33 -21.07 31.85
N ILE B 187 1.36 -21.67 31.25
CA ILE B 187 1.68 -21.37 29.86
C ILE B 187 0.52 -21.78 28.95
N GLU B 188 -0.10 -22.92 29.22
CA GLU B 188 -1.24 -23.35 28.43
C GLU B 188 -2.41 -22.40 28.61
N VAL B 189 -2.58 -21.85 29.83
CA VAL B 189 -3.64 -20.88 30.06
C VAL B 189 -3.40 -19.63 29.21
N GLN B 190 -2.14 -19.17 29.14
CA GLN B 190 -1.80 -18.04 28.28
C GLN B 190 -2.19 -18.31 26.83
N ASN B 191 -1.90 -19.52 26.33
CA ASN B 191 -2.18 -19.83 24.94
C ASN B 191 -3.68 -19.95 24.68
N ILE B 192 -4.43 -20.46 25.66
CA ILE B 192 -5.88 -20.58 25.50
C ILE B 192 -6.51 -19.19 25.44
N LEU B 193 -6.08 -18.29 26.34
CA LEU B 193 -6.61 -16.93 26.34
C LEU B 193 -6.26 -16.21 25.04
N ALA B 194 -5.03 -16.38 24.55
CA ALA B 194 -4.63 -15.75 23.30
C ALA B 194 -5.51 -16.21 22.16
N ASN B 195 -5.86 -17.50 22.13
CA ASN B 195 -6.73 -18.02 21.07
C ASN B 195 -8.16 -17.50 21.19
N LYS B 196 -8.54 -16.97 22.34
CA LYS B 196 -9.85 -16.36 22.52
C LYS B 196 -9.84 -14.85 22.27
N GLY B 197 -8.71 -14.31 21.80
CA GLY B 197 -8.60 -12.91 21.49
C GLY B 197 -8.02 -12.05 22.56
N TYR B 198 -7.60 -12.63 23.68
CA TYR B 198 -6.99 -11.83 24.75
C TYR B 198 -5.56 -11.45 24.40
N GLN B 199 -5.17 -10.26 24.84
CA GLN B 199 -3.79 -9.94 25.12
C GLN B 199 -3.58 -10.04 26.63
N THR B 200 -2.39 -10.49 27.04
CA THR B 200 -2.02 -10.53 28.44
C THR B 200 -0.75 -9.71 28.64
N HIS B 201 -0.73 -8.90 29.69
CA HIS B 201 0.37 -8.00 29.99
C HIS B 201 0.96 -8.33 31.34
N GLY B 202 2.29 -8.43 31.39
CA GLY B 202 3.00 -8.56 32.66
C GLY B 202 3.34 -7.19 33.22
N TRP B 203 4.55 -7.03 33.76
CA TRP B 203 4.93 -5.76 34.35
C TRP B 203 6.44 -5.60 34.32
N ASP B 204 6.89 -4.35 34.33
CA ASP B 204 8.29 -3.97 34.42
C ASP B 204 8.74 -3.77 35.87
N VAL B 205 7.92 -3.07 36.66
CA VAL B 205 8.26 -2.74 38.04
C VAL B 205 7.06 -3.07 38.91
N ASP B 206 7.34 -3.47 40.15
CA ASP B 206 6.31 -3.89 41.10
C ASP B 206 6.45 -3.05 42.36
N TRP B 207 5.43 -2.26 42.68
CA TRP B 207 5.41 -1.47 43.92
C TRP B 207 4.77 -2.35 44.98
N SER B 208 5.61 -3.09 45.70
CA SER B 208 5.15 -4.19 46.52
C SER B 208 6.25 -4.53 47.52
N PRO B 209 5.98 -5.44 48.47
CA PRO B 209 7.09 -6.00 49.26
C PRO B 209 8.10 -6.69 48.37
N GLU B 210 9.36 -6.72 48.82
CA GLU B 210 10.42 -7.35 48.05
C GLU B 210 10.08 -8.82 47.76
N ASN B 211 9.39 -9.48 48.68
CA ASN B 211 8.86 -10.81 48.45
C ASN B 211 7.61 -10.98 49.29
N TRP B 212 6.74 -11.87 48.86
CA TRP B 212 5.43 -12.03 49.48
C TRP B 212 5.46 -12.93 50.71
N GLY B 213 6.64 -13.22 51.25
CA GLY B 213 6.74 -13.90 52.53
C GLY B 213 6.95 -12.92 53.66
N ILE B 214 7.18 -11.66 53.32
CA ILE B 214 7.42 -10.61 54.31
C ILE B 214 6.16 -10.42 55.16
N PRO B 215 6.26 -10.39 56.48
CA PRO B 215 5.09 -10.05 57.30
C PRO B 215 4.71 -8.58 57.15
N MET B 216 3.40 -8.33 57.18
CA MET B 216 2.81 -7.00 57.04
C MET B 216 3.34 -6.30 55.79
N PRO B 217 2.94 -6.77 54.60
CA PRO B 217 3.56 -6.27 53.36
C PRO B 217 3.29 -4.80 53.07
N ALA B 218 2.23 -4.22 53.61
CA ALA B 218 1.90 -2.83 53.30
C ALA B 218 2.93 -1.86 53.87
N ASN B 219 3.68 -2.27 54.89
CA ASN B 219 4.59 -1.35 55.56
C ASN B 219 5.92 -1.16 54.83
N SER B 220 6.26 -2.04 53.90
CA SER B 220 7.59 -2.05 53.29
C SER B 220 7.60 -1.51 51.86
N LEU B 221 6.62 -0.69 51.49
CA LEU B 221 6.58 -0.16 50.14
C LEU B 221 7.56 1.00 49.99
N THR B 222 8.34 0.97 48.91
CA THR B 222 9.31 2.02 48.61
C THR B 222 8.64 3.39 48.62
N GLU B 223 9.39 4.40 49.08
CA GLU B 223 8.89 5.77 49.02
C GLU B 223 8.80 6.24 47.58
N ALA B 224 8.04 7.32 47.38
CA ALA B 224 7.64 7.72 46.03
C ALA B 224 8.84 8.14 45.18
N GLU B 225 9.75 8.95 45.74
CA GLU B 225 10.89 9.42 44.97
C GLU B 225 11.77 8.27 44.52
N ALA B 226 12.09 7.36 45.44
CA ALA B 226 12.90 6.20 45.08
C ALA B 226 12.18 5.33 44.06
N PHE B 227 10.86 5.21 44.17
CA PHE B 227 10.14 4.38 43.20
C PHE B 227 10.19 5.00 41.81
N LEU B 228 10.09 6.33 41.71
CA LEU B 228 10.31 6.97 40.42
C LEU B 228 11.70 6.66 39.88
N GLY B 229 12.69 6.52 40.77
CA GLY B 229 14.01 6.10 40.34
C GLY B 229 13.99 4.72 39.72
N TYR B 230 13.23 3.80 40.32
CA TYR B 230 13.11 2.46 39.74
C TYR B 230 12.38 2.51 38.39
N VAL B 231 11.39 3.39 38.28
CA VAL B 231 10.70 3.56 36.99
C VAL B 231 11.67 4.09 35.94
N ASP B 232 12.47 5.10 36.30
CA ASP B 232 13.51 5.60 35.40
C ASP B 232 14.42 4.47 34.94
N ALA B 233 14.83 3.61 35.86
CA ALA B 233 15.78 2.56 35.54
C ALA B 233 15.18 1.50 34.63
N ALA B 234 13.86 1.31 34.68
CA ALA B 234 13.20 0.30 33.86
C ALA B 234 12.97 0.77 32.43
N LEU B 235 12.98 2.08 32.19
CA LEU B 235 12.74 2.63 30.86
C LEU B 235 13.79 2.13 29.88
N ASN B 236 13.34 1.38 28.87
CA ASN B 236 14.19 0.90 27.78
C ASN B 236 15.36 0.06 28.28
N SER B 237 15.13 -0.76 29.31
CA SER B 237 16.20 -1.56 29.91
C SER B 237 15.83 -3.03 30.04
N CYS B 238 14.76 -3.47 29.36
CA CYS B 238 14.27 -4.84 29.42
C CYS B 238 14.08 -5.30 30.86
N ALA B 239 13.40 -4.44 31.64
CA ALA B 239 13.17 -4.73 33.05
C ALA B 239 12.45 -6.05 33.33
N PRO B 240 11.49 -6.52 32.51
CA PRO B 240 10.83 -7.80 32.83
C PRO B 240 11.78 -8.98 32.96
N THR B 241 12.95 -8.95 32.34
CA THR B 241 13.90 -10.05 32.47
C THR B 241 14.91 -9.83 33.60
N THR B 242 15.14 -8.59 34.01
CA THR B 242 16.11 -8.31 35.07
C THR B 242 15.47 -8.10 36.42
N ILE B 243 14.14 -8.03 36.48
CA ILE B 243 13.44 -7.79 37.74
C ILE B 243 13.73 -8.92 38.72
N ASN B 244 13.80 -8.57 40.00
CA ASN B 244 13.87 -9.52 41.11
C ASN B 244 12.58 -9.42 41.93
N PRO B 245 12.16 -10.50 42.61
CA PRO B 245 12.78 -11.83 42.72
C PRO B 245 12.54 -12.70 41.49
N ILE B 246 13.03 -13.94 41.55
CA ILE B 246 13.06 -14.79 40.36
C ILE B 246 11.66 -15.17 39.90
N ASN B 247 10.71 -15.29 40.82
CA ASN B 247 9.35 -15.63 40.41
C ASN B 247 8.61 -14.47 39.74
N SER B 248 9.22 -13.29 39.66
CA SER B 248 8.63 -12.16 38.97
C SER B 248 9.18 -11.95 37.57
N LYS B 249 10.18 -12.74 37.15
CA LYS B 249 10.80 -12.55 35.85
C LYS B 249 9.89 -13.02 34.72
N ALA B 250 9.98 -12.33 33.59
CA ALA B 250 9.25 -12.69 32.37
C ALA B 250 10.28 -13.25 31.39
N HIS B 251 10.45 -14.57 31.42
CA HIS B 251 11.48 -15.20 30.60
C HIS B 251 11.09 -15.19 29.13
N GLY B 252 12.09 -14.96 28.28
CA GLY B 252 11.86 -14.85 26.85
C GLY B 252 11.32 -13.52 26.39
N PHE B 253 11.16 -12.55 27.29
CA PHE B 253 10.68 -11.23 26.90
C PHE B 253 11.60 -10.65 25.83
N PRO B 254 11.07 -10.23 24.68
CA PRO B 254 11.93 -9.76 23.60
C PRO B 254 12.50 -8.37 23.88
N CYS B 255 13.69 -8.32 24.48
CA CYS B 255 14.33 -7.05 24.80
C CYS B 255 14.43 -6.17 23.56
N GLY B 256 14.05 -4.90 23.73
CA GLY B 256 14.12 -3.94 22.65
C GLY B 256 13.00 -4.00 21.64
N THR B 257 11.99 -4.84 21.85
CA THR B 257 10.88 -4.92 20.91
C THR B 257 10.23 -3.54 20.80
N PRO B 258 9.91 -3.09 19.58
CA PRO B 258 9.48 -1.69 19.41
C PRO B 258 8.25 -1.31 20.20
N LEU B 259 7.30 -2.24 20.38
CA LEU B 259 6.07 -1.93 21.08
C LEU B 259 6.30 -1.57 22.55
N HIS B 260 7.41 -2.00 23.13
CA HIS B 260 7.71 -1.73 24.53
C HIS B 260 8.63 -0.52 24.72
N ALA B 261 9.06 0.11 23.65
CA ALA B 261 9.99 1.24 23.76
C ALA B 261 9.33 2.40 24.50
N ASP B 262 10.09 2.99 25.42
CA ASP B 262 9.67 4.19 26.15
C ASP B 262 8.41 3.95 26.99
N LYS B 263 8.23 2.73 27.48
CA LYS B 263 7.07 2.36 28.27
C LYS B 263 7.51 1.59 29.51
N VAL B 264 6.80 1.82 30.61
CA VAL B 264 6.99 1.08 31.85
C VAL B 264 5.62 0.69 32.38
N VAL B 265 5.39 -0.60 32.59
CA VAL B 265 4.17 -1.11 33.18
C VAL B 265 4.42 -1.31 34.67
N VAL B 266 3.67 -0.62 35.51
CA VAL B 266 3.81 -0.68 36.95
C VAL B 266 2.71 -1.53 37.53
N LEU B 267 3.09 -2.50 38.35
CA LEU B 267 2.14 -3.35 39.06
C LEU B 267 2.10 -2.96 40.53
N THR B 268 0.90 -2.88 41.08
CA THR B 268 0.71 -2.79 42.52
C THR B 268 -0.68 -3.35 42.84
N HIS B 269 -0.99 -3.42 44.12
CA HIS B 269 -2.24 -4.01 44.59
C HIS B 269 -2.93 -3.02 45.52
N GLU B 270 -4.22 -2.77 45.29
CA GLU B 270 -4.93 -1.82 46.15
C GLU B 270 -5.05 -2.33 47.58
N PHE B 271 -4.92 -3.64 47.83
CA PHE B 271 -4.98 -4.08 49.21
C PHE B 271 -3.76 -3.65 50.01
N LEU B 272 -2.75 -3.07 49.36
CA LEU B 272 -1.61 -2.48 50.04
C LEU B 272 -1.86 -1.04 50.49
N TYR B 273 -3.04 -0.48 50.18
CA TYR B 273 -3.37 0.90 50.47
C TYR B 273 -4.48 1.01 51.48
N GLU B 274 -4.54 0.04 52.40
CA GLU B 274 -5.58 -0.07 53.40
C GLU B 274 -4.94 -0.27 54.76
N ASP B 275 -5.38 0.51 55.74
CA ASP B 275 -4.99 0.29 57.13
C ASP B 275 -5.70 -0.96 57.65
N GLY B 276 -4.94 -2.03 57.89
CA GLY B 276 -5.55 -3.26 58.35
C GLY B 276 -4.58 -4.40 58.61
N LYS B 277 -4.98 -5.61 58.24
CA LYS B 277 -4.22 -6.81 58.60
C LYS B 277 -2.83 -6.84 57.98
N ARG B 278 -2.59 -6.05 56.93
CA ARG B 278 -1.29 -6.01 56.26
C ARG B 278 -0.43 -4.82 56.67
N GLY B 279 -0.92 -3.96 57.54
CA GLY B 279 -0.17 -2.79 58.00
C GLY B 279 -0.96 -1.53 57.78
N MET B 280 -0.26 -0.40 57.92
CA MET B 280 -0.88 0.92 57.79
C MET B 280 -0.79 1.41 56.35
N GLY B 281 -1.47 0.68 55.47
CA GLY B 281 -1.35 0.93 54.04
C GLY B 281 -2.00 2.24 53.61
N ALA B 282 -3.12 2.59 54.22
CA ALA B 282 -3.79 3.84 53.86
C ALA B 282 -3.01 5.04 54.35
N THR B 283 -2.57 4.99 55.62
CA THR B 283 -1.84 6.12 56.19
C THR B 283 -0.52 6.36 55.47
N GLN B 284 0.18 5.28 55.09
CA GLN B 284 1.51 5.43 54.53
C GLN B 284 1.52 5.49 53.01
N ASN B 285 0.70 4.69 52.33
CA ASN B 285 0.89 4.47 50.90
C ASN B 285 -0.03 5.31 50.02
N LEU B 286 -1.20 5.71 50.49
CA LEU B 286 -2.00 6.66 49.71
C LEU B 286 -1.27 7.99 49.50
N PRO B 287 -0.59 8.58 50.50
CA PRO B 287 0.25 9.75 50.19
C PRO B 287 1.42 9.43 49.27
N LYS B 288 2.00 8.23 49.37
CA LYS B 288 3.07 7.84 48.44
C LYS B 288 2.55 7.80 47.01
N LEU B 289 1.38 7.20 46.80
CA LEU B 289 0.80 7.13 45.46
C LEU B 289 0.55 8.52 44.91
N ALA B 290 -0.04 9.40 45.73
CA ALA B 290 -0.34 10.76 45.28
C ALA B 290 0.93 11.52 44.93
N LYS B 291 1.98 11.38 45.74
CA LYS B 291 3.24 12.06 45.43
C LYS B 291 3.87 11.50 44.17
N PHE B 292 3.78 10.18 43.97
CA PHE B 292 4.38 9.56 42.79
C PHE B 292 3.77 10.10 41.50
N LEU B 293 2.45 10.19 41.46
CA LEU B 293 1.78 10.79 40.30
C LEU B 293 2.29 12.21 40.05
N ARG B 294 2.44 12.99 41.12
CA ARG B 294 2.83 14.38 40.98
C ARG B 294 4.25 14.50 40.43
N ILE B 295 5.19 13.76 41.01
CA ILE B 295 6.59 13.92 40.60
C ILE B 295 6.85 13.25 39.26
N ALA B 296 6.10 12.19 38.93
CA ALA B 296 6.25 11.57 37.62
C ALA B 296 5.79 12.50 36.51
N LYS B 297 4.64 13.15 36.70
CA LYS B 297 4.15 14.08 35.69
C LYS B 297 5.06 15.28 35.57
N GLU B 298 5.56 15.80 36.70
CA GLU B 298 6.50 16.92 36.65
C GLU B 298 7.81 16.52 35.98
N ALA B 299 8.20 15.25 36.11
CA ALA B 299 9.41 14.76 35.47
C ALA B 299 9.25 14.52 33.98
N GLY B 300 8.02 14.60 33.45
CA GLY B 300 7.78 14.46 32.03
C GLY B 300 7.15 13.15 31.60
N TYR B 301 6.80 12.28 32.53
CA TYR B 301 6.06 11.08 32.18
C TYR B 301 4.59 11.41 31.94
N VAL B 302 3.96 10.59 31.11
CA VAL B 302 2.50 10.62 30.96
C VAL B 302 1.98 9.26 31.37
N PHE B 303 0.75 9.25 31.87
CA PHE B 303 0.10 8.02 32.30
C PHE B 303 -0.95 7.61 31.27
N ASP B 304 -1.01 6.31 31.00
CA ASP B 304 -1.96 5.77 30.04
C ASP B 304 -2.43 4.40 30.52
N THR B 305 -3.42 3.86 29.82
CA THR B 305 -4.04 2.59 30.17
C THR B 305 -3.64 1.51 29.17
N ILE B 306 -3.72 0.26 29.64
CA ILE B 306 -3.15 -0.86 28.89
C ILE B 306 -3.83 -1.04 27.54
N ASP B 307 -5.10 -0.64 27.42
CA ASP B 307 -5.79 -0.75 26.14
C ASP B 307 -5.12 0.08 25.05
N ASN B 308 -4.31 1.06 25.42
CA ASN B 308 -3.56 1.87 24.46
C ASN B 308 -2.10 1.45 24.35
N TYR B 309 -1.67 0.46 25.13
CA TYR B 309 -0.30 -0.06 25.03
C TYR B 309 0.01 -0.45 23.59
N THR B 310 -0.90 -1.19 22.95
CA THR B 310 -0.86 -1.35 21.50
C THR B 310 -1.76 -0.28 20.91
N PRO B 311 -1.24 0.68 20.15
CA PRO B 311 -2.06 1.84 19.75
C PRO B 311 -3.25 1.42 18.90
N VAL B 312 -4.38 2.06 19.14
CA VAL B 312 -5.57 1.84 18.32
C VAL B 312 -5.35 2.47 16.96
N TRP B 313 -5.72 1.73 15.90
CA TRP B 313 -5.65 2.26 14.54
C TRP B 313 -6.50 3.51 14.43
N GLN B 314 -5.98 4.51 13.73
CA GLN B 314 -6.65 5.80 13.61
C GLN B 314 -6.54 6.33 12.18
N VAL B 315 -7.67 6.83 11.68
CA VAL B 315 -7.67 7.52 10.40
C VAL B 315 -6.71 8.70 10.47
N GLY B 316 -5.90 8.86 9.43
CA GLY B 316 -4.99 9.99 9.33
C GLY B 316 -3.62 9.76 9.93
N ASN B 317 -3.43 8.71 10.71
CA ASN B 317 -2.12 8.41 11.26
C ASN B 317 -1.20 7.86 10.16
N ALA B 318 0.08 8.19 10.29
CA ALA B 318 1.10 7.63 9.41
C ALA B 318 1.65 6.37 10.04
N TYR B 319 1.76 5.31 9.25
CA TYR B 319 2.24 4.02 9.72
C TYR B 319 3.42 3.58 8.87
N ALA B 320 4.51 3.23 9.52
CA ALA B 320 5.65 2.61 8.85
C ALA B 320 5.43 1.11 8.75
N ALA B 321 6.08 0.49 7.78
CA ALA B 321 6.08 -0.96 7.69
C ALA B 321 6.58 -1.55 9.01
N GLY B 322 5.81 -2.49 9.55
CA GLY B 322 6.14 -3.10 10.82
C GLY B 322 5.50 -2.47 12.04
N ASP B 323 4.77 -1.37 11.88
CA ASP B 323 4.07 -0.77 12.99
C ASP B 323 2.90 -1.66 13.41
N TYR B 324 2.67 -1.74 14.73
CA TYR B 324 1.58 -2.54 15.27
C TYR B 324 0.45 -1.64 15.72
N VAL B 325 -0.78 -2.10 15.48
CA VAL B 325 -1.99 -1.45 15.98
C VAL B 325 -2.96 -2.54 16.41
N THR B 326 -3.98 -2.14 17.16
CA THR B 326 -5.19 -2.93 17.31
C THR B 326 -6.32 -2.25 16.56
N HIS B 327 -7.14 -3.06 15.89
CA HIS B 327 -8.35 -2.58 15.24
C HIS B 327 -9.48 -3.51 15.64
N SER B 328 -10.51 -2.95 16.29
CA SER B 328 -11.60 -3.74 16.84
C SER B 328 -11.08 -4.89 17.70
N GLY B 329 -10.04 -4.59 18.48
CA GLY B 329 -9.45 -5.54 19.40
C GLY B 329 -8.46 -6.51 18.82
N THR B 330 -8.26 -6.51 17.50
CA THR B 330 -7.33 -7.44 16.86
C THR B 330 -6.02 -6.74 16.53
N VAL B 331 -4.91 -7.41 16.81
CA VAL B 331 -3.58 -6.86 16.55
C VAL B 331 -3.26 -7.01 15.07
N TYR B 332 -2.77 -5.94 14.45
CA TYR B 332 -2.31 -5.96 13.08
C TYR B 332 -0.94 -5.33 12.97
N LYS B 333 -0.18 -5.74 11.95
CA LYS B 333 1.12 -5.16 11.66
C LYS B 333 1.11 -4.63 10.23
N ALA B 334 1.64 -3.42 10.06
CA ALA B 334 1.61 -2.75 8.76
C ALA B 334 2.52 -3.45 7.76
N VAL B 335 1.98 -3.76 6.58
CA VAL B 335 2.78 -4.36 5.53
C VAL B 335 3.62 -3.29 4.82
N THR B 336 3.01 -2.15 4.51
CA THR B 336 3.69 -1.08 3.79
C THR B 336 3.41 0.26 4.46
N ALA B 337 4.37 1.17 4.33
CA ALA B 337 4.21 2.52 4.85
C ALA B 337 3.09 3.23 4.09
N HIS B 338 2.19 3.88 4.84
CA HIS B 338 1.06 4.57 4.24
C HIS B 338 0.43 5.48 5.29
N ILE B 339 -0.47 6.33 4.83
CA ILE B 339 -1.29 7.15 5.70
C ILE B 339 -2.68 6.56 5.71
N ALA B 340 -3.18 6.24 6.91
CA ALA B 340 -4.47 5.56 7.02
C ALA B 340 -5.61 6.47 6.61
N GLN B 341 -6.54 5.91 5.84
CA GLN B 341 -7.79 6.56 5.49
C GLN B 341 -8.95 5.68 5.96
N GLN B 342 -10.14 6.26 5.97
CA GLN B 342 -11.27 5.63 6.65
C GLN B 342 -11.67 4.31 6.02
N ASP B 343 -11.43 4.14 4.71
CA ASP B 343 -11.81 2.91 4.02
C ASP B 343 -10.73 1.84 4.06
N TRP B 344 -9.57 2.13 4.63
CA TRP B 344 -8.41 1.23 4.59
C TRP B 344 -8.09 0.68 5.98
N ALA B 345 -9.13 0.41 6.77
CA ALA B 345 -8.92 -0.17 8.08
C ALA B 345 -8.37 -1.59 7.93
N PRO B 346 -7.59 -2.06 8.91
CA PRO B 346 -7.10 -3.44 8.86
C PRO B 346 -8.25 -4.43 8.80
N SER B 347 -8.01 -5.54 8.10
CA SER B 347 -9.03 -6.56 7.91
C SER B 347 -8.35 -7.84 7.48
N SER B 348 -9.15 -8.91 7.35
CA SER B 348 -8.66 -10.21 6.93
C SER B 348 -8.30 -10.28 5.46
N THR B 349 -8.60 -9.23 4.68
CA THR B 349 -8.21 -9.17 3.27
C THR B 349 -7.40 -7.93 2.94
N SER B 350 -7.04 -7.12 3.94
CA SER B 350 -6.27 -5.92 3.69
C SER B 350 -4.88 -6.27 3.16
N SER B 351 -4.45 -5.55 2.12
CA SER B 351 -3.08 -5.68 1.64
C SER B 351 -2.12 -4.79 2.40
N LEU B 352 -2.63 -3.86 3.22
CA LEU B 352 -1.79 -2.96 3.98
C LEU B 352 -1.42 -3.49 5.35
N TRP B 353 -2.14 -4.51 5.84
CA TRP B 353 -1.92 -5.04 7.17
C TRP B 353 -1.98 -6.56 7.13
N THR B 354 -1.29 -7.19 8.08
CA THR B 354 -1.50 -8.59 8.38
C THR B 354 -1.91 -8.73 9.84
N ASN B 355 -2.78 -9.71 10.10
CA ASN B 355 -3.12 -10.07 11.46
C ASN B 355 -1.88 -10.54 12.21
N ALA B 356 -1.63 -9.93 13.37
CA ALA B 356 -0.49 -10.31 14.20
C ALA B 356 -0.91 -10.62 15.62
N ASP B 357 -2.12 -11.18 15.77
CA ASP B 357 -2.57 -11.64 17.08
C ASP B 357 -1.60 -12.67 17.65
N PRO B 358 -1.44 -12.71 18.98
CA PRO B 358 -0.56 -13.72 19.58
C PRO B 358 -1.17 -15.12 19.62
N ALA B 359 -2.25 -15.31 18.87
CA ALA B 359 -2.94 -16.58 18.83
C ALA B 359 -2.18 -17.60 17.98
N THR B 360 -2.56 -18.87 18.11
CA THR B 360 -1.94 -19.93 17.35
C THR B 360 -2.92 -20.73 16.50
N ASN B 361 -4.22 -20.48 16.62
CA ASN B 361 -5.16 -21.02 15.65
C ASN B 361 -4.86 -20.47 14.27
N TRP B 362 -5.06 -21.29 13.24
CA TRP B 362 -4.88 -20.82 11.88
C TRP B 362 -5.86 -19.68 11.60
N THR B 363 -5.34 -18.59 11.04
CA THR B 363 -6.08 -17.35 10.90
C THR B 363 -5.78 -16.75 9.54
N LEU B 364 -6.76 -16.06 8.97
CA LEU B 364 -6.58 -15.44 7.66
C LEU B 364 -5.66 -14.24 7.75
N ASN B 365 -4.87 -14.04 6.69
CA ASN B 365 -4.05 -12.84 6.51
C ASN B 365 -2.98 -12.71 7.60
N VAL B 366 -2.41 -13.85 8.00
CA VAL B 366 -1.29 -13.87 8.93
C VAL B 366 -0.03 -14.17 8.15
N SER B 367 1.04 -13.42 8.45
CA SER B 367 2.35 -13.68 7.85
C SER B 367 3.02 -14.81 8.61
N TYR B 368 2.88 -16.03 8.10
CA TYR B 368 3.43 -17.20 8.77
C TYR B 368 4.88 -17.43 8.35
N GLU B 369 5.65 -17.96 9.30
CA GLU B 369 7.05 -18.30 9.08
C GLU B 369 7.21 -19.82 9.20
N ALA B 370 8.16 -20.36 8.43
CA ALA B 370 8.51 -21.76 8.59
C ALA B 370 8.90 -22.02 10.04
N GLY B 371 8.32 -23.07 10.62
CA GLY B 371 8.49 -23.37 12.01
C GLY B 371 7.29 -23.03 12.88
N ASP B 372 6.45 -22.09 12.43
CA ASP B 372 5.20 -21.83 13.12
C ASP B 372 4.34 -23.09 13.15
N VAL B 373 3.55 -23.22 14.21
CA VAL B 373 2.58 -24.29 14.35
C VAL B 373 1.20 -23.67 14.50
N VAL B 374 0.26 -24.13 13.67
CA VAL B 374 -1.11 -23.64 13.71
C VAL B 374 -2.04 -24.80 14.04
N THR B 375 -3.21 -24.45 14.57
CA THR B 375 -4.27 -25.42 14.85
C THR B 375 -5.46 -25.09 13.97
N TYR B 376 -6.03 -26.10 13.33
CA TYR B 376 -7.13 -25.92 12.39
C TYR B 376 -7.96 -27.20 12.38
N GLN B 377 -9.26 -27.06 12.67
CA GLN B 377 -10.18 -28.19 12.75
C GLN B 377 -9.68 -29.23 13.76
N GLY B 378 -9.12 -28.76 14.87
CA GLY B 378 -8.63 -29.61 15.92
C GLY B 378 -7.33 -30.33 15.63
N LEU B 379 -6.66 -30.02 14.54
CA LEU B 379 -5.39 -30.64 14.17
C LEU B 379 -4.29 -29.59 14.14
N ARG B 380 -3.09 -29.99 14.55
CA ARG B 380 -1.94 -29.11 14.55
C ARG B 380 -1.12 -29.32 13.29
N TYR B 381 -0.66 -28.22 12.70
CA TYR B 381 0.12 -28.26 11.46
C TYR B 381 1.38 -27.43 11.61
N LEU B 382 2.48 -27.94 11.07
CA LEU B 382 3.73 -27.20 10.98
C LEU B 382 3.77 -26.41 9.68
N VAL B 383 4.23 -25.17 9.76
CA VAL B 383 4.40 -24.34 8.56
C VAL B 383 5.74 -24.70 7.93
N ASN B 384 5.71 -25.16 6.68
CA ASN B 384 6.92 -25.52 5.95
C ASN B 384 7.51 -24.34 5.19
N VAL B 385 6.65 -23.46 4.67
CA VAL B 385 7.07 -22.40 3.76
C VAL B 385 6.48 -21.08 4.24
N PRO B 386 7.28 -20.02 4.34
CA PRO B 386 6.73 -18.72 4.73
C PRO B 386 5.75 -18.22 3.68
N HIS B 387 4.64 -17.65 4.16
CA HIS B 387 3.57 -17.18 3.30
C HIS B 387 2.56 -16.41 4.14
N VAL B 388 1.71 -15.65 3.46
CA VAL B 388 0.58 -14.96 4.08
C VAL B 388 -0.66 -15.81 3.83
N SER B 389 -1.35 -16.18 4.90
CA SER B 389 -2.50 -17.05 4.79
C SER B 389 -3.65 -16.36 4.07
N GLN B 390 -4.40 -17.15 3.31
CA GLN B 390 -5.62 -16.68 2.66
C GLN B 390 -6.62 -17.82 2.66
N ALA B 391 -7.85 -17.52 2.24
CA ALA B 391 -8.99 -18.37 2.52
C ALA B 391 -8.85 -19.75 1.87
N ASP B 392 -8.28 -19.81 0.67
CA ASP B 392 -8.16 -21.08 -0.03
C ASP B 392 -6.89 -21.84 0.31
N TRP B 393 -6.02 -21.28 1.14
CA TRP B 393 -4.79 -21.95 1.55
C TRP B 393 -4.92 -22.57 2.95
N THR B 394 -6.03 -23.26 3.18
CA THR B 394 -6.26 -23.91 4.46
C THR B 394 -5.22 -25.02 4.68
N PRO B 395 -4.82 -25.26 5.93
CA PRO B 395 -3.77 -26.24 6.19
C PRO B 395 -4.08 -27.65 5.68
N ASN B 396 -5.35 -28.07 5.72
CA ASN B 396 -5.66 -29.45 5.34
C ASN B 396 -5.58 -29.67 3.84
N THR B 397 -5.62 -28.62 3.02
CA THR B 397 -5.56 -28.76 1.58
C THR B 397 -4.22 -28.38 0.98
N GLN B 398 -3.30 -27.81 1.77
CA GLN B 398 -2.03 -27.29 1.25
C GLN B 398 -0.89 -28.08 1.88
N ASN B 399 -0.50 -29.18 1.23
CA ASN B 399 0.54 -30.05 1.77
C ASN B 399 1.94 -29.45 1.64
N THR B 400 2.14 -28.53 0.69
CA THR B 400 3.44 -27.87 0.58
C THR B 400 3.62 -26.83 1.67
N LEU B 401 2.56 -26.06 1.98
CA LEU B 401 2.67 -25.01 2.98
C LEU B 401 2.65 -25.59 4.39
N PHE B 402 1.87 -26.65 4.62
CA PHE B 402 1.66 -27.18 5.95
C PHE B 402 1.89 -28.69 5.96
N THR B 403 2.36 -29.18 7.10
CA THR B 403 2.49 -30.61 7.34
C THR B 403 1.80 -30.93 8.66
N ALA B 404 0.79 -31.80 8.59
CA ALA B 404 0.08 -32.21 9.80
C ALA B 404 1.03 -32.92 10.76
N LEU B 405 0.91 -32.60 12.05
CA LEU B 405 1.78 -33.21 13.06
C LEU B 405 1.21 -34.54 13.53
N THR C 2 10.02 4.70 16.82
CA THR C 2 9.64 6.11 16.75
C THR C 2 9.77 6.62 15.32
N ALA C 3 8.87 7.53 14.93
CA ALA C 3 8.88 8.03 13.56
C ALA C 3 9.82 9.23 13.42
N PRO C 4 10.46 9.36 12.27
CA PRO C 4 11.30 10.54 12.03
C PRO C 4 10.46 11.81 12.00
N LYS C 5 11.07 12.91 12.43
CA LYS C 5 10.38 14.20 12.42
C LYS C 5 10.32 14.79 11.02
N GLY C 6 11.29 14.48 10.17
CA GLY C 6 11.30 15.02 8.83
C GLY C 6 12.38 14.39 7.98
N THR C 7 12.47 14.87 6.75
CA THR C 7 13.42 14.37 5.76
C THR C 7 14.31 15.50 5.28
N ILE C 8 15.63 15.30 5.37
CA ILE C 8 16.60 16.26 4.89
C ILE C 8 17.10 15.80 3.53
N TYR C 9 17.06 16.69 2.55
CA TYR C 9 17.64 16.44 1.23
C TYR C 9 18.94 17.22 1.15
N LEU C 10 20.06 16.55 1.39
CA LEU C 10 21.37 17.16 1.28
C LEU C 10 21.73 17.29 -0.19
N THR C 11 21.92 18.52 -0.66
CA THR C 11 22.23 18.78 -2.07
C THR C 11 23.51 19.60 -2.16
N PHE C 12 24.37 19.23 -3.11
CA PHE C 12 25.66 19.86 -3.30
C PHE C 12 25.75 20.40 -4.72
N ASP C 13 26.15 21.66 -4.86
CA ASP C 13 26.19 22.36 -6.13
C ASP C 13 27.63 22.60 -6.59
N ASP C 14 27.79 22.62 -7.92
CA ASP C 14 28.95 23.15 -8.66
C ASP C 14 30.11 22.18 -8.79
N GLY C 15 29.96 20.92 -8.41
CA GLY C 15 30.92 19.91 -8.75
C GLY C 15 30.78 19.50 -10.21
N PRO C 16 31.49 18.45 -10.63
CA PRO C 16 32.43 17.64 -9.86
C PRO C 16 33.83 18.24 -9.81
N ILE C 17 34.37 18.38 -8.61
CA ILE C 17 35.72 18.88 -8.42
C ILE C 17 36.44 17.95 -7.46
N ASN C 18 37.73 18.22 -7.26
CA ASN C 18 38.54 17.36 -6.37
C ASN C 18 37.92 17.29 -4.98
N ALA C 19 37.41 18.40 -4.46
CA ALA C 19 36.82 18.42 -3.14
C ALA C 19 35.55 17.58 -3.05
N SER C 20 34.91 17.29 -4.19
CA SER C 20 33.73 16.43 -4.16
C SER C 20 34.07 15.05 -3.61
N ILE C 21 35.28 14.56 -3.89
CA ILE C 21 35.70 13.25 -3.40
C ILE C 21 35.71 13.22 -1.87
N ASP C 22 36.21 14.29 -1.25
CA ASP C 22 36.25 14.34 0.21
C ASP C 22 34.85 14.44 0.80
N VAL C 23 33.98 15.22 0.16
CA VAL C 23 32.59 15.33 0.63
C VAL C 23 31.89 13.99 0.52
N ILE C 24 32.05 13.31 -0.63
CA ILE C 24 31.41 12.01 -0.84
C ILE C 24 31.94 10.99 0.16
N ASN C 25 33.26 11.02 0.41
CA ASN C 25 33.84 10.09 1.39
C ASN C 25 33.23 10.28 2.76
N VAL C 26 32.97 11.54 3.16
CA VAL C 26 32.35 11.80 4.45
C VAL C 26 30.94 11.21 4.49
N LEU C 27 30.16 11.45 3.43
CA LEU C 27 28.82 10.89 3.37
C LEU C 27 28.85 9.36 3.39
N ASN C 28 29.78 8.76 2.64
CA ASN C 28 29.82 7.31 2.54
C ASN C 28 30.18 6.65 3.86
N GLU C 29 30.94 7.34 4.72
CA GLU C 29 31.27 6.78 6.02
C GLU C 29 30.01 6.50 6.84
N GLN C 30 28.96 7.28 6.63
CA GLN C 30 27.71 7.12 7.39
C GLN C 30 26.56 6.65 6.52
N GLY C 31 26.83 6.24 5.28
CA GLY C 31 25.80 5.71 4.41
C GLY C 31 24.78 6.71 3.91
N VAL C 32 25.06 8.00 4.05
CA VAL C 32 24.15 9.05 3.64
C VAL C 32 24.32 9.32 2.15
N LYS C 33 23.20 9.41 1.43
CA LYS C 33 23.20 9.70 0.01
C LYS C 33 22.85 11.16 -0.22
N GLY C 34 23.62 11.85 -1.06
CA GLY C 34 23.36 13.22 -1.42
C GLY C 34 22.95 13.35 -2.88
N THR C 35 22.45 14.54 -3.20
CA THR C 35 22.14 14.92 -4.57
C THR C 35 23.15 15.94 -5.04
N PHE C 36 23.75 15.71 -6.20
CA PHE C 36 24.84 16.53 -6.70
C PHE C 36 24.42 17.20 -8.00
N TYR C 37 24.32 18.53 -7.97
CA TYR C 37 23.99 19.32 -9.15
C TYR C 37 25.31 19.73 -9.81
N PHE C 38 25.65 19.04 -10.89
CA PHE C 38 26.99 19.09 -11.48
C PHE C 38 27.06 20.02 -12.68
N ASN C 39 28.24 20.61 -12.87
CA ASN C 39 28.56 21.40 -14.06
C ASN C 39 29.70 20.69 -14.78
N ALA C 40 29.44 20.23 -16.01
CA ALA C 40 30.42 19.37 -16.69
C ALA C 40 31.64 20.13 -17.18
N TRP C 41 31.66 21.46 -17.12
CA TRP C 41 32.85 22.17 -17.58
C TRP C 41 34.06 21.88 -16.68
N HIS C 42 33.81 21.40 -15.46
CA HIS C 42 34.91 20.93 -14.62
C HIS C 42 35.59 19.70 -15.21
N LEU C 43 34.81 18.82 -15.87
CA LEU C 43 35.41 17.68 -16.55
C LEU C 43 36.33 18.15 -17.68
N ASP C 44 36.00 19.26 -18.33
CA ASP C 44 36.84 19.83 -19.38
C ASP C 44 38.02 20.62 -18.84
N GLY C 45 38.14 20.78 -17.53
CA GLY C 45 39.26 21.48 -16.95
C GLY C 45 39.26 22.98 -17.11
N ILE C 46 38.10 23.59 -17.34
CA ILE C 46 38.01 25.02 -17.57
C ILE C 46 37.15 25.73 -16.53
N GLY C 47 36.81 25.05 -15.43
CA GLY C 47 35.98 25.59 -14.38
C GLY C 47 36.70 26.36 -13.30
N ASP C 48 38.02 26.53 -13.42
CA ASP C 48 38.80 27.35 -12.50
C ASP C 48 38.72 26.85 -11.06
N GLU C 49 38.66 25.54 -10.90
CA GLU C 49 38.79 24.90 -9.60
C GLU C 49 39.86 23.80 -9.71
N ASN C 50 40.26 23.28 -8.56
CA ASN C 50 41.06 22.05 -8.54
C ASN C 50 40.15 20.93 -9.03
N GLU C 51 40.31 20.54 -10.30
CA GLU C 51 39.35 19.64 -10.91
C GLU C 51 40.01 18.55 -11.75
N ASP C 52 41.29 18.23 -11.52
CA ASP C 52 41.94 17.17 -12.28
C ASP C 52 41.34 15.81 -11.98
N ARG C 53 40.71 15.63 -10.81
CA ARG C 53 40.05 14.39 -10.43
C ARG C 53 38.54 14.48 -10.58
N ALA C 54 38.06 15.36 -11.46
CA ALA C 54 36.62 15.57 -11.61
C ALA C 54 35.93 14.31 -12.10
N LEU C 55 36.53 13.61 -13.06
CA LEU C 55 35.92 12.38 -13.56
C LEU C 55 35.93 11.29 -12.50
N GLU C 56 37.01 11.20 -11.72
CA GLU C 56 37.03 10.30 -10.57
C GLU C 56 35.91 10.63 -9.59
N ALA C 57 35.64 11.93 -9.40
CA ALA C 57 34.56 12.33 -8.50
C ALA C 57 33.20 11.93 -9.05
N LEU C 58 32.99 12.14 -10.35
CA LEU C 58 31.73 11.76 -10.98
C LEU C 58 31.48 10.27 -10.85
N LYS C 59 32.50 9.45 -11.10
CA LYS C 59 32.37 8.01 -10.95
C LYS C 59 32.09 7.62 -9.51
N LEU C 60 32.79 8.24 -8.55
CA LEU C 60 32.60 7.90 -7.15
C LEU C 60 31.17 8.18 -6.71
N ALA C 61 30.63 9.35 -7.08
CA ALA C 61 29.26 9.69 -6.73
C ALA C 61 28.28 8.64 -7.26
N LEU C 62 28.44 8.25 -8.53
CA LEU C 62 27.54 7.27 -9.12
C LEU C 62 27.76 5.88 -8.52
N ASP C 63 29.02 5.49 -8.35
CA ASP C 63 29.32 4.14 -7.89
C ASP C 63 28.90 3.89 -6.45
N THR C 64 28.77 4.94 -5.63
CA THR C 64 28.41 4.79 -4.23
C THR C 64 26.99 5.25 -3.94
N GLY C 65 26.17 5.43 -4.98
CA GLY C 65 24.73 5.55 -4.80
C GLY C 65 24.19 6.95 -4.70
N HIS C 66 24.98 7.98 -5.00
CA HIS C 66 24.49 9.34 -4.93
C HIS C 66 23.83 9.73 -6.25
N VAL C 67 22.89 10.67 -6.17
CA VAL C 67 22.11 11.09 -7.32
C VAL C 67 22.81 12.26 -8.00
N VAL C 68 22.99 12.16 -9.31
CA VAL C 68 23.63 13.19 -10.10
C VAL C 68 22.57 13.93 -10.91
N ALA C 69 22.52 15.24 -10.78
CA ALA C 69 21.51 16.06 -11.43
C ALA C 69 22.20 17.15 -12.26
N ASN C 70 21.39 17.94 -12.96
CA ASN C 70 21.86 18.85 -13.99
C ASN C 70 21.88 20.28 -13.47
N HIS C 71 23.06 20.91 -13.51
CA HIS C 71 23.24 22.30 -13.07
C HIS C 71 23.70 23.20 -14.21
N SER C 72 23.63 22.72 -15.46
CA SER C 72 24.07 23.38 -16.69
C SER C 72 25.57 23.20 -16.89
N TYR C 73 26.03 23.34 -18.14
CA TYR C 73 27.39 22.97 -18.49
C TYR C 73 28.42 23.84 -17.77
N ALA C 74 28.24 25.16 -17.83
CA ALA C 74 29.26 26.08 -17.34
C ALA C 74 28.69 27.12 -16.39
N HIS C 75 27.57 26.81 -15.73
CA HIS C 75 27.04 27.64 -14.64
C HIS C 75 26.71 29.05 -15.11
N MET C 76 26.28 29.19 -16.37
CA MET C 76 25.93 30.46 -17.00
C MET C 76 27.10 31.44 -17.04
N VAL C 77 28.33 30.94 -16.95
CA VAL C 77 29.49 31.83 -16.98
C VAL C 77 29.70 32.43 -18.36
N HIS C 78 29.14 31.81 -19.41
CA HIS C 78 29.21 32.41 -20.75
C HIS C 78 28.55 33.78 -20.78
N ASN C 79 27.59 34.02 -19.89
CA ASN C 79 26.94 35.32 -19.76
C ASN C 79 27.73 36.31 -18.91
N CYS C 80 28.84 35.88 -18.32
CA CYS C 80 29.67 36.72 -17.48
C CYS C 80 30.81 37.38 -18.23
N VAL C 81 31.10 36.93 -19.46
CA VAL C 81 32.25 37.39 -20.23
C VAL C 81 31.79 37.75 -21.63
N ASP C 82 32.68 38.43 -22.37
CA ASP C 82 32.33 38.84 -23.73
C ASP C 82 32.34 37.66 -24.70
N GLU C 83 33.31 36.77 -24.57
CA GLU C 83 33.37 35.58 -25.42
C GLU C 83 33.77 34.39 -24.56
N PHE C 84 32.88 33.41 -24.47
CA PHE C 84 33.12 32.25 -23.61
C PHE C 84 34.22 31.37 -24.21
N GLY C 85 35.16 30.97 -23.37
CA GLY C 85 36.25 30.12 -23.76
C GLY C 85 36.85 29.41 -22.56
N PRO C 86 38.00 28.78 -22.75
CA PRO C 86 38.62 28.03 -21.64
C PRO C 86 38.96 28.89 -20.45
N THR C 87 39.19 30.19 -20.64
CA THR C 87 39.63 31.08 -19.58
C THR C 87 38.49 31.84 -18.92
N SER C 88 37.24 31.61 -19.34
CA SER C 88 36.13 32.43 -18.87
C SER C 88 35.88 32.24 -17.38
N GLY C 89 35.96 31.00 -16.90
CA GLY C 89 35.76 30.75 -15.48
C GLY C 89 36.73 31.51 -14.61
N ALA C 90 37.99 31.58 -15.02
CA ALA C 90 38.98 32.35 -14.28
C ALA C 90 38.68 33.85 -14.35
N GLU C 91 38.33 34.34 -15.54
CA GLU C 91 38.05 35.77 -15.70
C GLU C 91 36.85 36.20 -14.84
N CYS C 92 35.77 35.41 -14.86
CA CYS C 92 34.60 35.76 -14.07
C CYS C 92 34.90 35.70 -12.58
N ASN C 93 35.80 34.80 -12.16
CA ASN C 93 36.21 34.78 -10.75
C ASN C 93 37.00 36.02 -10.37
N ALA C 94 37.76 36.57 -11.32
CA ALA C 94 38.51 37.79 -11.03
C ALA C 94 37.60 39.00 -10.86
N THR C 95 36.45 39.01 -11.56
CA THR C 95 35.51 40.11 -11.44
C THR C 95 34.45 39.86 -10.38
N GLY C 96 34.10 38.60 -10.13
CA GLY C 96 33.02 38.29 -9.21
C GLY C 96 31.66 38.67 -9.71
N ASP C 97 31.51 38.87 -11.02
CA ASP C 97 30.26 39.35 -11.62
C ASP C 97 29.33 38.22 -12.05
N HIS C 98 29.36 37.08 -11.35
CA HIS C 98 28.60 35.91 -11.78
C HIS C 98 27.11 36.23 -11.86
N GLN C 99 26.58 37.00 -10.91
CA GLN C 99 25.15 37.26 -10.84
C GLN C 99 24.69 38.36 -11.79
N ILE C 100 25.59 39.07 -12.44
CA ILE C 100 25.23 40.20 -13.29
C ILE C 100 25.01 39.69 -14.71
N ASN C 101 23.81 39.93 -15.24
CA ASN C 101 23.42 39.44 -16.57
C ASN C 101 23.60 37.93 -16.69
N ALA C 102 23.39 37.22 -15.58
CA ALA C 102 23.65 35.78 -15.55
C ALA C 102 22.77 35.03 -16.55
N TYR C 103 21.60 35.57 -16.86
CA TYR C 103 20.72 35.01 -17.87
C TYR C 103 20.40 36.09 -18.89
N GLN C 104 20.57 35.77 -20.17
CA GLN C 104 20.34 36.74 -21.23
C GLN C 104 19.42 36.16 -22.30
N ASP C 105 19.93 35.27 -23.14
CA ASP C 105 19.12 34.54 -24.11
C ASP C 105 18.64 33.25 -23.45
N PRO C 106 17.38 33.19 -23.02
CA PRO C 106 16.92 31.99 -22.30
C PRO C 106 16.95 30.73 -23.15
N VAL C 107 16.72 30.83 -24.45
CA VAL C 107 16.81 29.65 -25.32
C VAL C 107 18.21 29.08 -25.30
N TYR C 108 19.22 29.93 -25.46
CA TYR C 108 20.59 29.46 -25.39
C TYR C 108 20.93 29.00 -23.98
N ASP C 109 20.55 29.79 -22.97
CA ASP C 109 20.86 29.44 -21.58
C ASP C 109 20.29 28.06 -21.23
N ALA C 110 19.04 27.80 -21.64
CA ALA C 110 18.46 26.49 -21.38
C ALA C 110 19.20 25.39 -22.12
N SER C 111 19.75 25.70 -23.30
CA SER C 111 20.43 24.68 -24.09
C SER C 111 21.74 24.23 -23.44
N THR C 112 22.30 25.00 -22.52
CA THR C 112 23.51 24.55 -21.84
C THR C 112 23.22 23.46 -20.80
N PHE C 113 21.95 23.26 -20.44
CA PHE C 113 21.60 22.08 -19.65
C PHE C 113 21.66 20.82 -20.53
N ALA C 114 21.26 20.94 -21.79
CA ALA C 114 21.37 19.82 -22.71
C ALA C 114 22.84 19.55 -23.07
N ASP C 115 23.62 20.62 -23.26
CA ASP C 115 25.05 20.45 -23.49
C ASP C 115 25.72 19.74 -22.31
N ASN C 116 25.26 20.03 -21.09
CA ASN C 116 25.79 19.39 -19.90
C ASN C 116 25.73 17.86 -20.03
N LEU C 117 24.59 17.35 -20.50
CA LEU C 117 24.42 15.90 -20.59
C LEU C 117 25.27 15.30 -21.69
N VAL C 118 25.51 16.05 -22.78
CA VAL C 118 26.39 15.56 -23.83
C VAL C 118 27.80 15.35 -23.29
N VAL C 119 28.27 16.28 -22.46
CA VAL C 119 29.63 16.18 -21.94
C VAL C 119 29.72 15.06 -20.90
N PHE C 120 28.70 14.92 -20.06
CA PHE C 120 28.64 13.78 -19.14
C PHE C 120 28.79 12.46 -19.87
N GLU C 121 27.97 12.26 -20.91
CA GLU C 121 27.97 11.01 -21.65
C GLU C 121 29.25 10.81 -22.46
N ARG C 122 29.98 11.88 -22.76
CA ARG C 122 31.25 11.72 -23.47
C ARG C 122 32.36 11.26 -22.52
N TYR C 123 32.40 11.80 -21.31
CA TYR C 123 33.42 11.41 -20.35
C TYR C 123 33.12 10.07 -19.69
N LEU C 124 31.85 9.73 -19.53
CA LEU C 124 31.44 8.48 -18.88
C LEU C 124 30.36 7.84 -19.75
N PRO C 125 30.75 7.06 -20.75
CA PRO C 125 29.77 6.57 -21.74
C PRO C 125 28.70 5.65 -21.16
N ASN C 126 28.94 5.01 -20.01
CA ASN C 126 27.96 4.12 -19.40
C ASN C 126 27.12 4.82 -18.34
N ILE C 127 27.08 6.14 -18.34
CA ILE C 127 26.45 6.86 -17.24
C ILE C 127 24.95 6.57 -17.17
N ASN C 128 24.30 6.35 -18.30
CA ASN C 128 22.86 6.09 -18.27
C ASN C 128 22.54 4.65 -17.90
N SER C 129 23.54 3.82 -17.59
CA SER C 129 23.29 2.53 -16.98
C SER C 129 23.19 2.62 -15.46
N TYR C 130 23.38 3.81 -14.90
CA TYR C 130 23.25 4.01 -13.46
C TYR C 130 21.83 4.45 -13.13
N PRO C 131 21.12 3.75 -12.25
CA PRO C 131 19.77 4.21 -11.89
C PRO C 131 19.77 5.50 -11.10
N ASN C 132 20.90 5.91 -10.52
CA ASN C 132 20.98 7.16 -9.78
C ASN C 132 21.44 8.33 -10.64
N TYR C 133 21.57 8.14 -11.95
CA TYR C 133 21.86 9.24 -12.87
C TYR C 133 20.55 9.89 -13.30
N PHE C 134 20.30 11.10 -12.82
CA PHE C 134 19.08 11.83 -13.13
C PHE C 134 19.38 13.12 -13.88
N GLY C 135 20.43 13.12 -14.70
CA GLY C 135 20.82 14.33 -15.40
C GLY C 135 19.75 14.86 -16.33
N GLU C 136 18.88 13.99 -16.82
CA GLU C 136 17.85 14.38 -17.78
C GLU C 136 16.53 14.78 -17.14
N GLU C 137 16.37 14.57 -15.84
CA GLU C 137 15.06 14.77 -15.20
C GLU C 137 15.08 15.71 -14.00
N LEU C 138 16.23 15.94 -13.37
CA LEU C 138 16.33 16.84 -12.24
C LEU C 138 17.33 17.95 -12.57
N ALA C 139 16.96 19.19 -12.26
CA ALA C 139 17.81 20.32 -12.55
C ALA C 139 17.70 21.34 -11.43
N ARG C 140 18.61 22.31 -11.45
CA ARG C 140 18.58 23.47 -10.57
C ARG C 140 19.28 24.60 -11.28
N LEU C 141 18.64 25.75 -11.34
CA LEU C 141 19.23 26.86 -12.07
C LEU C 141 20.36 27.50 -11.26
N PRO C 142 21.49 27.80 -11.89
CA PRO C 142 22.52 28.60 -11.21
C PRO C 142 21.94 29.87 -10.61
N TYR C 143 22.30 30.13 -9.36
CA TYR C 143 22.04 31.35 -8.61
C TYR C 143 20.59 31.52 -8.17
N THR C 144 19.70 30.59 -8.51
CA THR C 144 18.27 30.87 -8.52
C THR C 144 17.51 29.84 -7.69
N ASN C 145 16.83 30.32 -6.64
CA ASN C 145 15.93 29.48 -5.83
C ASN C 145 14.58 29.40 -6.53
N GLY C 146 14.56 28.66 -7.63
CA GLY C 146 13.37 28.48 -8.44
C GLY C 146 12.93 27.03 -8.47
N TRP C 147 11.62 26.82 -8.51
CA TRP C 147 11.03 25.49 -8.38
C TRP C 147 10.06 25.21 -9.53
N ARG C 148 10.15 23.99 -10.07
CA ARG C 148 9.18 23.47 -11.03
C ARG C 148 8.95 22.01 -10.64
N ILE C 149 7.93 21.78 -9.82
CA ILE C 149 7.68 20.47 -9.21
C ILE C 149 6.44 19.81 -9.81
N THR C 150 5.29 20.48 -9.73
CA THR C 150 4.07 20.01 -10.35
C THR C 150 3.42 21.18 -11.08
N LYS C 151 2.31 20.87 -11.76
CA LYS C 151 1.50 21.88 -12.41
C LYS C 151 1.11 23.01 -11.46
N ASP C 152 0.94 22.70 -10.18
CA ASP C 152 0.48 23.66 -9.18
C ASP C 152 1.53 23.92 -8.10
N PHE C 153 2.79 23.60 -8.37
CA PHE C 153 3.89 23.75 -7.41
C PHE C 153 5.06 24.36 -8.19
N LYS C 154 5.10 25.69 -8.24
CA LYS C 154 6.16 26.42 -8.92
C LYS C 154 6.53 27.66 -8.11
N ALA C 155 7.75 28.13 -8.32
CA ALA C 155 8.23 29.34 -7.68
C ALA C 155 9.41 29.87 -8.49
N ASP C 156 9.67 31.16 -8.35
CA ASP C 156 10.76 31.81 -9.06
C ASP C 156 11.51 32.73 -8.10
N GLY C 157 12.83 32.70 -8.19
CA GLY C 157 13.66 33.67 -7.50
C GLY C 157 13.63 35.00 -8.22
N LEU C 158 12.78 35.93 -7.76
CA LEU C 158 12.59 37.19 -8.45
C LEU C 158 13.72 38.18 -8.22
N CYS C 159 14.65 37.89 -7.30
CA CYS C 159 15.80 38.74 -7.06
C CYS C 159 17.11 37.98 -7.23
N ALA C 160 17.06 36.81 -7.86
CA ALA C 160 18.21 35.90 -7.87
C ALA C 160 19.41 36.52 -8.60
N THR C 161 19.18 37.09 -9.77
CA THR C 161 20.24 37.67 -10.58
C THR C 161 19.86 39.10 -10.95
N SER C 162 20.83 39.84 -11.48
CA SER C 162 20.71 41.28 -11.60
C SER C 162 21.13 41.78 -12.97
N ASP C 163 20.69 43.00 -13.28
CA ASP C 163 21.12 43.73 -14.47
C ASP C 163 22.21 44.75 -14.17
N ASP C 164 22.62 44.90 -12.92
CA ASP C 164 23.54 45.97 -12.55
C ASP C 164 24.45 45.61 -11.38
N LEU C 165 23.91 45.58 -10.17
CA LEU C 165 24.70 45.41 -8.96
C LEU C 165 24.62 43.99 -8.44
N LYS C 166 25.69 43.56 -7.78
CA LYS C 166 25.66 42.28 -7.09
C LYS C 166 24.68 42.35 -5.92
N PRO C 167 24.01 41.24 -5.61
CA PRO C 167 22.93 41.28 -4.60
C PRO C 167 23.42 41.65 -3.21
N TRP C 168 24.70 41.45 -2.90
CA TRP C 168 25.23 41.79 -1.58
C TRP C 168 25.80 43.20 -1.53
N GLU C 169 25.88 43.90 -2.66
CA GLU C 169 26.42 45.24 -2.60
C GLU C 169 25.36 46.22 -2.08
N PRO C 170 25.78 47.23 -1.33
CA PRO C 170 24.83 48.27 -0.92
C PRO C 170 24.33 49.05 -2.13
N GLY C 171 23.04 49.36 -2.11
CA GLY C 171 22.39 49.97 -3.25
C GLY C 171 21.71 48.98 -4.17
N TYR C 172 21.93 47.68 -3.97
CA TYR C 172 21.16 46.68 -4.70
C TYR C 172 19.69 46.81 -4.33
N VAL C 173 18.84 46.91 -5.34
CA VAL C 173 17.40 47.07 -5.16
C VAL C 173 16.70 46.04 -6.02
N CYS C 174 15.72 45.35 -5.44
CA CYS C 174 14.89 44.40 -6.16
C CYS C 174 13.46 44.93 -6.18
N ASP C 175 12.85 44.94 -7.37
CA ASP C 175 11.46 45.34 -7.54
C ASP C 175 10.69 44.09 -7.97
N LEU C 176 9.88 43.55 -7.06
CA LEU C 176 9.14 42.33 -7.35
C LEU C 176 8.15 42.52 -8.51
N ASP C 177 7.66 43.75 -8.69
CA ASP C 177 6.73 44.03 -9.79
C ASP C 177 7.45 44.31 -11.10
N ASN C 178 8.73 44.64 -11.06
CA ASN C 178 9.52 44.91 -12.26
C ASN C 178 10.86 44.18 -12.14
N PRO C 179 10.87 42.86 -12.29
CA PRO C 179 12.10 42.11 -12.11
C PRO C 179 13.13 42.45 -13.18
N SER C 180 14.39 42.18 -12.86
CA SER C 180 15.48 42.43 -13.80
C SER C 180 15.31 41.58 -15.05
N ASN C 181 15.96 42.02 -16.14
CA ASN C 181 15.94 41.25 -17.37
C ASN C 181 16.55 39.86 -17.15
N SER C 182 17.60 39.78 -16.33
CA SER C 182 18.22 38.49 -16.05
C SER C 182 17.24 37.53 -15.38
N VAL C 183 16.48 38.02 -14.41
CA VAL C 183 15.50 37.18 -13.72
C VAL C 183 14.42 36.72 -14.70
N LYS C 184 13.91 37.65 -15.51
CA LYS C 184 12.88 37.30 -16.49
C LYS C 184 13.38 36.23 -17.45
N ALA C 185 14.67 36.28 -17.80
CA ALA C 185 15.24 35.24 -18.66
C ALA C 185 15.34 33.90 -17.92
N SER C 186 15.73 33.94 -16.64
CA SER C 186 15.83 32.70 -15.88
C SER C 186 14.48 32.05 -15.70
N ILE C 187 13.41 32.84 -15.61
CA ILE C 187 12.07 32.27 -15.54
C ILE C 187 11.75 31.49 -16.83
N GLU C 188 12.10 32.07 -17.98
CA GLU C 188 11.88 31.36 -19.24
C GLU C 188 12.70 30.09 -19.30
N VAL C 189 13.92 30.11 -18.74
CA VAL C 189 14.75 28.90 -18.70
C VAL C 189 14.05 27.82 -17.89
N GLN C 190 13.48 28.18 -16.74
CA GLN C 190 12.71 27.24 -15.95
C GLN C 190 11.61 26.59 -16.78
N ASN C 191 10.86 27.40 -17.53
CA ASN C 191 9.76 26.88 -18.33
C ASN C 191 10.26 25.98 -19.45
N ILE C 192 11.40 26.32 -20.05
CA ILE C 192 11.93 25.50 -21.12
C ILE C 192 12.37 24.15 -20.59
N LEU C 193 13.02 24.12 -19.43
CA LEU C 193 13.43 22.86 -18.83
C LEU C 193 12.21 22.02 -18.46
N ALA C 194 11.17 22.65 -17.92
CA ALA C 194 9.96 21.91 -17.54
C ALA C 194 9.32 21.26 -18.76
N ASN C 195 9.37 21.94 -19.91
CA ASN C 195 8.80 21.39 -21.14
C ASN C 195 9.63 20.24 -21.69
N LYS C 196 10.89 20.10 -21.25
CA LYS C 196 11.71 18.95 -21.62
C LYS C 196 11.63 17.82 -20.59
N GLY C 197 10.71 17.93 -19.63
CA GLY C 197 10.52 16.90 -18.63
C GLY C 197 11.31 17.07 -17.36
N TYR C 198 11.94 18.22 -17.15
CA TYR C 198 12.69 18.44 -15.93
C TYR C 198 11.77 18.85 -14.78
N GLN C 199 12.16 18.46 -13.58
CA GLN C 199 11.77 19.14 -12.36
C GLN C 199 12.98 19.92 -11.86
N THR C 200 12.74 21.12 -11.34
CA THR C 200 13.79 21.94 -10.77
C THR C 200 13.48 22.18 -9.29
N HIS C 201 14.48 22.00 -8.44
CA HIS C 201 14.34 22.16 -7.00
C HIS C 201 15.21 23.30 -6.52
N GLY C 202 14.63 24.17 -5.70
CA GLY C 202 15.41 25.17 -5.00
C GLY C 202 15.92 24.64 -3.68
N TRP C 203 15.88 25.46 -2.63
CA TRP C 203 16.37 25.02 -1.33
C TRP C 203 15.63 25.77 -0.23
N ASP C 204 15.65 25.16 0.97
CA ASP C 204 15.11 25.75 2.19
C ASP C 204 16.17 26.50 2.99
N VAL C 205 17.38 25.95 3.04
CA VAL C 205 18.44 26.50 3.88
C VAL C 205 19.76 26.29 3.15
N ASP C 206 20.70 27.21 3.37
CA ASP C 206 21.96 27.27 2.64
C ASP C 206 23.11 27.27 3.63
N TRP C 207 23.90 26.19 3.63
CA TRP C 207 25.09 26.11 4.49
C TRP C 207 26.21 26.84 3.76
N SER C 208 26.32 28.13 4.02
CA SER C 208 27.05 29.03 3.14
C SER C 208 27.46 30.25 3.93
N PRO C 209 28.31 31.11 3.36
CA PRO C 209 28.47 32.46 3.91
C PRO C 209 27.15 33.22 3.87
N GLU C 210 26.98 34.12 4.84
CA GLU C 210 25.76 34.91 4.91
C GLU C 210 25.52 35.67 3.60
N ASN C 211 26.60 36.10 2.94
CA ASN C 211 26.52 36.60 1.58
C ASN C 211 27.80 36.21 0.86
N TRP C 212 27.75 36.20 -0.47
CA TRP C 212 28.88 35.77 -1.27
C TRP C 212 29.89 36.87 -1.54
N GLY C 213 29.85 37.96 -0.76
CA GLY C 213 30.83 39.02 -0.87
C GLY C 213 31.91 38.90 0.18
N ILE C 214 31.74 37.95 1.10
CA ILE C 214 32.72 37.73 2.17
C ILE C 214 34.04 37.26 1.55
N PRO C 215 35.19 37.81 1.96
CA PRO C 215 36.42 37.58 1.17
C PRO C 215 36.87 36.13 1.11
N MET C 216 36.74 35.36 2.19
CA MET C 216 37.12 33.94 2.20
C MET C 216 35.96 33.16 2.81
N PRO C 217 35.02 32.69 1.97
CA PRO C 217 33.75 32.17 2.50
C PRO C 217 33.84 30.83 3.22
N ALA C 218 34.92 30.08 3.04
CA ALA C 218 35.01 28.78 3.69
C ALA C 218 35.29 28.87 5.18
N ASN C 219 35.79 30.02 5.65
CA ASN C 219 36.19 30.13 7.05
C ASN C 219 35.01 30.38 7.97
N SER C 220 33.93 30.99 7.48
CA SER C 220 32.85 31.48 8.34
C SER C 220 31.64 30.55 8.37
N LEU C 221 31.83 29.28 8.04
CA LEU C 221 30.68 28.38 7.91
C LEU C 221 30.06 28.08 9.27
N THR C 222 28.72 28.10 9.31
CA THR C 222 27.97 27.82 10.51
C THR C 222 28.40 26.49 11.13
N GLU C 223 28.49 26.45 12.45
CA GLU C 223 28.82 25.22 13.14
C GLU C 223 27.72 24.18 12.94
N ALA C 224 28.09 22.91 13.10
CA ALA C 224 27.16 21.82 12.85
C ALA C 224 25.90 21.94 13.71
N GLU C 225 26.07 22.20 15.00
CA GLU C 225 24.93 22.24 15.92
C GLU C 225 24.02 23.42 15.62
N ALA C 226 24.59 24.58 15.28
CA ALA C 226 23.76 25.73 14.95
C ALA C 226 23.04 25.55 13.62
N PHE C 227 23.66 24.86 12.66
CA PHE C 227 23.00 24.64 11.38
C PHE C 227 21.82 23.67 11.53
N LEU C 228 21.97 22.66 12.39
CA LEU C 228 20.82 21.81 12.71
C LEU C 228 19.67 22.63 13.26
N GLY C 229 20.00 23.68 14.03
CA GLY C 229 18.97 24.61 14.47
C GLY C 229 18.26 25.29 13.31
N TYR C 230 19.03 25.69 12.29
CA TYR C 230 18.43 26.29 11.10
C TYR C 230 17.51 25.30 10.40
N VAL C 231 17.93 24.04 10.34
CA VAL C 231 17.10 23.00 9.71
C VAL C 231 15.80 22.84 10.48
N ASP C 232 15.89 22.75 11.81
CA ASP C 232 14.69 22.64 12.64
C ASP C 232 13.73 23.81 12.38
N ALA C 233 14.27 25.02 12.28
CA ALA C 233 13.42 26.19 12.07
C ALA C 233 12.79 26.20 10.69
N ALA C 234 13.43 25.55 9.71
CA ALA C 234 12.89 25.51 8.36
C ALA C 234 11.78 24.48 8.20
N LEU C 235 11.70 23.49 9.09
CA LEU C 235 10.70 22.44 9.01
C LEU C 235 9.30 23.02 9.06
N ASN C 236 8.57 22.91 7.94
CA ASN C 236 7.16 23.31 7.85
C ASN C 236 6.96 24.79 8.13
N SER C 237 7.94 25.63 7.78
CA SER C 237 7.84 27.07 8.01
C SER C 237 7.99 27.87 6.72
N CYS C 238 7.83 27.22 5.56
CA CYS C 238 7.95 27.87 4.26
C CYS C 238 9.25 28.68 4.15
N ALA C 239 10.34 28.02 4.52
CA ALA C 239 11.65 28.67 4.50
C ALA C 239 12.05 29.28 3.16
N PRO C 240 11.72 28.70 1.99
CA PRO C 240 12.13 29.34 0.73
C PRO C 240 11.62 30.77 0.56
N THR C 241 10.51 31.13 1.18
CA THR C 241 10.00 32.50 1.06
C THR C 241 10.60 33.43 2.11
N THR C 242 11.06 32.90 3.25
CA THR C 242 11.58 33.72 4.33
C THR C 242 13.10 33.78 4.36
N ILE C 243 13.79 32.89 3.63
CA ILE C 243 15.24 32.83 3.68
C ILE C 243 15.87 34.17 3.28
N ASN C 244 17.00 34.48 3.90
CA ASN C 244 17.84 35.62 3.54
C ASN C 244 19.15 35.13 2.97
N PRO C 245 19.83 35.94 2.12
CA PRO C 245 19.47 37.28 1.65
C PRO C 245 18.38 37.26 0.58
N ILE C 246 18.04 38.44 0.05
CA ILE C 246 16.88 38.58 -0.81
C ILE C 246 17.05 37.81 -2.12
N ASN C 247 18.28 37.69 -2.61
CA ASN C 247 18.50 36.96 -3.85
C ASN C 247 18.35 35.46 -3.68
N SER C 248 18.13 34.98 -2.44
CA SER C 248 17.93 33.57 -2.17
C SER C 248 16.46 33.18 -2.04
N LYS C 249 15.55 34.14 -2.08
CA LYS C 249 14.14 33.85 -1.85
C LYS C 249 13.52 33.19 -3.08
N ALA C 250 12.55 32.30 -2.82
CA ALA C 250 11.77 31.64 -3.85
C ALA C 250 10.37 32.25 -3.82
N HIS C 251 10.17 33.31 -4.58
CA HIS C 251 8.90 34.03 -4.55
C HIS C 251 7.80 33.21 -5.20
N GLY C 252 6.60 33.26 -4.62
CA GLY C 252 5.48 32.49 -5.11
C GLY C 252 5.43 31.06 -4.63
N PHE C 253 6.41 30.63 -3.84
CA PHE C 253 6.43 29.27 -3.32
C PHE C 253 5.13 28.98 -2.57
N PRO C 254 4.41 27.92 -2.93
CA PRO C 254 3.10 27.67 -2.30
C PRO C 254 3.24 27.14 -0.89
N CYS C 255 3.21 28.04 0.09
CA CYS C 255 3.41 27.65 1.48
C CYS C 255 2.34 26.64 1.91
N GLY C 256 2.78 25.58 2.60
CA GLY C 256 1.88 24.54 3.05
C GLY C 256 1.50 23.50 2.03
N THR C 257 2.06 23.57 0.82
CA THR C 257 1.73 22.57 -0.19
C THR C 257 2.14 21.19 0.32
N PRO C 258 1.28 20.17 0.16
CA PRO C 258 1.52 18.89 0.83
C PRO C 258 2.84 18.22 0.46
N LEU C 259 3.31 18.40 -0.78
CA LEU C 259 4.51 17.72 -1.23
C LEU C 259 5.76 18.22 -0.51
N HIS C 260 5.70 19.39 0.13
CA HIS C 260 6.84 19.92 0.88
C HIS C 260 6.73 19.70 2.38
N ALA C 261 5.64 19.09 2.86
CA ALA C 261 5.47 18.90 4.28
C ALA C 261 6.56 18.02 4.86
N ASP C 262 7.10 18.43 6.01
CA ASP C 262 8.08 17.65 6.78
C ASP C 262 9.34 17.37 5.97
N LYS C 263 9.76 18.33 5.14
CA LYS C 263 10.95 18.18 4.33
C LYS C 263 11.77 19.45 4.36
N VAL C 264 13.09 19.31 4.36
CA VAL C 264 14.01 20.44 4.29
C VAL C 264 15.08 20.11 3.25
N VAL C 265 15.18 20.94 2.22
CA VAL C 265 16.22 20.80 1.20
C VAL C 265 17.39 21.70 1.59
N VAL C 266 18.57 21.09 1.74
CA VAL C 266 19.77 21.81 2.16
C VAL C 266 20.66 22.02 0.94
N LEU C 267 21.13 23.25 0.76
CA LEU C 267 22.07 23.60 -0.28
C LEU C 267 23.44 23.88 0.32
N THR C 268 24.48 23.35 -0.31
CA THR C 268 25.85 23.70 0.03
C THR C 268 26.72 23.38 -1.16
N HIS C 269 27.99 23.78 -1.09
CA HIS C 269 28.91 23.67 -2.22
C HIS C 269 30.17 22.94 -1.77
N GLU C 270 30.61 21.96 -2.56
CA GLU C 270 31.81 21.21 -2.22
C GLU C 270 33.04 22.10 -2.15
N PHE C 271 33.07 23.20 -2.91
CA PHE C 271 34.27 24.03 -2.89
C PHE C 271 34.47 24.75 -1.56
N LEU C 272 33.48 24.69 -0.66
CA LEU C 272 33.65 25.20 0.69
C LEU C 272 34.32 24.20 1.62
N TYR C 273 34.56 22.96 1.17
CA TYR C 273 35.13 21.91 1.99
C TYR C 273 36.55 21.56 1.55
N GLU C 274 37.29 22.56 1.10
CA GLU C 274 38.64 22.40 0.58
C GLU C 274 39.54 23.45 1.19
N ASP C 275 40.73 23.02 1.61
CA ASP C 275 41.77 23.94 2.05
C ASP C 275 42.37 24.62 0.83
N GLY C 276 42.15 25.93 0.69
CA GLY C 276 42.68 26.63 -0.46
C GLY C 276 42.35 28.11 -0.54
N LYS C 277 42.02 28.57 -1.74
CA LYS C 277 41.86 29.99 -2.00
C LYS C 277 40.67 30.60 -1.25
N ARG C 278 39.72 29.77 -0.82
CA ARG C 278 38.54 30.27 -0.11
C ARG C 278 38.66 30.14 1.40
N GLY C 279 39.75 29.58 1.89
CA GLY C 279 39.96 29.37 3.31
C GLY C 279 40.31 27.92 3.59
N MET C 280 40.26 27.58 4.88
CA MET C 280 40.60 26.23 5.33
C MET C 280 39.34 25.37 5.43
N GLY C 281 38.71 25.15 4.27
CA GLY C 281 37.43 24.49 4.23
C GLY C 281 37.52 23.00 4.57
N ALA C 282 38.61 22.34 4.16
CA ALA C 282 38.75 20.92 4.45
C ALA C 282 38.95 20.68 5.94
N THR C 283 39.86 21.43 6.57
CA THR C 283 40.13 21.23 7.98
C THR C 283 38.97 21.68 8.86
N GLN C 284 38.30 22.77 8.48
CA GLN C 284 37.25 23.32 9.32
C GLN C 284 35.88 22.70 9.05
N ASN C 285 35.53 22.49 7.78
CA ASN C 285 34.13 22.23 7.43
C ASN C 285 33.82 20.75 7.19
N LEU C 286 34.78 19.94 6.77
CA LEU C 286 34.53 18.51 6.68
C LEU C 286 34.14 17.89 8.02
N PRO C 287 34.79 18.21 9.14
CA PRO C 287 34.26 17.72 10.44
C PRO C 287 32.89 18.27 10.77
N LYS C 288 32.58 19.50 10.34
CA LYS C 288 31.23 20.03 10.52
C LYS C 288 30.21 19.20 9.77
N LEU C 289 30.52 18.83 8.53
CA LEU C 289 29.60 18.00 7.75
C LEU C 289 29.42 16.64 8.40
N ALA C 290 30.51 16.01 8.83
CA ALA C 290 30.43 14.70 9.46
C ALA C 290 29.60 14.76 10.73
N LYS C 291 29.85 15.76 11.58
CA LYS C 291 29.08 15.89 12.82
C LYS C 291 27.60 16.14 12.52
N PHE C 292 27.31 16.95 11.50
CA PHE C 292 25.92 17.27 11.19
C PHE C 292 25.13 16.02 10.81
N LEU C 293 25.74 15.11 10.04
CA LEU C 293 25.07 13.87 9.70
C LEU C 293 24.70 13.08 10.95
N ARG C 294 25.60 13.04 11.93
CA ARG C 294 25.35 12.29 13.15
C ARG C 294 24.25 12.94 13.98
N ILE C 295 24.35 14.25 14.22
CA ILE C 295 23.40 14.90 15.12
C ILE C 295 22.04 15.04 14.45
N ALA C 296 21.99 15.13 13.12
CA ALA C 296 20.70 15.21 12.44
C ALA C 296 19.95 13.89 12.55
N LYS C 297 20.65 12.76 12.35
CA LYS C 297 20.02 11.47 12.54
C LYS C 297 19.62 11.27 14.00
N GLU C 298 20.48 11.70 14.93
CA GLU C 298 20.15 11.61 16.35
C GLU C 298 18.90 12.42 16.67
N ALA C 299 18.72 13.56 16.01
CA ALA C 299 17.55 14.40 16.24
C ALA C 299 16.28 13.86 15.60
N GLY C 300 16.38 12.81 14.79
CA GLY C 300 15.21 12.20 14.19
C GLY C 300 15.00 12.49 12.72
N TYR C 301 16.00 13.02 12.03
CA TYR C 301 15.90 13.23 10.59
C TYR C 301 16.44 12.03 9.84
N VAL C 302 15.82 11.73 8.71
CA VAL C 302 16.34 10.78 7.74
C VAL C 302 16.81 11.56 6.51
N PHE C 303 17.82 11.04 5.85
CA PHE C 303 18.37 11.67 4.65
C PHE C 303 17.88 10.94 3.41
N ASP C 304 17.51 11.72 2.39
CA ASP C 304 17.02 11.17 1.14
C ASP C 304 17.52 12.04 0.00
N THR C 305 17.36 11.54 -1.22
CA THR C 305 17.81 12.25 -2.42
C THR C 305 16.60 12.85 -3.16
N ILE C 306 16.90 13.82 -4.02
CA ILE C 306 15.86 14.66 -4.61
C ILE C 306 14.95 13.85 -5.54
N ASP C 307 15.47 12.79 -6.16
CA ASP C 307 14.62 11.96 -7.01
C ASP C 307 13.44 11.36 -6.26
N ASN C 308 13.55 11.21 -4.95
CA ASN C 308 12.45 10.72 -4.12
C ASN C 308 11.64 11.83 -3.47
N TYR C 309 12.01 13.10 -3.71
CA TYR C 309 11.23 14.22 -3.19
C TYR C 309 9.77 14.11 -3.62
N THR C 310 9.54 13.87 -4.90
CA THR C 310 8.23 13.43 -5.38
C THR C 310 8.26 11.91 -5.41
N PRO C 311 7.51 11.22 -4.55
CA PRO C 311 7.70 9.77 -4.38
C PRO C 311 7.46 9.01 -5.67
N VAL C 312 8.28 7.98 -5.88
CA VAL C 312 8.10 7.11 -7.03
C VAL C 312 6.87 6.23 -6.83
N TRP C 313 6.05 6.12 -7.87
CA TRP C 313 4.90 5.23 -7.84
C TRP C 313 5.36 3.81 -7.55
N GLN C 314 4.58 3.10 -6.72
CA GLN C 314 4.96 1.74 -6.33
C GLN C 314 3.72 0.88 -6.16
N VAL C 315 3.81 -0.34 -6.67
CA VAL C 315 2.75 -1.34 -6.49
C VAL C 315 2.51 -1.55 -5.00
N GLY C 316 1.25 -1.55 -4.59
CA GLY C 316 0.88 -1.79 -3.22
C GLY C 316 0.80 -0.55 -2.35
N ASN C 317 1.32 0.59 -2.82
CA ASN C 317 1.24 1.82 -2.05
C ASN C 317 -0.20 2.36 -2.06
N ALA C 318 -0.54 3.04 -0.98
CA ALA C 318 -1.88 3.60 -0.80
C ALA C 318 -1.83 5.09 -1.13
N TYR C 319 -2.70 5.50 -2.05
CA TYR C 319 -2.72 6.88 -2.54
C TYR C 319 -4.08 7.50 -2.27
N ALA C 320 -4.08 8.64 -1.60
CA ALA C 320 -5.28 9.46 -1.46
C ALA C 320 -5.44 10.33 -2.70
N ALA C 321 -6.68 10.74 -2.95
CA ALA C 321 -6.95 11.69 -4.02
C ALA C 321 -6.13 12.96 -3.81
N GLY C 322 -5.39 13.35 -4.85
CA GLY C 322 -4.52 14.50 -4.78
C GLY C 322 -3.07 14.18 -4.48
N ASP C 323 -2.75 12.94 -4.10
CA ASP C 323 -1.36 12.56 -3.89
C ASP C 323 -0.58 12.63 -5.20
N TYR C 324 0.69 13.02 -5.11
CA TYR C 324 1.56 13.12 -6.26
C TYR C 324 2.59 11.99 -6.25
N VAL C 325 2.90 11.48 -7.44
CA VAL C 325 3.98 10.53 -7.65
C VAL C 325 4.73 10.92 -8.91
N THR C 326 5.87 10.28 -9.12
CA THR C 326 6.49 10.19 -10.44
C THR C 326 6.45 8.74 -10.90
N HIS C 327 6.16 8.55 -12.18
CA HIS C 327 6.20 7.25 -12.82
C HIS C 327 6.96 7.42 -14.13
N SER C 328 8.09 6.72 -14.25
CA SER C 328 8.97 6.85 -15.42
C SER C 328 9.38 8.31 -15.63
N GLY C 329 9.55 9.03 -14.52
CA GLY C 329 10.00 10.41 -14.55
C GLY C 329 8.91 11.45 -14.76
N THR C 330 7.66 11.04 -14.93
CA THR C 330 6.55 11.97 -15.16
C THR C 330 5.73 12.12 -13.89
N VAL C 331 5.33 13.36 -13.60
CA VAL C 331 4.57 13.66 -12.40
C VAL C 331 3.09 13.36 -12.65
N TYR C 332 2.47 12.64 -11.71
CA TYR C 332 1.05 12.32 -11.78
C TYR C 332 0.38 12.66 -10.45
N LYS C 333 -0.90 13.02 -10.53
CA LYS C 333 -1.71 13.29 -9.35
C LYS C 333 -2.88 12.32 -9.31
N ALA C 334 -3.16 11.78 -8.13
CA ALA C 334 -4.20 10.76 -7.99
C ALA C 334 -5.57 11.37 -8.19
N VAL C 335 -6.37 10.73 -9.04
CA VAL C 335 -7.75 11.17 -9.26
C VAL C 335 -8.65 10.69 -8.13
N THR C 336 -8.53 9.43 -7.74
CA THR C 336 -9.31 8.87 -6.65
C THR C 336 -8.40 8.07 -5.73
N ALA C 337 -8.83 7.94 -4.47
CA ALA C 337 -8.08 7.12 -3.52
C ALA C 337 -8.12 5.66 -3.93
N HIS C 338 -6.95 5.02 -3.91
CA HIS C 338 -6.84 3.63 -4.33
C HIS C 338 -5.49 3.08 -3.87
N ILE C 339 -5.38 1.76 -3.87
CA ILE C 339 -4.11 1.07 -3.65
C ILE C 339 -3.59 0.59 -5.00
N ALA C 340 -2.34 0.93 -5.30
CA ALA C 340 -1.80 0.70 -6.63
C ALA C 340 -1.62 -0.80 -6.90
N GLN C 341 -1.99 -1.20 -8.11
CA GLN C 341 -1.78 -2.56 -8.58
C GLN C 341 -0.89 -2.52 -9.81
N GLN C 342 -0.21 -3.65 -10.08
CA GLN C 342 0.85 -3.66 -11.08
C GLN C 342 0.35 -3.26 -12.47
N ASP C 343 -0.90 -3.60 -12.81
CA ASP C 343 -1.46 -3.24 -14.10
C ASP C 343 -2.14 -1.88 -14.11
N TRP C 344 -2.10 -1.15 -12.98
CA TRP C 344 -2.75 0.15 -12.84
C TRP C 344 -1.75 1.31 -12.82
N ALA C 345 -0.69 1.22 -13.60
CA ALA C 345 0.32 2.27 -13.55
C ALA C 345 -0.22 3.59 -14.11
N PRO C 346 0.29 4.72 -13.65
CA PRO C 346 -0.07 5.99 -14.28
C PRO C 346 0.33 6.00 -15.75
N SER C 347 -0.44 6.71 -16.56
CA SER C 347 -0.22 6.76 -17.99
C SER C 347 -1.04 7.90 -18.57
N SER C 348 -0.90 8.13 -19.87
CA SER C 348 -1.64 9.17 -20.57
C SER C 348 -3.11 8.81 -20.77
N THR C 349 -3.53 7.59 -20.42
CA THR C 349 -4.93 7.20 -20.51
C THR C 349 -5.49 6.67 -19.21
N SER C 350 -4.73 6.72 -18.12
CA SER C 350 -5.18 6.16 -16.85
C SER C 350 -6.33 6.99 -16.28
N SER C 351 -7.36 6.29 -15.80
CA SER C 351 -8.47 6.94 -15.10
C SER C 351 -8.15 7.22 -13.65
N LEU C 352 -7.07 6.66 -13.11
CA LEU C 352 -6.68 6.84 -11.72
C LEU C 352 -5.71 7.99 -11.52
N TRP C 353 -5.13 8.52 -12.58
CA TRP C 353 -4.11 9.55 -12.49
C TRP C 353 -4.28 10.56 -13.61
N THR C 354 -3.89 11.80 -13.34
CA THR C 354 -3.69 12.79 -14.38
C THR C 354 -2.24 13.24 -14.39
N ASN C 355 -1.73 13.56 -15.58
CA ASN C 355 -0.40 14.14 -15.70
C ASN C 355 -0.38 15.50 -15.02
N ALA C 356 0.57 15.69 -14.10
CA ALA C 356 0.71 16.94 -13.37
C ALA C 356 2.12 17.50 -13.49
N ASP C 357 2.77 17.25 -14.63
CA ASP C 357 4.08 17.85 -14.91
C ASP C 357 3.98 19.37 -14.81
N PRO C 358 5.03 20.06 -14.36
CA PRO C 358 5.04 21.52 -14.36
C PRO C 358 5.24 22.14 -15.74
N ALA C 359 5.12 21.35 -16.80
CA ALA C 359 5.31 21.84 -18.15
C ALA C 359 4.10 22.65 -18.61
N THR C 360 4.28 23.41 -19.70
CA THR C 360 3.21 24.22 -20.26
C THR C 360 2.84 23.85 -21.69
N ASN C 361 3.58 22.97 -22.34
CA ASN C 361 3.12 22.42 -23.61
C ASN C 361 1.84 21.62 -23.39
N TRP C 362 0.97 21.62 -24.39
CA TRP C 362 -0.24 20.82 -24.29
C TRP C 362 0.12 19.34 -24.18
N THR C 363 -0.50 18.66 -23.22
CA THR C 363 -0.12 17.30 -22.87
C THR C 363 -1.37 16.48 -22.60
N LEU C 364 -1.28 15.18 -22.89
CA LEU C 364 -2.40 14.28 -22.69
C LEU C 364 -2.68 14.05 -21.21
N ASN C 365 -3.96 13.89 -20.88
CA ASN C 365 -4.41 13.49 -19.56
C ASN C 365 -4.03 14.50 -18.48
N VAL C 366 -4.04 15.79 -18.82
CA VAL C 366 -3.79 16.87 -17.86
C VAL C 366 -5.12 17.46 -17.44
N SER C 367 -5.28 17.72 -16.15
CA SER C 367 -6.46 18.40 -15.63
C SER C 367 -6.25 19.90 -15.79
N TYR C 368 -6.75 20.44 -16.90
CA TYR C 368 -6.57 21.86 -17.19
C TYR C 368 -7.67 22.69 -16.52
N GLU C 369 -7.30 23.90 -16.13
CA GLU C 369 -8.22 24.85 -15.54
C GLU C 369 -8.37 26.05 -16.47
N ALA C 370 -9.54 26.70 -16.39
CA ALA C 370 -9.78 27.91 -17.17
C ALA C 370 -8.71 28.94 -16.87
N GLY C 371 -8.09 29.47 -17.93
CA GLY C 371 -7.01 30.42 -17.78
C GLY C 371 -5.63 29.84 -17.98
N ASP C 372 -5.48 28.53 -17.92
CA ASP C 372 -4.21 27.91 -18.27
C ASP C 372 -3.87 28.25 -19.72
N VAL C 373 -2.57 28.37 -19.98
CA VAL C 373 -2.06 28.63 -21.32
C VAL C 373 -1.20 27.44 -21.75
N VAL C 374 -1.49 26.89 -22.92
CA VAL C 374 -0.75 25.76 -23.46
C VAL C 374 -0.13 26.17 -24.78
N THR C 375 0.95 25.48 -25.14
CA THR C 375 1.57 25.62 -26.45
C THR C 375 1.42 24.30 -27.21
N TYR C 376 1.05 24.40 -28.49
CA TYR C 376 0.82 23.23 -29.32
C TYR C 376 1.09 23.62 -30.77
N GLN C 377 2.01 22.90 -31.41
CA GLN C 377 2.37 23.17 -32.81
C GLN C 377 2.85 24.62 -32.98
N GLY C 378 3.58 25.11 -31.99
CA GLY C 378 4.14 26.44 -32.01
C GLY C 378 3.16 27.56 -31.74
N LEU C 379 1.94 27.26 -31.33
CA LEU C 379 0.92 28.27 -31.08
C LEU C 379 0.46 28.20 -29.63
N ARG C 380 0.20 29.35 -29.04
CA ARG C 380 -0.25 29.43 -27.67
C ARG C 380 -1.77 29.51 -27.61
N TYR C 381 -2.37 28.76 -26.69
CA TYR C 381 -3.81 28.66 -26.53
C TYR C 381 -4.20 28.91 -25.08
N LEU C 382 -5.34 29.55 -24.89
CA LEU C 382 -5.91 29.75 -23.57
C LEU C 382 -6.98 28.70 -23.32
N VAL C 383 -6.97 28.10 -22.14
CA VAL C 383 -8.01 27.15 -21.75
C VAL C 383 -9.24 27.94 -21.34
N ASN C 384 -10.36 27.69 -22.02
CA ASN C 384 -11.62 28.35 -21.69
C ASN C 384 -12.40 27.60 -20.61
N VAL C 385 -12.40 26.28 -20.67
CA VAL C 385 -13.25 25.46 -19.83
C VAL C 385 -12.40 24.39 -19.13
N PRO C 386 -12.55 24.17 -17.84
CA PRO C 386 -11.83 23.08 -17.18
C PRO C 386 -12.20 21.74 -17.78
N HIS C 387 -11.19 20.89 -17.98
CA HIS C 387 -11.37 19.59 -18.59
C HIS C 387 -10.07 18.82 -18.44
N VAL C 388 -10.17 17.51 -18.64
CA VAL C 388 -9.00 16.63 -18.72
C VAL C 388 -8.70 16.39 -20.19
N SER C 389 -7.48 16.69 -20.60
CA SER C 389 -7.12 16.59 -22.00
C SER C 389 -7.09 15.14 -22.46
N GLN C 390 -7.44 14.92 -23.73
CA GLN C 390 -7.38 13.61 -24.34
C GLN C 390 -7.00 13.80 -25.80
N ALA C 391 -6.69 12.67 -26.46
CA ALA C 391 -6.07 12.72 -27.79
C ALA C 391 -6.93 13.46 -28.80
N ASP C 392 -8.26 13.31 -28.71
CA ASP C 392 -9.15 13.95 -29.65
C ASP C 392 -9.36 15.43 -29.37
N TRP C 393 -8.90 15.94 -28.23
CA TRP C 393 -9.17 17.30 -27.79
C TRP C 393 -7.94 18.20 -27.90
N THR C 394 -7.23 18.10 -29.02
CA THR C 394 -6.08 18.98 -29.25
C THR C 394 -6.55 20.42 -29.41
N PRO C 395 -5.75 21.39 -28.97
CA PRO C 395 -6.21 22.79 -28.97
C PRO C 395 -6.67 23.30 -30.31
N ASN C 396 -6.08 22.85 -31.42
CA ASN C 396 -6.41 23.38 -32.73
C ASN C 396 -7.72 22.84 -33.29
N THR C 397 -8.36 21.88 -32.61
CA THR C 397 -9.64 21.33 -33.07
C THR C 397 -10.78 21.56 -32.09
N GLN C 398 -10.54 22.25 -30.97
CA GLN C 398 -11.54 22.42 -29.91
C GLN C 398 -11.67 23.91 -29.58
N ASN C 399 -12.42 24.64 -30.40
CA ASN C 399 -12.63 26.06 -30.16
C ASN C 399 -13.41 26.32 -28.88
N THR C 400 -14.18 25.34 -28.40
CA THR C 400 -14.88 25.50 -27.13
C THR C 400 -13.93 25.38 -25.94
N LEU C 401 -13.02 24.41 -26.00
CA LEU C 401 -12.10 24.18 -24.89
C LEU C 401 -10.94 25.18 -24.89
N PHE C 402 -10.47 25.57 -26.08
CA PHE C 402 -9.29 26.41 -26.22
C PHE C 402 -9.58 27.60 -27.13
N THR C 403 -8.87 28.69 -26.89
CA THR C 403 -8.88 29.86 -27.77
C THR C 403 -7.44 30.24 -28.06
N ALA C 404 -7.06 30.25 -29.33
CA ALA C 404 -5.73 30.68 -29.70
C ALA C 404 -5.54 32.15 -29.37
N LEU C 405 -4.33 32.49 -28.90
CA LEU C 405 -4.05 33.85 -28.47
C LEU C 405 -3.89 34.78 -29.66
N THR D 2 -10.01 -2.71 -45.71
CA THR D 2 -9.24 -3.76 -45.05
C THR D 2 -7.75 -3.43 -45.08
N ALA D 3 -6.92 -4.38 -45.50
CA ALA D 3 -5.49 -4.09 -45.48
C ALA D 3 -5.04 -3.54 -46.84
N PRO D 4 -4.08 -2.62 -46.84
CA PRO D 4 -3.50 -2.18 -48.11
C PRO D 4 -2.60 -3.27 -48.68
N LYS D 5 -2.23 -3.10 -49.96
CA LYS D 5 -1.23 -3.98 -50.54
C LYS D 5 0.06 -3.93 -49.73
N GLY D 6 0.41 -2.75 -49.25
CA GLY D 6 1.56 -2.57 -48.39
C GLY D 6 1.60 -1.13 -47.93
N THR D 7 2.54 -0.85 -47.03
CA THR D 7 2.75 0.50 -46.52
C THR D 7 4.15 0.97 -46.89
N ILE D 8 4.22 2.12 -47.56
CA ILE D 8 5.49 2.70 -47.97
C ILE D 8 5.83 3.82 -47.00
N TYR D 9 7.06 3.79 -46.49
CA TYR D 9 7.56 4.86 -45.62
C TYR D 9 8.58 5.65 -46.44
N LEU D 10 8.15 6.78 -46.98
CA LEU D 10 9.01 7.63 -47.79
C LEU D 10 9.85 8.50 -46.86
N THR D 11 11.16 8.33 -46.89
CA THR D 11 12.07 9.04 -46.01
C THR D 11 13.09 9.84 -46.83
N PHE D 12 13.42 11.03 -46.34
CA PHE D 12 14.34 11.95 -46.99
C PHE D 12 15.49 12.26 -46.07
N ASP D 13 16.72 12.15 -46.56
CA ASP D 13 17.92 12.36 -45.76
C ASP D 13 18.63 13.65 -46.19
N ASP D 14 19.33 14.24 -45.22
CA ASP D 14 20.35 15.27 -45.42
C ASP D 14 19.80 16.69 -45.54
N GLY D 15 18.50 16.86 -45.33
CA GLY D 15 17.93 18.17 -45.18
C GLY D 15 18.30 18.75 -43.82
N PRO D 16 17.76 19.92 -43.48
CA PRO D 16 16.87 20.75 -44.30
C PRO D 16 17.64 21.71 -45.20
N ILE D 17 17.30 21.73 -46.49
CA ILE D 17 17.91 22.63 -47.45
C ILE D 17 16.80 23.26 -48.28
N ASN D 18 17.19 24.18 -49.16
CA ASN D 18 16.21 24.91 -49.97
C ASN D 18 15.33 23.96 -50.77
N ALA D 19 15.93 22.90 -51.34
CA ALA D 19 15.17 21.94 -52.13
C ALA D 19 14.15 21.17 -51.31
N SER D 20 14.34 21.09 -49.99
CA SER D 20 13.36 20.43 -49.14
C SER D 20 11.98 21.06 -49.29
N ILE D 21 11.93 22.37 -49.54
CA ILE D 21 10.66 23.07 -49.67
C ILE D 21 9.88 22.57 -50.88
N ASP D 22 10.57 22.42 -52.02
CA ASP D 22 9.91 21.91 -53.21
C ASP D 22 9.46 20.46 -53.04
N VAL D 23 10.30 19.64 -52.38
CA VAL D 23 9.92 18.26 -52.09
C VAL D 23 8.69 18.23 -51.20
N ILE D 24 8.69 19.02 -50.13
CA ILE D 24 7.57 19.05 -49.19
C ILE D 24 6.30 19.52 -49.89
N ASN D 25 6.40 20.54 -50.73
CA ASN D 25 5.24 21.02 -51.47
C ASN D 25 4.65 19.92 -52.35
N VAL D 26 5.51 19.08 -52.94
CA VAL D 26 5.03 17.98 -53.76
C VAL D 26 4.30 16.95 -52.91
N LEU D 27 4.92 16.57 -51.79
CA LEU D 27 4.28 15.61 -50.88
C LEU D 27 2.92 16.11 -50.41
N ASN D 28 2.83 17.40 -50.09
CA ASN D 28 1.56 17.93 -49.58
C ASN D 28 0.48 17.92 -50.64
N GLU D 29 0.83 18.24 -51.89
CA GLU D 29 -0.14 18.18 -52.97
C GLU D 29 -0.70 16.78 -53.16
N GLN D 30 0.09 15.75 -52.83
CA GLN D 30 -0.31 14.36 -53.01
C GLN D 30 -0.89 13.74 -51.75
N GLY D 31 -1.03 14.51 -50.67
CA GLY D 31 -1.56 13.97 -49.44
C GLY D 31 -0.67 12.94 -48.78
N VAL D 32 0.64 13.05 -48.97
CA VAL D 32 1.60 12.09 -48.44
C VAL D 32 2.44 12.80 -47.38
N LYS D 33 2.63 12.16 -46.23
CA LYS D 33 3.55 12.63 -45.21
C LYS D 33 4.84 11.84 -45.30
N GLY D 34 5.97 12.54 -45.24
CA GLY D 34 7.27 11.91 -45.26
C GLY D 34 7.97 12.01 -43.91
N THR D 35 9.07 11.28 -43.80
CA THR D 35 9.95 11.33 -42.64
C THR D 35 11.28 11.94 -43.07
N PHE D 36 11.70 12.98 -42.37
CA PHE D 36 12.88 13.74 -42.77
C PHE D 36 13.97 13.56 -41.73
N TYR D 37 15.08 12.95 -42.15
CA TYR D 37 16.24 12.75 -41.29
C TYR D 37 17.19 13.93 -41.53
N PHE D 38 17.16 14.89 -40.62
CA PHE D 38 17.76 16.21 -40.81
C PHE D 38 19.14 16.30 -40.17
N ASN D 39 20.01 17.11 -40.79
CA ASN D 39 21.29 17.51 -40.24
C ASN D 39 21.24 19.00 -39.96
N ALA D 40 21.37 19.39 -38.69
CA ALA D 40 21.18 20.78 -38.31
C ALA D 40 22.29 21.71 -38.78
N TRP D 41 23.42 21.18 -39.29
CA TRP D 41 24.48 22.07 -39.73
C TRP D 41 24.07 22.90 -40.93
N HIS D 42 23.02 22.49 -41.64
CA HIS D 42 22.45 23.33 -42.69
C HIS D 42 21.78 24.57 -42.09
N LEU D 43 21.24 24.46 -40.87
CA LEU D 43 20.70 25.63 -40.20
C LEU D 43 21.78 26.64 -39.87
N ASP D 44 22.98 26.18 -39.56
CA ASP D 44 24.11 27.07 -39.31
C ASP D 44 24.74 27.58 -40.60
N GLY D 45 24.27 27.12 -41.76
CA GLY D 45 24.77 27.63 -43.02
C GLY D 45 26.14 27.15 -43.41
N ILE D 46 26.60 26.01 -42.87
CA ILE D 46 27.93 25.49 -43.15
C ILE D 46 27.87 24.12 -43.83
N GLY D 47 26.70 23.71 -44.31
CA GLY D 47 26.50 22.41 -44.91
C GLY D 47 26.83 22.31 -46.39
N ASP D 48 27.34 23.39 -47.00
CA ASP D 48 27.78 23.38 -48.40
C ASP D 48 26.64 23.06 -49.37
N GLU D 49 25.42 23.45 -49.03
CA GLU D 49 24.29 23.34 -49.94
C GLU D 49 23.62 24.70 -50.05
N ASN D 50 22.68 24.81 -50.97
CA ASN D 50 21.78 25.97 -51.00
C ASN D 50 20.83 25.82 -49.82
N GLU D 51 21.11 26.56 -48.74
CA GLU D 51 20.42 26.29 -47.48
C GLU D 51 20.05 27.57 -46.73
N ASP D 52 19.97 28.71 -47.42
CA ASP D 52 19.55 29.94 -46.77
C ASP D 52 18.11 29.88 -46.27
N ARG D 53 17.29 28.99 -46.84
CA ARG D 53 15.91 28.79 -46.42
C ARG D 53 15.74 27.53 -45.58
N ALA D 54 16.82 27.07 -44.93
CA ALA D 54 16.77 25.80 -44.20
C ALA D 54 15.78 25.85 -43.04
N LEU D 55 15.75 26.97 -42.31
CA LEU D 55 14.80 27.09 -41.21
C LEU D 55 13.37 27.15 -41.73
N GLU D 56 13.16 27.83 -42.87
CA GLU D 56 11.84 27.82 -43.49
C GLU D 56 11.41 26.40 -43.86
N ALA D 57 12.35 25.59 -44.35
CA ALA D 57 12.02 24.21 -44.70
C ALA D 57 11.67 23.39 -43.46
N LEU D 58 12.40 23.59 -42.37
CA LEU D 58 12.11 22.87 -41.13
C LEU D 58 10.72 23.24 -40.61
N LYS D 59 10.40 24.53 -40.59
CA LYS D 59 9.06 24.95 -40.18
C LYS D 59 7.99 24.35 -41.09
N LEU D 60 8.22 24.40 -42.41
CA LEU D 60 7.24 23.88 -43.34
C LEU D 60 7.00 22.38 -43.12
N ALA D 61 8.07 21.63 -42.90
CA ALA D 61 7.93 20.21 -42.60
C ALA D 61 7.05 19.98 -41.38
N LEU D 62 7.33 20.72 -40.30
CA LEU D 62 6.57 20.53 -39.07
C LEU D 62 5.16 21.08 -39.19
N ASP D 63 4.98 22.20 -39.90
CA ASP D 63 3.67 22.82 -39.96
C ASP D 63 2.69 22.02 -40.82
N THR D 64 3.18 21.24 -41.79
CA THR D 64 2.30 20.48 -42.66
C THR D 64 2.33 18.98 -42.35
N GLY D 65 2.75 18.61 -41.14
CA GLY D 65 2.50 17.27 -40.63
C GLY D 65 3.54 16.23 -40.91
N HIS D 66 4.74 16.61 -41.36
CA HIS D 66 5.78 15.64 -41.64
C HIS D 66 6.61 15.37 -40.38
N VAL D 67 7.21 14.19 -40.35
CA VAL D 67 7.96 13.75 -39.17
C VAL D 67 9.42 14.12 -39.32
N VAL D 68 9.95 14.81 -38.30
CA VAL D 68 11.35 15.23 -38.28
C VAL D 68 12.12 14.25 -37.39
N ALA D 69 13.22 13.72 -37.92
CA ALA D 69 14.04 12.75 -37.20
C ALA D 69 15.50 13.18 -37.22
N ASN D 70 16.33 12.42 -36.51
CA ASN D 70 17.69 12.82 -36.19
C ASN D 70 18.69 12.09 -37.09
N HIS D 71 19.47 12.86 -37.86
CA HIS D 71 20.48 12.32 -38.74
C HIS D 71 21.89 12.74 -38.34
N SER D 72 22.06 13.28 -37.11
CA SER D 72 23.29 13.83 -36.54
C SER D 72 23.53 15.25 -37.03
N TYR D 73 24.36 16.00 -36.32
CA TYR D 73 24.51 17.43 -36.60
C TYR D 73 25.09 17.67 -37.99
N ALA D 74 26.18 16.99 -38.32
CA ALA D 74 26.94 17.34 -39.52
C ALA D 74 27.29 16.12 -40.36
N HIS D 75 26.50 15.04 -40.26
CA HIS D 75 26.64 13.89 -41.15
C HIS D 75 28.03 13.24 -41.05
N MET D 76 28.61 13.27 -39.84
CA MET D 76 29.94 12.71 -39.57
C MET D 76 31.04 13.36 -40.41
N VAL D 77 30.79 14.55 -40.94
CA VAL D 77 31.78 15.22 -41.79
C VAL D 77 33.00 15.66 -40.97
N HIS D 78 32.86 15.78 -39.64
CA HIS D 78 34.03 16.03 -38.81
C HIS D 78 35.06 14.92 -38.95
N ASN D 79 34.62 13.70 -39.29
CA ASN D 79 35.51 12.58 -39.51
C ASN D 79 36.13 12.56 -40.89
N CYS D 80 35.79 13.53 -41.75
CA CYS D 80 36.31 13.59 -43.11
C CYS D 80 37.46 14.58 -43.27
N VAL D 81 37.64 15.47 -42.31
CA VAL D 81 38.65 16.52 -42.38
C VAL D 81 39.54 16.43 -41.14
N ASP D 82 40.67 17.14 -41.20
CA ASP D 82 41.57 17.18 -40.05
C ASP D 82 40.97 18.03 -38.92
N GLU D 83 40.38 19.16 -39.24
CA GLU D 83 39.80 20.07 -38.26
C GLU D 83 38.46 20.54 -38.75
N PHE D 84 37.41 20.24 -37.99
CA PHE D 84 36.05 20.57 -38.41
C PHE D 84 35.79 22.07 -38.23
N GLY D 85 35.28 22.70 -39.29
CA GLY D 85 34.96 24.10 -39.27
C GLY D 85 33.91 24.45 -40.30
N PRO D 86 33.70 25.75 -40.54
CA PRO D 86 32.63 26.16 -41.48
C PRO D 86 32.85 25.70 -42.91
N THR D 87 34.09 25.38 -43.30
CA THR D 87 34.39 24.99 -44.67
C THR D 87 34.57 23.48 -44.83
N SER D 88 34.34 22.70 -43.78
CA SER D 88 34.59 21.27 -43.85
C SER D 88 33.66 20.59 -44.85
N GLY D 89 32.40 21.03 -44.90
CA GLY D 89 31.46 20.43 -45.85
C GLY D 89 31.89 20.63 -47.29
N ALA D 90 32.44 21.80 -47.61
CA ALA D 90 32.93 22.04 -48.96
C ALA D 90 34.17 21.21 -49.25
N GLU D 91 35.09 21.12 -48.27
CA GLU D 91 36.32 20.36 -48.46
C GLU D 91 36.05 18.88 -48.68
N CYS D 92 35.15 18.30 -47.88
CA CYS D 92 34.82 16.90 -48.05
C CYS D 92 34.10 16.65 -49.37
N ASN D 93 33.33 17.64 -49.86
CA ASN D 93 32.71 17.51 -51.17
C ASN D 93 33.74 17.51 -52.29
N ALA D 94 34.86 18.21 -52.09
CA ALA D 94 35.89 18.24 -53.12
C ALA D 94 36.60 16.90 -53.25
N THR D 95 36.84 16.23 -52.13
CA THR D 95 37.48 14.91 -52.15
C THR D 95 36.47 13.78 -52.36
N GLY D 96 35.23 13.98 -51.94
CA GLY D 96 34.25 12.90 -51.98
C GLY D 96 34.59 11.75 -51.06
N ASP D 97 35.33 12.01 -49.98
CA ASP D 97 35.79 10.99 -49.06
C ASP D 97 34.84 10.77 -47.90
N HIS D 98 33.54 11.03 -48.08
CA HIS D 98 32.60 10.96 -46.96
C HIS D 98 32.60 9.58 -46.31
N GLN D 99 32.72 8.52 -47.11
CA GLN D 99 32.64 7.16 -46.58
C GLN D 99 33.94 6.69 -45.92
N ILE D 100 35.04 7.41 -46.08
CA ILE D 100 36.34 6.96 -45.60
C ILE D 100 36.56 7.48 -44.18
N ASN D 101 36.77 6.55 -43.25
CA ASN D 101 36.93 6.87 -41.83
C ASN D 101 35.72 7.65 -41.30
N ALA D 102 34.53 7.34 -41.83
CA ALA D 102 33.34 8.10 -41.51
C ALA D 102 32.99 8.00 -40.03
N TYR D 103 33.30 6.87 -39.40
CA TYR D 103 33.13 6.69 -37.97
C TYR D 103 34.48 6.35 -37.36
N GLN D 104 34.83 7.05 -36.28
CA GLN D 104 36.13 6.85 -35.63
C GLN D 104 35.95 6.67 -34.13
N ASP D 105 35.71 7.77 -33.40
CA ASP D 105 35.36 7.71 -31.99
C ASP D 105 33.85 7.56 -31.86
N PRO D 106 33.33 6.37 -31.53
CA PRO D 106 31.88 6.20 -31.51
C PRO D 106 31.20 7.01 -30.43
N VAL D 107 31.86 7.27 -29.30
CA VAL D 107 31.25 8.08 -28.24
C VAL D 107 31.02 9.50 -28.73
N TYR D 108 32.05 10.08 -29.36
CA TYR D 108 31.88 11.44 -29.89
C TYR D 108 30.89 11.44 -31.06
N ASP D 109 31.00 10.45 -31.95
CA ASP D 109 30.12 10.41 -33.11
C ASP D 109 28.65 10.33 -32.69
N ALA D 110 28.35 9.51 -31.68
CA ALA D 110 26.99 9.43 -31.17
C ALA D 110 26.56 10.75 -30.53
N SER D 111 27.50 11.47 -29.91
CA SER D 111 27.14 12.73 -29.26
C SER D 111 26.72 13.80 -30.27
N THR D 112 27.11 13.67 -31.54
CA THR D 112 26.64 14.64 -32.52
C THR D 112 25.17 14.45 -32.86
N PHE D 113 24.56 13.33 -32.49
CA PHE D 113 23.11 13.22 -32.57
C PHE D 113 22.44 14.05 -31.49
N ALA D 114 23.03 14.08 -30.29
CA ALA D 114 22.51 14.93 -29.22
C ALA D 114 22.75 16.42 -29.53
N ASP D 115 23.91 16.73 -30.13
CA ASP D 115 24.16 18.10 -30.58
C ASP D 115 23.12 18.54 -31.60
N ASN D 116 22.68 17.60 -32.44
CA ASN D 116 21.67 17.91 -33.45
C ASN D 116 20.42 18.51 -32.83
N LEU D 117 19.95 17.90 -31.73
CA LEU D 117 18.73 18.35 -31.08
C LEU D 117 18.90 19.72 -30.43
N VAL D 118 20.07 19.95 -29.81
CA VAL D 118 20.34 21.25 -29.20
C VAL D 118 20.21 22.36 -30.23
N VAL D 119 20.75 22.13 -31.44
CA VAL D 119 20.69 23.15 -32.47
C VAL D 119 19.26 23.34 -32.97
N PHE D 120 18.53 22.24 -33.16
CA PHE D 120 17.12 22.33 -33.54
C PHE D 120 16.34 23.20 -32.57
N GLU D 121 16.49 22.94 -31.27
CA GLU D 121 15.74 23.68 -30.26
C GLU D 121 16.22 25.11 -30.09
N ARG D 122 17.39 25.46 -30.63
CA ARG D 122 17.83 26.85 -30.59
C ARG D 122 17.26 27.65 -31.75
N TYR D 123 17.18 27.05 -32.94
CA TYR D 123 16.64 27.74 -34.10
C TYR D 123 15.11 27.78 -34.10
N LEU D 124 14.47 26.78 -33.49
CA LEU D 124 13.01 26.72 -33.41
C LEU D 124 12.65 26.38 -31.97
N PRO D 125 12.53 27.40 -31.11
CA PRO D 125 12.40 27.13 -29.66
C PRO D 125 11.15 26.36 -29.27
N ASN D 126 10.09 26.39 -30.08
CA ASN D 126 8.86 25.68 -29.76
C ASN D 126 8.77 24.33 -30.47
N ILE D 127 9.90 23.75 -30.87
CA ILE D 127 9.84 22.57 -31.73
C ILE D 127 9.28 21.38 -30.99
N ASN D 128 9.48 21.29 -29.68
CA ASN D 128 8.96 20.13 -28.95
C ASN D 128 7.47 20.27 -28.62
N SER D 129 6.82 21.36 -29.00
CA SER D 129 5.37 21.44 -28.93
C SER D 129 4.70 20.79 -30.13
N TYR D 130 5.47 20.31 -31.11
CA TYR D 130 4.96 19.63 -32.29
C TYR D 130 4.89 18.12 -32.05
N PRO D 131 3.74 17.49 -32.23
CA PRO D 131 3.66 16.03 -32.07
C PRO D 131 4.44 15.26 -33.12
N ASN D 132 4.71 15.85 -34.28
CA ASN D 132 5.45 15.16 -35.33
C ASN D 132 6.96 15.36 -35.24
N TYR D 133 7.44 15.98 -34.17
CA TYR D 133 8.87 16.13 -33.95
C TYR D 133 9.36 14.91 -33.17
N PHE D 134 10.14 14.06 -33.83
CA PHE D 134 10.64 12.82 -33.23
C PHE D 134 12.16 12.79 -33.19
N GLY D 135 12.79 13.97 -33.09
CA GLY D 135 14.25 14.03 -33.10
C GLY D 135 14.90 13.25 -31.98
N GLU D 136 14.21 13.13 -30.84
CA GLU D 136 14.77 12.44 -29.68
C GLU D 136 14.53 10.94 -29.71
N GLU D 137 13.71 10.44 -30.64
CA GLU D 137 13.31 9.04 -30.62
C GLU D 137 13.58 8.28 -31.93
N LEU D 138 13.80 8.99 -33.04
CA LEU D 138 14.02 8.33 -34.33
C LEU D 138 15.31 8.86 -34.94
N ALA D 139 16.18 7.94 -35.34
CA ALA D 139 17.46 8.32 -35.92
C ALA D 139 17.76 7.42 -37.12
N ARG D 140 18.73 7.86 -37.91
CA ARG D 140 19.30 7.05 -38.99
C ARG D 140 20.76 7.42 -39.10
N LEU D 141 21.63 6.41 -39.12
CA LEU D 141 23.06 6.67 -39.16
C LEU D 141 23.48 7.08 -40.57
N PRO D 142 24.26 8.15 -40.72
CA PRO D 142 24.82 8.48 -42.03
C PRO D 142 25.52 7.28 -42.65
N TYR D 143 25.29 7.09 -43.95
CA TYR D 143 25.94 6.12 -44.82
C TYR D 143 25.60 4.67 -44.52
N THR D 144 24.78 4.38 -43.51
CA THR D 144 24.73 3.05 -42.92
C THR D 144 23.30 2.54 -42.86
N ASN D 145 23.05 1.41 -43.54
CA ASN D 145 21.76 0.72 -43.49
C ASN D 145 21.72 -0.15 -42.22
N GLY D 146 21.59 0.53 -41.09
CA GLY D 146 21.58 -0.13 -39.80
C GLY D 146 20.24 0.07 -39.10
N TRP D 147 19.82 -0.94 -38.33
CA TRP D 147 18.51 -0.97 -37.71
C TRP D 147 18.62 -1.27 -36.23
N ARG D 148 17.84 -0.57 -35.42
CA ARG D 148 17.62 -0.88 -34.01
C ARG D 148 16.14 -0.66 -33.75
N ILE D 149 15.34 -1.73 -33.83
CA ILE D 149 13.88 -1.64 -33.77
C ILE D 149 13.35 -2.24 -32.46
N THR D 150 13.64 -3.50 -32.21
CA THR D 150 13.30 -4.14 -30.94
C THR D 150 14.51 -4.89 -30.42
N LYS D 151 14.34 -5.46 -29.23
CA LYS D 151 15.35 -6.35 -28.65
C LYS D 151 15.76 -7.45 -29.61
N ASP D 152 14.83 -7.89 -30.48
CA ASP D 152 15.07 -8.99 -31.40
C ASP D 152 14.98 -8.55 -32.87
N PHE D 153 15.16 -7.26 -33.14
CA PHE D 153 15.06 -6.70 -34.49
C PHE D 153 16.20 -5.68 -34.61
N LYS D 154 17.37 -6.16 -35.04
CA LYS D 154 18.53 -5.31 -35.24
C LYS D 154 19.27 -5.75 -36.50
N ALA D 155 20.03 -4.81 -37.06
CA ALA D 155 20.86 -5.08 -38.23
C ALA D 155 21.94 -4.03 -38.29
N ASP D 156 23.03 -4.36 -38.98
CA ASP D 156 24.15 -3.44 -39.15
C ASP D 156 24.66 -3.53 -40.58
N GLY D 157 25.03 -2.38 -41.13
CA GLY D 157 25.65 -2.34 -42.44
C GLY D 157 27.14 -2.62 -42.33
N LEU D 158 27.55 -3.86 -42.56
CA LEU D 158 28.90 -4.28 -42.30
C LEU D 158 29.89 -3.86 -43.38
N CYS D 159 29.41 -3.32 -44.51
CA CYS D 159 30.27 -2.77 -45.54
C CYS D 159 29.95 -1.30 -45.82
N ALA D 160 29.25 -0.64 -44.90
CA ALA D 160 28.72 0.70 -45.17
C ALA D 160 29.84 1.72 -45.35
N THR D 161 30.86 1.69 -44.50
CA THR D 161 31.94 2.66 -44.55
C THR D 161 33.27 1.92 -44.53
N SER D 162 34.32 2.65 -44.90
CA SER D 162 35.61 2.04 -45.20
C SER D 162 36.74 2.77 -44.48
N ASP D 163 37.86 2.08 -44.36
CA ASP D 163 39.09 2.65 -43.83
C ASP D 163 40.05 3.11 -44.92
N ASP D 164 39.78 2.79 -46.19
CA ASP D 164 40.72 3.10 -47.26
C ASP D 164 40.02 3.48 -48.56
N LEU D 165 39.48 2.51 -49.26
CA LEU D 165 38.92 2.71 -50.60
C LEU D 165 37.41 2.90 -50.53
N LYS D 166 36.90 3.75 -51.42
CA LYS D 166 35.46 3.92 -51.54
C LYS D 166 34.84 2.64 -52.09
N PRO D 167 33.60 2.33 -51.69
CA PRO D 167 32.98 1.07 -52.14
C PRO D 167 32.78 0.99 -53.64
N TRP D 168 32.78 2.12 -54.35
CA TRP D 168 32.65 2.13 -55.80
C TRP D 168 33.98 2.21 -56.52
N GLU D 169 35.09 2.35 -55.79
CA GLU D 169 36.40 2.43 -56.41
C GLU D 169 36.94 1.03 -56.73
N PRO D 170 37.77 0.91 -57.76
CA PRO D 170 38.38 -0.39 -58.06
C PRO D 170 39.34 -0.84 -56.96
N GLY D 171 39.30 -2.13 -56.66
CA GLY D 171 40.12 -2.71 -55.62
C GLY D 171 39.46 -2.77 -54.26
N TYR D 172 38.26 -2.24 -54.11
CA TYR D 172 37.58 -2.27 -52.82
C TYR D 172 37.20 -3.70 -52.45
N VAL D 173 37.49 -4.09 -51.22
CA VAL D 173 37.15 -5.39 -50.68
C VAL D 173 36.49 -5.20 -49.33
N CYS D 174 35.37 -5.87 -49.10
CA CYS D 174 34.73 -5.91 -47.79
C CYS D 174 34.88 -7.31 -47.22
N ASP D 175 35.49 -7.40 -46.04
CA ASP D 175 35.67 -8.65 -45.33
C ASP D 175 34.64 -8.71 -44.21
N LEU D 176 33.62 -9.55 -44.39
CA LEU D 176 32.54 -9.65 -43.42
C LEU D 176 33.00 -10.27 -42.10
N ASP D 177 34.10 -11.01 -42.11
CA ASP D 177 34.66 -11.58 -40.89
C ASP D 177 35.60 -10.63 -40.16
N ASN D 178 36.00 -9.53 -40.80
CA ASN D 178 36.85 -8.52 -40.17
C ASN D 178 36.47 -7.16 -40.73
N PRO D 179 35.30 -6.64 -40.34
CA PRO D 179 34.83 -5.39 -40.94
C PRO D 179 35.78 -4.23 -40.63
N SER D 180 35.64 -3.17 -41.43
CA SER D 180 36.48 -2.00 -41.26
C SER D 180 36.32 -1.40 -39.86
N ASN D 181 37.35 -0.67 -39.44
CA ASN D 181 37.27 0.04 -38.15
C ASN D 181 36.12 1.03 -38.15
N SER D 182 35.87 1.66 -39.30
CA SER D 182 34.75 2.61 -39.40
C SER D 182 33.42 1.92 -39.20
N VAL D 183 33.26 0.71 -39.75
CA VAL D 183 32.02 -0.05 -39.58
C VAL D 183 31.83 -0.42 -38.12
N LYS D 184 32.88 -0.96 -37.49
CA LYS D 184 32.78 -1.38 -36.10
C LYS D 184 32.44 -0.19 -35.21
N ALA D 185 32.96 1.00 -35.52
CA ALA D 185 32.62 2.19 -34.75
C ALA D 185 31.16 2.57 -34.95
N SER D 186 30.64 2.41 -36.18
CA SER D 186 29.25 2.73 -36.44
C SER D 186 28.32 1.77 -35.71
N ILE D 187 28.74 0.53 -35.51
CA ILE D 187 27.94 -0.42 -34.75
C ILE D 187 27.79 0.05 -33.31
N GLU D 188 28.87 0.55 -32.71
CA GLU D 188 28.77 1.05 -31.35
C GLU D 188 27.93 2.32 -31.27
N VAL D 189 27.94 3.13 -32.32
CA VAL D 189 27.06 4.30 -32.36
C VAL D 189 25.61 3.87 -32.29
N GLN D 190 25.24 2.84 -33.06
CA GLN D 190 23.89 2.29 -32.98
C GLN D 190 23.54 1.91 -31.54
N ASN D 191 24.42 1.16 -30.89
CA ASN D 191 24.13 0.68 -29.54
C ASN D 191 24.04 1.83 -28.55
N ILE D 192 24.84 2.89 -28.74
CA ILE D 192 24.76 4.05 -27.87
C ILE D 192 23.42 4.75 -28.04
N LEU D 193 22.99 4.94 -29.29
CA LEU D 193 21.69 5.59 -29.54
C LEU D 193 20.55 4.75 -28.98
N ALA D 194 20.60 3.43 -29.16
CA ALA D 194 19.56 2.55 -28.63
C ALA D 194 19.45 2.68 -27.12
N ASN D 195 20.59 2.84 -26.44
CA ASN D 195 20.57 2.99 -24.98
C ASN D 195 20.02 4.34 -24.55
N LYS D 196 19.95 5.32 -25.45
CA LYS D 196 19.32 6.60 -25.17
C LYS D 196 17.85 6.63 -25.56
N GLY D 197 17.30 5.49 -25.94
CA GLY D 197 15.89 5.37 -26.29
C GLY D 197 15.57 5.50 -27.76
N TYR D 198 16.58 5.61 -28.62
CA TYR D 198 16.33 5.74 -30.05
C TYR D 198 15.97 4.40 -30.67
N GLN D 199 15.09 4.46 -31.66
CA GLN D 199 15.03 3.46 -32.71
C GLN D 199 15.74 4.02 -33.93
N THR D 200 16.47 3.17 -34.65
CA THR D 200 17.10 3.56 -35.91
C THR D 200 16.56 2.69 -37.02
N HIS D 201 16.24 3.31 -38.15
CA HIS D 201 15.68 2.63 -39.30
C HIS D 201 16.60 2.80 -40.50
N GLY D 202 16.89 1.69 -41.18
CA GLY D 202 17.58 1.74 -42.45
C GLY D 202 16.59 1.90 -43.58
N TRP D 203 16.77 1.16 -44.68
CA TRP D 203 15.88 1.30 -45.81
C TRP D 203 15.81 -0.01 -46.60
N ASP D 204 14.71 -0.17 -47.33
CA ASP D 204 14.49 -1.27 -48.26
C ASP D 204 14.94 -0.93 -49.67
N VAL D 205 14.61 0.28 -50.12
CA VAL D 205 14.88 0.74 -51.48
C VAL D 205 15.45 2.14 -51.41
N ASP D 206 16.34 2.46 -52.36
CA ASP D 206 17.04 3.73 -52.39
C ASP D 206 16.82 4.36 -53.76
N TRP D 207 16.12 5.49 -53.79
CA TRP D 207 15.91 6.24 -55.03
C TRP D 207 17.11 7.17 -55.19
N SER D 208 18.16 6.66 -55.81
CA SER D 208 19.46 7.33 -55.82
C SER D 208 20.24 6.80 -57.01
N PRO D 209 21.42 7.38 -57.28
CA PRO D 209 22.34 6.72 -58.23
C PRO D 209 22.71 5.33 -57.74
N GLU D 210 22.98 4.45 -58.69
CA GLU D 210 23.32 3.07 -58.32
C GLU D 210 24.60 3.03 -57.48
N ASN D 211 25.48 4.02 -57.65
CA ASN D 211 26.60 4.23 -56.75
C ASN D 211 26.90 5.71 -56.70
N TRP D 212 27.46 6.16 -55.59
CA TRP D 212 27.72 7.58 -55.37
C TRP D 212 29.02 8.06 -55.99
N GLY D 213 29.51 7.36 -57.02
CA GLY D 213 30.67 7.82 -57.76
C GLY D 213 30.27 8.43 -59.09
N ILE D 214 29.00 8.31 -59.42
CA ILE D 214 28.49 8.89 -60.68
C ILE D 214 28.57 10.41 -60.62
N PRO D 215 29.13 11.07 -61.65
CA PRO D 215 29.47 12.49 -61.49
C PRO D 215 28.28 13.42 -61.27
N MET D 216 27.15 13.20 -61.95
CA MET D 216 25.97 14.04 -61.80
C MET D 216 24.81 13.16 -61.34
N PRO D 217 24.66 12.96 -60.03
CA PRO D 217 23.73 11.92 -59.55
C PRO D 217 22.26 12.23 -59.77
N ALA D 218 21.86 13.49 -59.91
CA ALA D 218 20.45 13.80 -60.04
C ALA D 218 19.88 13.42 -61.40
N ASN D 219 20.73 13.15 -62.39
CA ASN D 219 20.24 12.96 -63.76
C ASN D 219 19.79 11.53 -64.03
N SER D 220 20.35 10.55 -63.34
CA SER D 220 20.12 9.15 -63.68
C SER D 220 19.09 8.46 -62.80
N LEU D 221 18.23 9.22 -62.13
CA LEU D 221 17.29 8.63 -61.19
C LEU D 221 16.26 7.77 -61.92
N THR D 222 15.96 6.62 -61.34
CA THR D 222 15.01 5.67 -61.91
C THR D 222 13.68 6.36 -62.20
N GLU D 223 13.05 5.97 -63.31
CA GLU D 223 11.73 6.48 -63.62
C GLU D 223 10.72 5.97 -62.60
N ALA D 224 9.60 6.70 -62.46
CA ALA D 224 8.64 6.42 -61.41
C ALA D 224 8.09 5.00 -61.54
N GLU D 225 7.72 4.60 -62.76
CA GLU D 225 7.13 3.27 -62.94
C GLU D 225 8.13 2.17 -62.65
N ALA D 226 9.39 2.35 -63.07
CA ALA D 226 10.41 1.36 -62.76
C ALA D 226 10.71 1.32 -61.26
N PHE D 227 10.64 2.47 -60.59
CA PHE D 227 10.90 2.49 -59.16
C PHE D 227 9.78 1.82 -58.39
N LEU D 228 8.53 1.98 -58.84
CA LEU D 228 7.43 1.23 -58.26
C LEU D 228 7.66 -0.27 -58.40
N GLY D 229 8.33 -0.70 -59.47
CA GLY D 229 8.69 -2.10 -59.60
C GLY D 229 9.66 -2.54 -58.53
N TYR D 230 10.64 -1.68 -58.19
CA TYR D 230 11.55 -2.00 -57.09
C TYR D 230 10.79 -2.14 -55.78
N VAL D 231 9.80 -1.27 -55.56
CA VAL D 231 8.99 -1.34 -54.34
C VAL D 231 8.20 -2.64 -54.30
N ASP D 232 7.57 -3.01 -55.42
CA ASP D 232 6.85 -4.28 -55.49
C ASP D 232 7.77 -5.45 -55.18
N ALA D 233 8.99 -5.43 -55.71
CA ALA D 233 9.92 -6.53 -55.49
C ALA D 233 10.43 -6.57 -54.06
N ALA D 234 10.45 -5.43 -53.37
CA ALA D 234 10.94 -5.38 -52.00
C ALA D 234 9.90 -5.82 -50.98
N LEU D 235 8.63 -5.83 -51.36
CA LEU D 235 7.54 -6.15 -50.44
C LEU D 235 7.67 -7.59 -49.94
N ASN D 236 7.89 -7.75 -48.63
CA ASN D 236 7.96 -9.06 -47.98
C ASN D 236 9.06 -9.94 -48.57
N SER D 237 10.15 -9.34 -49.06
CA SER D 237 11.24 -10.09 -49.66
C SER D 237 12.59 -9.75 -49.03
N CYS D 238 12.58 -9.15 -47.84
CA CYS D 238 13.81 -8.82 -47.11
C CYS D 238 14.81 -8.09 -47.98
N ALA D 239 14.35 -7.00 -48.59
CA ALA D 239 15.21 -6.21 -49.46
C ALA D 239 16.47 -5.64 -48.79
N PRO D 240 16.49 -5.31 -47.49
CA PRO D 240 17.74 -4.77 -46.92
C PRO D 240 18.93 -5.72 -47.03
N THR D 241 18.70 -7.03 -47.13
CA THR D 241 19.80 -7.98 -47.28
C THR D 241 20.18 -8.24 -48.73
N THR D 242 19.28 -7.98 -49.68
CA THR D 242 19.54 -8.24 -51.09
C THR D 242 19.90 -6.99 -51.88
N ILE D 243 19.70 -5.80 -51.30
CA ILE D 243 19.92 -4.56 -52.01
C ILE D 243 21.39 -4.44 -52.43
N ASN D 244 21.62 -3.75 -53.55
CA ASN D 244 22.93 -3.40 -54.05
C ASN D 244 23.08 -1.88 -54.12
N PRO D 245 24.30 -1.34 -54.01
CA PRO D 245 25.60 -2.01 -53.87
C PRO D 245 25.86 -2.57 -52.48
N ILE D 246 27.05 -3.13 -52.29
CA ILE D 246 27.35 -3.88 -51.07
C ILE D 246 27.36 -2.97 -49.85
N ASN D 247 27.71 -1.70 -50.02
CA ASN D 247 27.76 -0.78 -48.89
C ASN D 247 26.37 -0.34 -48.44
N SER D 248 25.32 -0.72 -49.17
CA SER D 248 23.95 -0.40 -48.78
C SER D 248 23.25 -1.55 -48.06
N LYS D 249 23.89 -2.70 -47.93
CA LYS D 249 23.24 -3.86 -47.33
C LYS D 249 23.10 -3.70 -45.82
N ALA D 250 22.05 -4.32 -45.28
CA ALA D 250 21.79 -4.35 -43.85
C ALA D 250 21.98 -5.79 -43.39
N HIS D 251 23.21 -6.10 -42.96
CA HIS D 251 23.54 -7.47 -42.59
C HIS D 251 22.92 -7.83 -41.24
N GLY D 252 22.49 -9.08 -41.11
CA GLY D 252 21.85 -9.55 -39.90
C GLY D 252 20.39 -9.21 -39.77
N PHE D 253 19.80 -8.58 -40.78
CA PHE D 253 18.39 -8.21 -40.73
C PHE D 253 17.53 -9.45 -40.50
N PRO D 254 16.62 -9.44 -39.53
CA PRO D 254 15.79 -10.62 -39.29
C PRO D 254 14.65 -10.76 -40.31
N CYS D 255 14.92 -11.42 -41.44
CA CYS D 255 13.92 -11.55 -42.48
C CYS D 255 12.69 -12.27 -41.94
N GLY D 256 11.51 -11.76 -42.30
CA GLY D 256 10.26 -12.32 -41.83
C GLY D 256 9.80 -11.84 -40.48
N THR D 257 10.54 -10.92 -39.85
CA THR D 257 10.12 -10.41 -38.55
C THR D 257 8.79 -9.68 -38.70
N PRO D 258 7.87 -9.82 -37.74
CA PRO D 258 6.49 -9.33 -37.97
C PRO D 258 6.39 -7.84 -38.22
N LEU D 259 7.20 -7.03 -37.52
CA LEU D 259 7.10 -5.58 -37.67
C LEU D 259 7.42 -5.11 -39.09
N HIS D 260 8.15 -5.90 -39.87
CA HIS D 260 8.53 -5.48 -41.21
C HIS D 260 7.60 -6.03 -42.29
N ALA D 261 6.66 -6.89 -41.93
CA ALA D 261 5.76 -7.48 -42.93
C ALA D 261 4.94 -6.39 -43.63
N ASP D 262 4.80 -6.53 -44.94
CA ASP D 262 3.95 -5.67 -45.76
C ASP D 262 4.39 -4.20 -45.70
N LYS D 263 5.69 -3.96 -45.48
CA LYS D 263 6.22 -2.61 -45.38
C LYS D 263 7.45 -2.48 -46.26
N VAL D 264 7.59 -1.31 -46.87
CA VAL D 264 8.79 -0.95 -47.64
C VAL D 264 9.21 0.45 -47.22
N VAL D 265 10.45 0.57 -46.75
CA VAL D 265 11.03 1.86 -46.39
C VAL D 265 11.85 2.35 -47.56
N VAL D 266 11.52 3.53 -48.07
CA VAL D 266 12.20 4.12 -49.23
C VAL D 266 13.10 5.25 -48.75
N LEU D 267 14.34 5.25 -49.23
CA LEU D 267 15.30 6.31 -48.94
C LEU D 267 15.53 7.13 -50.20
N THR D 268 15.60 8.45 -50.03
CA THR D 268 16.09 9.34 -51.06
C THR D 268 16.57 10.62 -50.38
N HIS D 269 17.10 11.55 -51.18
CA HIS D 269 17.69 12.77 -50.67
C HIS D 269 17.10 13.97 -51.39
N GLU D 270 16.76 15.02 -50.63
CA GLU D 270 16.18 16.21 -51.25
C GLU D 270 17.15 16.88 -52.21
N PHE D 271 18.47 16.75 -51.98
CA PHE D 271 19.39 17.43 -52.88
C PHE D 271 19.41 16.82 -54.27
N LEU D 272 18.73 15.69 -54.48
CA LEU D 272 18.57 15.12 -55.81
C LEU D 272 17.39 15.71 -56.56
N TYR D 273 16.61 16.57 -55.93
CA TYR D 273 15.43 17.17 -56.53
C TYR D 273 15.63 18.67 -56.76
N GLU D 274 16.88 19.06 -57.01
CA GLU D 274 17.28 20.44 -57.18
C GLU D 274 18.02 20.59 -58.51
N ASP D 275 17.69 21.64 -59.25
CA ASP D 275 18.46 22.02 -60.42
C ASP D 275 19.73 22.72 -59.94
N GLY D 276 20.87 22.07 -60.15
CA GLY D 276 22.12 22.63 -59.68
C GLY D 276 23.34 21.75 -59.95
N LYS D 277 24.27 21.73 -59.00
CA LYS D 277 25.58 21.11 -59.23
C LYS D 277 25.48 19.60 -59.47
N ARG D 278 24.38 18.96 -59.09
CA ARG D 278 24.25 17.51 -59.27
C ARG D 278 23.42 17.13 -60.48
N GLY D 279 22.80 18.09 -61.18
CA GLY D 279 22.03 17.80 -62.36
C GLY D 279 20.72 18.56 -62.35
N MET D 280 19.81 18.13 -63.24
CA MET D 280 18.49 18.74 -63.35
C MET D 280 17.50 18.05 -62.41
N GLY D 281 17.81 18.11 -61.11
CA GLY D 281 17.02 17.39 -60.14
C GLY D 281 15.59 17.89 -60.05
N ALA D 282 15.41 19.21 -60.00
CA ALA D 282 14.06 19.77 -59.90
C ALA D 282 13.26 19.50 -61.18
N THR D 283 13.89 19.68 -62.34
CA THR D 283 13.17 19.53 -63.60
C THR D 283 12.83 18.07 -63.87
N GLN D 284 13.76 17.16 -63.61
CA GLN D 284 13.56 15.77 -63.98
C GLN D 284 12.94 14.93 -62.87
N ASN D 285 13.30 15.17 -61.62
CA ASN D 285 12.97 14.24 -60.54
C ASN D 285 11.74 14.65 -59.74
N LEU D 286 11.40 15.94 -59.67
CA LEU D 286 10.15 16.32 -59.02
C LEU D 286 8.93 15.72 -59.72
N PRO D 287 8.83 15.70 -61.05
CA PRO D 287 7.70 14.98 -61.67
C PRO D 287 7.78 13.47 -61.45
N LYS D 288 8.98 12.89 -61.38
CA LYS D 288 9.10 11.48 -61.05
C LYS D 288 8.53 11.19 -59.66
N LEU D 289 8.85 12.05 -58.69
CA LEU D 289 8.34 11.89 -57.34
C LEU D 289 6.82 11.97 -57.30
N ALA D 290 6.26 12.97 -57.98
CA ALA D 290 4.81 13.12 -58.00
C ALA D 290 4.12 11.94 -58.68
N LYS D 291 4.69 11.46 -59.80
CA LYS D 291 4.10 10.31 -60.48
C LYS D 291 4.20 9.06 -59.62
N PHE D 292 5.34 8.85 -58.95
CA PHE D 292 5.50 7.66 -58.12
C PHE D 292 4.45 7.62 -57.02
N LEU D 293 4.20 8.75 -56.35
CA LEU D 293 3.16 8.79 -55.33
C LEU D 293 1.80 8.44 -55.90
N ARG D 294 1.49 8.95 -57.09
CA ARG D 294 0.20 8.68 -57.71
C ARG D 294 0.04 7.19 -58.03
N ILE D 295 1.01 6.61 -58.76
CA ILE D 295 0.85 5.24 -59.22
C ILE D 295 1.00 4.25 -58.07
N ALA D 296 1.73 4.61 -57.00
CA ALA D 296 1.81 3.73 -55.85
C ALA D 296 0.46 3.58 -55.16
N LYS D 297 -0.25 4.71 -54.99
CA LYS D 297 -1.61 4.63 -54.45
C LYS D 297 -2.54 3.92 -55.43
N GLU D 298 -2.34 4.12 -56.73
CA GLU D 298 -3.12 3.42 -57.73
C GLU D 298 -2.96 1.90 -57.61
N ALA D 299 -1.77 1.45 -57.23
CA ALA D 299 -1.51 0.02 -57.06
C ALA D 299 -1.97 -0.52 -55.72
N GLY D 300 -2.49 0.33 -54.83
CA GLY D 300 -3.02 -0.12 -53.56
C GLY D 300 -2.14 0.11 -52.35
N TYR D 301 -1.04 0.84 -52.50
CA TYR D 301 -0.18 1.15 -51.37
C TYR D 301 -0.71 2.37 -50.63
N VAL D 302 -0.40 2.43 -49.34
CA VAL D 302 -0.64 3.62 -48.53
C VAL D 302 0.71 4.10 -48.01
N PHE D 303 0.81 5.40 -47.78
CA PHE D 303 2.02 6.01 -47.27
C PHE D 303 1.86 6.37 -45.80
N ASP D 304 2.91 6.12 -45.02
CA ASP D 304 2.91 6.41 -43.60
C ASP D 304 4.30 6.87 -43.18
N THR D 305 4.40 7.35 -41.95
CA THR D 305 5.64 7.89 -41.43
C THR D 305 6.25 6.93 -40.42
N ILE D 306 7.57 7.05 -40.25
CA ILE D 306 8.35 6.04 -39.51
C ILE D 306 7.89 5.93 -38.06
N ASP D 307 7.36 7.01 -37.49
CA ASP D 307 6.88 6.94 -36.10
C ASP D 307 5.76 5.92 -35.93
N ASN D 308 5.08 5.55 -37.03
CA ASN D 308 4.03 4.55 -37.01
C ASN D 308 4.51 3.19 -37.49
N TYR D 309 5.77 3.08 -37.91
CA TYR D 309 6.34 1.79 -38.30
C TYR D 309 6.14 0.76 -37.20
N THR D 310 6.47 1.14 -35.96
CA THR D 310 6.04 0.38 -34.79
C THR D 310 4.75 1.00 -34.29
N PRO D 311 3.61 0.33 -34.42
CA PRO D 311 2.32 1.01 -34.17
C PRO D 311 2.19 1.49 -32.73
N VAL D 312 1.60 2.67 -32.57
CA VAL D 312 1.35 3.21 -31.24
C VAL D 312 0.25 2.40 -30.56
N TRP D 313 0.43 2.14 -29.28
CA TRP D 313 -0.60 1.48 -28.48
C TRP D 313 -1.87 2.33 -28.46
N GLN D 314 -3.02 1.68 -28.65
CA GLN D 314 -4.29 2.37 -28.72
C GLN D 314 -5.34 1.61 -27.92
N VAL D 315 -6.12 2.35 -27.13
CA VAL D 315 -7.25 1.77 -26.44
C VAL D 315 -8.23 1.19 -27.45
N GLY D 316 -8.75 0.00 -27.16
CA GLY D 316 -9.71 -0.66 -28.02
C GLY D 316 -9.12 -1.61 -29.03
N ASN D 317 -7.85 -1.43 -29.40
CA ASN D 317 -7.22 -2.35 -30.34
C ASN D 317 -7.05 -3.73 -29.73
N ALA D 318 -7.22 -4.75 -30.57
CA ALA D 318 -7.02 -6.14 -30.18
C ALA D 318 -5.59 -6.54 -30.51
N TYR D 319 -4.88 -7.09 -29.53
CA TYR D 319 -3.50 -7.47 -29.68
C TYR D 319 -3.35 -8.97 -29.45
N ALA D 320 -2.62 -9.63 -30.34
CA ALA D 320 -2.24 -11.01 -30.15
C ALA D 320 -0.93 -11.07 -29.38
N ALA D 321 -0.71 -12.21 -28.71
CA ALA D 321 0.56 -12.43 -28.04
C ALA D 321 1.70 -12.30 -29.04
N GLY D 322 2.70 -11.50 -28.67
CA GLY D 322 3.84 -11.24 -29.53
C GLY D 322 3.77 -9.96 -30.32
N ASP D 323 2.61 -9.30 -30.39
CA ASP D 323 2.50 -8.05 -31.12
C ASP D 323 3.38 -6.98 -30.48
N TYR D 324 3.94 -6.12 -31.32
CA TYR D 324 4.80 -5.02 -30.86
C TYR D 324 4.07 -3.69 -30.99
N VAL D 325 4.26 -2.83 -30.00
CA VAL D 325 3.77 -1.46 -30.05
C VAL D 325 4.84 -0.56 -29.46
N THR D 326 4.64 0.75 -29.64
CA THR D 326 5.30 1.75 -28.81
C THR D 326 4.25 2.43 -27.94
N HIS D 327 4.63 2.69 -26.68
CA HIS D 327 3.82 3.44 -25.75
C HIS D 327 4.71 4.45 -25.07
N SER D 328 4.41 5.74 -25.26
CA SER D 328 5.24 6.84 -24.74
C SER D 328 6.69 6.69 -25.21
N GLY D 329 6.86 6.20 -26.44
CA GLY D 329 8.16 6.06 -27.05
C GLY D 329 8.91 4.79 -26.73
N THR D 330 8.33 3.89 -25.93
CA THR D 330 8.99 2.66 -25.53
C THR D 330 8.36 1.47 -26.23
N VAL D 331 9.21 0.57 -26.74
CA VAL D 331 8.74 -0.63 -27.43
C VAL D 331 8.28 -1.66 -26.41
N TYR D 332 7.11 -2.25 -26.65
CA TYR D 332 6.58 -3.31 -25.80
C TYR D 332 6.10 -4.47 -26.67
N LYS D 333 6.13 -5.66 -26.09
CA LYS D 333 5.66 -6.88 -26.74
C LYS D 333 4.56 -7.51 -25.90
N ALA D 334 3.43 -7.84 -26.54
CA ALA D 334 2.28 -8.36 -25.81
C ALA D 334 2.57 -9.74 -25.25
N VAL D 335 2.29 -9.92 -23.97
CA VAL D 335 2.49 -11.22 -23.33
C VAL D 335 1.37 -12.18 -23.70
N THR D 336 0.12 -11.73 -23.61
CA THR D 336 -1.03 -12.56 -23.93
C THR D 336 -2.01 -11.76 -24.77
N ALA D 337 -2.86 -12.48 -25.50
CA ALA D 337 -3.87 -11.83 -26.32
C ALA D 337 -4.91 -11.15 -25.45
N HIS D 338 -5.30 -9.93 -25.85
CA HIS D 338 -6.26 -9.14 -25.08
C HIS D 338 -6.70 -7.95 -25.93
N ILE D 339 -7.71 -7.25 -25.43
CA ILE D 339 -8.17 -5.99 -26.01
C ILE D 339 -7.74 -4.87 -25.07
N ALA D 340 -7.07 -3.86 -25.63
CA ALA D 340 -6.49 -2.81 -24.81
C ALA D 340 -7.58 -1.93 -24.19
N GLN D 341 -7.44 -1.67 -22.90
CA GLN D 341 -8.32 -0.77 -22.17
C GLN D 341 -7.49 0.37 -21.60
N GLN D 342 -8.18 1.48 -21.28
CA GLN D 342 -7.47 2.73 -20.96
C GLN D 342 -6.58 2.58 -19.73
N ASP D 343 -7.00 1.79 -18.74
CA ASP D 343 -6.22 1.61 -17.53
C ASP D 343 -5.19 0.49 -17.63
N TRP D 344 -5.08 -0.16 -18.79
CA TRP D 344 -4.17 -1.30 -18.98
C TRP D 344 -3.04 -0.97 -19.93
N ALA D 345 -2.47 0.23 -19.81
CA ALA D 345 -1.39 0.63 -20.70
C ALA D 345 -0.12 -0.18 -20.40
N PRO D 346 0.74 -0.37 -21.40
CA PRO D 346 2.04 -0.99 -21.14
C PRO D 346 2.84 -0.16 -20.15
N SER D 347 3.66 -0.83 -19.36
CA SER D 347 4.46 -0.16 -18.34
C SER D 347 5.56 -1.11 -17.89
N SER D 348 6.38 -0.63 -16.95
CA SER D 348 7.45 -1.43 -16.38
C SER D 348 6.94 -2.47 -15.38
N THR D 349 5.65 -2.45 -15.04
CA THR D 349 5.07 -3.45 -14.16
C THR D 349 3.88 -4.18 -14.77
N SER D 350 3.56 -3.93 -16.04
CA SER D 350 2.39 -4.53 -16.65
C SER D 350 2.58 -6.02 -16.85
N SER D 351 1.54 -6.80 -16.52
CA SER D 351 1.53 -8.23 -16.78
C SER D 351 1.18 -8.55 -18.23
N LEU D 352 0.62 -7.60 -18.96
CA LEU D 352 0.21 -7.81 -20.34
C LEU D 352 1.31 -7.52 -21.35
N TRP D 353 2.38 -6.85 -20.95
CA TRP D 353 3.42 -6.43 -21.87
C TRP D 353 4.79 -6.61 -21.20
N THR D 354 5.80 -6.81 -22.03
CA THR D 354 7.20 -6.69 -21.61
C THR D 354 7.88 -5.63 -22.44
N ASN D 355 8.84 -4.95 -21.82
CA ASN D 355 9.67 -3.99 -22.54
C ASN D 355 10.53 -4.72 -23.56
N ALA D 356 10.51 -4.25 -24.80
CA ALA D 356 11.28 -4.86 -25.89
C ALA D 356 12.09 -3.81 -26.64
N ASP D 357 12.53 -2.76 -25.95
CA ASP D 357 13.42 -1.79 -26.57
C ASP D 357 14.69 -2.47 -27.06
N PRO D 358 15.30 -1.95 -28.13
CA PRO D 358 16.58 -2.50 -28.60
C PRO D 358 17.78 -2.10 -27.73
N ALA D 359 17.56 -1.51 -26.57
CA ALA D 359 18.65 -1.13 -25.70
C ALA D 359 19.28 -2.37 -25.05
N THR D 360 20.52 -2.21 -24.59
CA THR D 360 21.24 -3.28 -23.90
C THR D 360 21.52 -2.96 -22.44
N ASN D 361 21.19 -1.77 -21.97
CA ASN D 361 21.21 -1.51 -20.54
C ASN D 361 20.15 -2.36 -19.85
N TRP D 362 20.45 -2.80 -18.63
CA TRP D 362 19.47 -3.55 -17.87
C TRP D 362 18.23 -2.69 -17.65
N THR D 363 17.06 -3.28 -17.90
CA THR D 363 15.81 -2.53 -17.92
C THR D 363 14.71 -3.38 -17.29
N LEU D 364 13.76 -2.69 -16.66
CA LEU D 364 12.66 -3.37 -15.98
C LEU D 364 11.70 -4.00 -16.98
N ASN D 365 11.14 -5.14 -16.59
CA ASN D 365 10.06 -5.81 -17.31
C ASN D 365 10.50 -6.23 -18.71
N VAL D 366 11.74 -6.70 -18.82
CA VAL D 366 12.27 -7.24 -20.07
C VAL D 366 12.34 -8.76 -19.95
N SER D 367 11.90 -9.45 -21.00
CA SER D 367 11.98 -10.91 -21.06
C SER D 367 13.37 -11.29 -21.53
N TYR D 368 14.26 -11.54 -20.57
CA TYR D 368 15.65 -11.84 -20.89
C TYR D 368 15.82 -13.31 -21.18
N GLU D 369 16.68 -13.61 -22.15
CA GLU D 369 17.04 -14.98 -22.50
C GLU D 369 18.48 -15.25 -22.10
N ALA D 370 18.77 -16.51 -21.80
CA ALA D 370 20.14 -16.92 -21.52
C ALA D 370 21.04 -16.55 -22.68
N GLY D 371 22.17 -15.92 -22.38
CA GLY D 371 23.08 -15.41 -23.37
C GLY D 371 22.99 -13.92 -23.59
N ASP D 372 21.89 -13.29 -23.18
CA ASP D 372 21.81 -11.84 -23.24
C ASP D 372 22.86 -11.22 -22.33
N VAL D 373 23.38 -10.07 -22.76
CA VAL D 373 24.34 -9.30 -21.98
C VAL D 373 23.72 -7.94 -21.70
N VAL D 374 23.68 -7.55 -20.42
CA VAL D 374 23.14 -6.27 -20.00
C VAL D 374 24.24 -5.47 -19.33
N THR D 375 24.04 -4.15 -19.32
CA THR D 375 24.91 -3.22 -18.61
C THR D 375 24.12 -2.59 -17.48
N TYR D 376 24.75 -2.49 -16.31
CA TYR D 376 24.10 -1.95 -15.12
C TYR D 376 25.17 -1.38 -14.21
N GLN D 377 25.03 -0.10 -13.86
CA GLN D 377 26.01 0.60 -13.02
C GLN D 377 27.42 0.48 -13.61
N GLY D 378 27.51 0.62 -14.92
CA GLY D 378 28.78 0.60 -15.61
C GLY D 378 29.42 -0.78 -15.76
N LEU D 379 28.72 -1.84 -15.39
CA LEU D 379 29.26 -3.19 -15.46
C LEU D 379 28.40 -4.05 -16.38
N ARG D 380 29.06 -4.97 -17.08
CA ARG D 380 28.38 -5.89 -17.99
C ARG D 380 28.11 -7.22 -17.29
N TYR D 381 26.92 -7.78 -17.55
CA TYR D 381 26.49 -9.03 -16.94
C TYR D 381 25.91 -9.96 -17.99
N LEU D 382 26.22 -11.25 -17.86
CA LEU D 382 25.64 -12.28 -18.71
C LEU D 382 24.41 -12.85 -18.04
N VAL D 383 23.34 -13.02 -18.82
CA VAL D 383 22.12 -13.66 -18.32
C VAL D 383 22.33 -15.16 -18.33
N ASN D 384 22.28 -15.78 -17.15
CA ASN D 384 22.40 -17.23 -17.04
C ASN D 384 21.06 -17.93 -17.21
N VAL D 385 20.00 -17.37 -16.64
CA VAL D 385 18.69 -18.01 -16.58
C VAL D 385 17.65 -17.11 -17.22
N PRO D 386 16.82 -17.61 -18.13
CA PRO D 386 15.76 -16.77 -18.71
C PRO D 386 14.77 -16.34 -17.63
N HIS D 387 14.38 -15.07 -17.69
CA HIS D 387 13.49 -14.49 -16.69
C HIS D 387 13.02 -13.14 -17.19
N VAL D 388 11.95 -12.65 -16.57
CA VAL D 388 11.47 -11.30 -16.77
C VAL D 388 12.00 -10.43 -15.63
N SER D 389 12.75 -9.40 -15.98
CA SER D 389 13.40 -8.57 -14.98
C SER D 389 12.39 -7.83 -14.11
N GLN D 390 12.76 -7.61 -12.85
CA GLN D 390 11.95 -6.82 -11.93
C GLN D 390 12.88 -6.07 -10.99
N ALA D 391 12.29 -5.16 -10.21
CA ALA D 391 13.08 -4.23 -9.41
C ALA D 391 13.95 -4.96 -8.39
N ASP D 392 13.49 -6.07 -7.85
CA ASP D 392 14.26 -6.83 -6.88
C ASP D 392 15.37 -7.67 -7.52
N TRP D 393 15.33 -7.88 -8.83
CA TRP D 393 16.25 -8.79 -9.51
C TRP D 393 17.32 -8.03 -10.27
N THR D 394 17.91 -7.00 -9.66
CA THR D 394 18.97 -6.25 -10.29
C THR D 394 20.20 -7.14 -10.48
N PRO D 395 20.97 -6.92 -11.54
CA PRO D 395 22.10 -7.82 -11.84
C PRO D 395 23.12 -7.92 -10.72
N ASN D 396 23.39 -6.82 -10.00
CA ASN D 396 24.43 -6.84 -8.99
C ASN D 396 24.03 -7.59 -7.73
N THR D 397 22.77 -8.01 -7.59
CA THR D 397 22.32 -8.74 -6.42
C THR D 397 21.86 -10.16 -6.75
N GLN D 398 21.87 -10.56 -8.02
CA GLN D 398 21.34 -11.86 -8.44
C GLN D 398 22.47 -12.66 -9.11
N ASN D 399 23.25 -13.36 -8.28
CA ASN D 399 24.38 -14.13 -8.80
C ASN D 399 23.95 -15.41 -9.50
N THR D 400 22.68 -15.81 -9.40
CA THR D 400 22.19 -16.95 -10.16
C THR D 400 21.66 -16.52 -11.53
N LEU D 401 20.87 -15.45 -11.57
CA LEU D 401 20.34 -14.96 -12.83
C LEU D 401 21.43 -14.35 -13.70
N PHE D 402 22.42 -13.71 -13.10
CA PHE D 402 23.44 -12.98 -13.84
C PHE D 402 24.82 -13.40 -13.38
N THR D 403 25.79 -13.25 -14.28
CA THR D 403 27.21 -13.38 -13.96
C THR D 403 27.92 -12.12 -14.43
N ALA D 404 28.58 -11.43 -13.49
CA ALA D 404 29.35 -10.25 -13.85
C ALA D 404 30.49 -10.63 -14.78
N LEU D 405 30.68 -9.81 -15.82
CA LEU D 405 31.73 -10.07 -16.79
C LEU D 405 32.99 -9.28 -16.45
#